data_3GW1
# 
_entry.id   3GW1 
# 
_audit_conform.dict_name       mmcif_pdbx.dic 
_audit_conform.dict_version    5.378 
_audit_conform.dict_location   http://mmcif.pdb.org/dictionaries/ascii/mmcif_pdbx.dic 
# 
loop_
_database_2.database_id 
_database_2.database_code 
_database_2.pdbx_database_accession 
_database_2.pdbx_DOI 
PDB   3GW1         pdb_00003gw1 10.2210/pdb3gw1/pdb 
RCSB  RCSB052377   ?            ?                   
WWPDB D_1000052377 ?            ?                   
# 
loop_
_pdbx_database_related.db_name 
_pdbx_database_related.db_id 
_pdbx_database_related.details 
_pdbx_database_related.content_type 
PDB 3DNJ 'same protein in complex with peptide containing Y n-terminal residue'        unspecified 
PDB 3G19 'same protein in complex with peptide containing L n-terminal residue'        unspecified 
PDB 3GQ1 'same protein in complex with peptide containing W n-terminal residue'        unspecified 
PDB 3G1B 'M53A mutant protein in complex with peptide containing W n-terminal residue' unspecified 
PDB 3GQ0 'apo protein no peptide bount'                                                unspecified 
# 
_pdbx_database_status.entry_id                        3GW1 
_pdbx_database_status.deposit_site                    RCSB 
_pdbx_database_status.process_site                    RCSB 
_pdbx_database_status.recvd_initial_deposition_date   2009-03-31 
_pdbx_database_status.status_code                     REL 
_pdbx_database_status.status_code_sf                  REL 
_pdbx_database_status.status_code_mr                  ? 
_pdbx_database_status.SG_entry                        ? 
_pdbx_database_status.pdb_format_compatible           Y 
_pdbx_database_status.status_code_cs                  ? 
_pdbx_database_status.methods_development_category    ? 
_pdbx_database_status.status_code_nmr_data            ? 
# 
loop_
_audit_author.name 
_audit_author.pdbx_ordinal 
'Baker, T.A.'         1 
'Roman-Hernandez, G.' 2 
'Sauer, R.T.'         3 
'Grant, R.A.'         4 
# 
_citation.id                        primary 
_citation.title                     'Molecular basis of substrate selection by the N-end rule adaptor protein ClpS.' 
_citation.journal_abbrev            Proc.Natl.Acad.Sci.USA 
_citation.journal_volume            106 
_citation.page_first                8888 
_citation.page_last                 8893 
_citation.year                      2009 
_citation.journal_id_ASTM           PNASA6 
_citation.country                   US 
_citation.journal_id_ISSN           0027-8424 
_citation.journal_id_CSD            0040 
_citation.book_publisher            ? 
_citation.pdbx_database_id_PubMed   19451643 
_citation.pdbx_database_id_DOI      10.1073/pnas.0903614106 
# 
loop_
_citation_author.citation_id 
_citation_author.name 
_citation_author.ordinal 
_citation_author.identifier_ORCID 
primary 'Roman-Hernandez, G.' 1 ? 
primary 'Grant, R.A.'         2 ? 
primary 'Sauer, R.T.'         3 ? 
primary 'Baker, T.A.'         4 ? 
# 
_cell.entry_id           3GW1 
_cell.length_a           27.599 
_cell.length_b           38.320 
_cell.length_c           62.857 
_cell.angle_alpha        90.00 
_cell.angle_beta         90.10 
_cell.angle_gamma        90.00 
_cell.Z_PDB              4 
_cell.pdbx_unique_axis   ? 
_cell.length_a_esd       ? 
_cell.length_b_esd       ? 
_cell.length_c_esd       ? 
_cell.angle_alpha_esd    ? 
_cell.angle_beta_esd     ? 
_cell.angle_gamma_esd    ? 
# 
_symmetry.entry_id                         3GW1 
_symmetry.space_group_name_H-M             'P 1 21 1' 
_symmetry.pdbx_full_space_group_name_H-M   ? 
_symmetry.cell_setting                     ? 
_symmetry.Int_Tables_number                4 
_symmetry.space_group_name_Hall            ? 
# 
loop_
_entity.id 
_entity.type 
_entity.src_method 
_entity.pdbx_description 
_entity.formula_weight 
_entity.pdbx_number_of_molecules 
_entity.pdbx_ec 
_entity.pdbx_mutation 
_entity.pdbx_fragment 
_entity.details 
1 polymer     man 'ATP-dependent Clp protease adapter protein ClpS' 9944.347 2  ? ? ? ? 
2 polymer     syn 'FGG peptide'                                     279.293  2  ? ? ? ? 
3 non-polymer syn 'MAGNESIUM ION'                                   24.305   1  ? ? ? ? 
4 water       nat water                                             18.015   25 ? ? ? ? 
# 
loop_
_entity_poly.entity_id 
_entity_poly.type 
_entity_poly.nstd_linkage 
_entity_poly.nstd_monomer 
_entity_poly.pdbx_seq_one_letter_code 
_entity_poly.pdbx_seq_one_letter_code_can 
_entity_poly.pdbx_strand_id 
_entity_poly.pdbx_target_identifier 
1 'polypeptide(L)' no no 
;TQKPSLYRVLILNDDYTPMEFVVYVLERFFNKSREDATRIMLHVHQNGVGVCGVYTYEVAETKVAQVIDSARRHQHPLQC
TMEKD
;
;TQKPSLYRVLILNDDYTPMEFVVYVLERFFNKSREDATRIMLHVHQNGVGVCGVYTYEVAETKVAQVIDSARRHQHPLQC
TMEKD
;
A,B ? 
2 'polypeptide(L)' no no FGG                                                                                      FGG C,D ? 
# 
loop_
_entity_poly_seq.entity_id 
_entity_poly_seq.num 
_entity_poly_seq.mon_id 
_entity_poly_seq.hetero 
1 1  THR n 
1 2  GLN n 
1 3  LYS n 
1 4  PRO n 
1 5  SER n 
1 6  LEU n 
1 7  TYR n 
1 8  ARG n 
1 9  VAL n 
1 10 LEU n 
1 11 ILE n 
1 12 LEU n 
1 13 ASN n 
1 14 ASP n 
1 15 ASP n 
1 16 TYR n 
1 17 THR n 
1 18 PRO n 
1 19 MET n 
1 20 GLU n 
1 21 PHE n 
1 22 VAL n 
1 23 VAL n 
1 24 TYR n 
1 25 VAL n 
1 26 LEU n 
1 27 GLU n 
1 28 ARG n 
1 29 PHE n 
1 30 PHE n 
1 31 ASN n 
1 32 LYS n 
1 33 SER n 
1 34 ARG n 
1 35 GLU n 
1 36 ASP n 
1 37 ALA n 
1 38 THR n 
1 39 ARG n 
1 40 ILE n 
1 41 MET n 
1 42 LEU n 
1 43 HIS n 
1 44 VAL n 
1 45 HIS n 
1 46 GLN n 
1 47 ASN n 
1 48 GLY n 
1 49 VAL n 
1 50 GLY n 
1 51 VAL n 
1 52 CYS n 
1 53 GLY n 
1 54 VAL n 
1 55 TYR n 
1 56 THR n 
1 57 TYR n 
1 58 GLU n 
1 59 VAL n 
1 60 ALA n 
1 61 GLU n 
1 62 THR n 
1 63 LYS n 
1 64 VAL n 
1 65 ALA n 
1 66 GLN n 
1 67 VAL n 
1 68 ILE n 
1 69 ASP n 
1 70 SER n 
1 71 ALA n 
1 72 ARG n 
1 73 ARG n 
1 74 HIS n 
1 75 GLN n 
1 76 HIS n 
1 77 PRO n 
1 78 LEU n 
1 79 GLN n 
1 80 CYS n 
1 81 THR n 
1 82 MET n 
1 83 GLU n 
1 84 LYS n 
1 85 ASP n 
2 1  PHE n 
2 2  GLY n 
2 3  GLY n 
# 
_entity_src_gen.entity_id                          1 
_entity_src_gen.pdbx_src_id                        1 
_entity_src_gen.pdbx_alt_source_flag               sample 
_entity_src_gen.pdbx_seq_type                      'Biological sequence' 
_entity_src_gen.pdbx_beg_seq_num                   1 
_entity_src_gen.pdbx_end_seq_num                   85 
_entity_src_gen.gene_src_common_name               ? 
_entity_src_gen.gene_src_genus                     ? 
_entity_src_gen.pdbx_gene_src_gene                 clpS 
_entity_src_gen.gene_src_species                   ? 
_entity_src_gen.gene_src_strain                    CB15 
_entity_src_gen.gene_src_tissue                    ? 
_entity_src_gen.gene_src_tissue_fraction           ? 
_entity_src_gen.gene_src_details                   ? 
_entity_src_gen.pdbx_gene_src_fragment             ? 
_entity_src_gen.pdbx_gene_src_scientific_name      'Caulobacter vibrioides' 
_entity_src_gen.pdbx_gene_src_ncbi_taxonomy_id     155892 
_entity_src_gen.pdbx_gene_src_variant              ? 
_entity_src_gen.pdbx_gene_src_cell_line            ? 
_entity_src_gen.pdbx_gene_src_atcc                 ? 
_entity_src_gen.pdbx_gene_src_organ                ? 
_entity_src_gen.pdbx_gene_src_organelle            ? 
_entity_src_gen.pdbx_gene_src_cell                 ? 
_entity_src_gen.pdbx_gene_src_cellular_location    ? 
_entity_src_gen.host_org_common_name               ? 
_entity_src_gen.pdbx_host_org_scientific_name      'Escherichia coli' 
_entity_src_gen.pdbx_host_org_ncbi_taxonomy_id     562 
_entity_src_gen.host_org_genus                     ? 
_entity_src_gen.pdbx_host_org_gene                 ? 
_entity_src_gen.pdbx_host_org_organ                ? 
_entity_src_gen.host_org_species                   ? 
_entity_src_gen.pdbx_host_org_tissue               ? 
_entity_src_gen.pdbx_host_org_tissue_fraction      ? 
_entity_src_gen.pdbx_host_org_strain               ? 
_entity_src_gen.pdbx_host_org_variant              ? 
_entity_src_gen.pdbx_host_org_cell_line            ? 
_entity_src_gen.pdbx_host_org_atcc                 ? 
_entity_src_gen.pdbx_host_org_culture_collection   ? 
_entity_src_gen.pdbx_host_org_cell                 ? 
_entity_src_gen.pdbx_host_org_organelle            ? 
_entity_src_gen.pdbx_host_org_cellular_location    ? 
_entity_src_gen.pdbx_host_org_vector_type          plasmid 
_entity_src_gen.pdbx_host_org_vector               ? 
_entity_src_gen.host_org_details                   ? 
_entity_src_gen.expression_system_id               ? 
_entity_src_gen.plasmid_name                       pET23b 
_entity_src_gen.plasmid_details                    ? 
_entity_src_gen.pdbx_description                   ? 
# 
_pdbx_entity_src_syn.entity_id              2 
_pdbx_entity_src_syn.pdbx_src_id            1 
_pdbx_entity_src_syn.pdbx_alt_source_flag   sample 
_pdbx_entity_src_syn.pdbx_beg_seq_num       1 
_pdbx_entity_src_syn.pdbx_end_seq_num       3 
_pdbx_entity_src_syn.organism_scientific    ? 
_pdbx_entity_src_syn.organism_common_name   ? 
_pdbx_entity_src_syn.ncbi_taxonomy_id       ? 
_pdbx_entity_src_syn.details                ? 
# 
loop_
_struct_ref.id 
_struct_ref.db_name 
_struct_ref.db_code 
_struct_ref.pdbx_db_accession 
_struct_ref.pdbx_db_isoform 
_struct_ref.entity_id 
_struct_ref.pdbx_seq_one_letter_code 
_struct_ref.pdbx_align_begin 
1 UNP A0A290MK63_CAUVI A0A290MK63 ? 1 
;TQKPSLYRVLILNDDYTPMEFVVYVLERFFNKSREDATRIMLHVHQNGVGVCGVYTYEVAETKVAQVIDSARRHQHPLQC
TMEKD
;
25 
2 PDB 3GW1             3GW1       ? 2 ?                                                                                        1  
# 
loop_
_struct_ref_seq.align_id 
_struct_ref_seq.ref_id 
_struct_ref_seq.pdbx_PDB_id_code 
_struct_ref_seq.pdbx_strand_id 
_struct_ref_seq.seq_align_beg 
_struct_ref_seq.pdbx_seq_align_beg_ins_code 
_struct_ref_seq.seq_align_end 
_struct_ref_seq.pdbx_seq_align_end_ins_code 
_struct_ref_seq.pdbx_db_accession 
_struct_ref_seq.db_align_beg 
_struct_ref_seq.pdbx_db_align_beg_ins_code 
_struct_ref_seq.db_align_end 
_struct_ref_seq.pdbx_db_align_end_ins_code 
_struct_ref_seq.pdbx_auth_seq_align_beg 
_struct_ref_seq.pdbx_auth_seq_align_end 
1 1 3GW1 A 1 ? 85 ? A0A290MK63 25 ? 109 ? 35 119 
2 1 3GW1 B 1 ? 85 ? A0A290MK63 25 ? 109 ? 35 119 
3 2 3GW1 C 1 ? 3  ? 3GW1       1  ? 3   ? 1  3   
4 2 3GW1 D 1 ? 3  ? 3GW1       1  ? 3   ? 1  3   
# 
loop_
_chem_comp.id 
_chem_comp.type 
_chem_comp.mon_nstd_flag 
_chem_comp.name 
_chem_comp.pdbx_synonyms 
_chem_comp.formula 
_chem_comp.formula_weight 
ALA 'L-peptide linking' y ALANINE         ? 'C3 H7 N O2'     89.093  
ARG 'L-peptide linking' y ARGININE        ? 'C6 H15 N4 O2 1' 175.209 
ASN 'L-peptide linking' y ASPARAGINE      ? 'C4 H8 N2 O3'    132.118 
ASP 'L-peptide linking' y 'ASPARTIC ACID' ? 'C4 H7 N O4'     133.103 
CYS 'L-peptide linking' y CYSTEINE        ? 'C3 H7 N O2 S'   121.158 
GLN 'L-peptide linking' y GLUTAMINE       ? 'C5 H10 N2 O3'   146.144 
GLU 'L-peptide linking' y 'GLUTAMIC ACID' ? 'C5 H9 N O4'     147.129 
GLY 'peptide linking'   y GLYCINE         ? 'C2 H5 N O2'     75.067  
HIS 'L-peptide linking' y HISTIDINE       ? 'C6 H10 N3 O2 1' 156.162 
HOH non-polymer         . WATER           ? 'H2 O'           18.015  
ILE 'L-peptide linking' y ISOLEUCINE      ? 'C6 H13 N O2'    131.173 
LEU 'L-peptide linking' y LEUCINE         ? 'C6 H13 N O2'    131.173 
LYS 'L-peptide linking' y LYSINE          ? 'C6 H15 N2 O2 1' 147.195 
MET 'L-peptide linking' y METHIONINE      ? 'C5 H11 N O2 S'  149.211 
MG  non-polymer         . 'MAGNESIUM ION' ? 'Mg 2'           24.305  
PHE 'L-peptide linking' y PHENYLALANINE   ? 'C9 H11 N O2'    165.189 
PRO 'L-peptide linking' y PROLINE         ? 'C5 H9 N O2'     115.130 
SER 'L-peptide linking' y SERINE          ? 'C3 H7 N O3'     105.093 
THR 'L-peptide linking' y THREONINE       ? 'C4 H9 N O3'     119.119 
TYR 'L-peptide linking' y TYROSINE        ? 'C9 H11 N O3'    181.189 
VAL 'L-peptide linking' y VALINE          ? 'C5 H11 N O2'    117.146 
# 
_exptl.entry_id          3GW1 
_exptl.method            'X-RAY DIFFRACTION' 
_exptl.crystals_number   1 
# 
_exptl_crystal.id                    1 
_exptl_crystal.density_meas          ? 
_exptl_crystal.density_Matthews      1.625559 
_exptl_crystal.density_percent_sol   24.333721 
_exptl_crystal.description           ? 
_exptl_crystal.F_000                 ? 
_exptl_crystal.preparation           ? 
# 
_exptl_crystal_grow.crystal_id      1 
_exptl_crystal_grow.method          'VAPOR DIFFUSION' 
_exptl_crystal_grow.temp            300 
_exptl_crystal_grow.temp_details    ? 
_exptl_crystal_grow.pH              5.5 
_exptl_crystal_grow.pdbx_pH_range   ? 
_exptl_crystal_grow.pdbx_details    '0.1 M bis-tris pH 5.5, 0.2 M MgCl2, 25% PEG 3350, vapor diffusion, temperature 300K' 
# 
_diffrn.id                     1 
_diffrn.ambient_temp           100 
_diffrn.ambient_temp_details   ? 
_diffrn.crystal_id             1 
# 
_diffrn_detector.diffrn_id              1 
_diffrn_detector.detector               CCD 
_diffrn_detector.type                   'ADSC QUANTUM 315' 
_diffrn_detector.pdbx_collection_date   2009-02-26 
_diffrn_detector.details                'crystal monochromator' 
# 
_diffrn_radiation.diffrn_id                        1 
_diffrn_radiation.wavelength_id                    1 
_diffrn_radiation.pdbx_monochromatic_or_laue_m_l   M 
_diffrn_radiation.monochromator                    'crystal monochromator' 
_diffrn_radiation.pdbx_diffrn_protocol             'SINGLE WAVELENGTH' 
_diffrn_radiation.pdbx_scattering_type             x-ray 
# 
_diffrn_radiation_wavelength.id           1 
_diffrn_radiation_wavelength.wavelength   0.97918 
_diffrn_radiation_wavelength.wt           1.0 
# 
_diffrn_source.diffrn_id                   1 
_diffrn_source.source                      SYNCHROTRON 
_diffrn_source.type                        'APS BEAMLINE 24-ID-E' 
_diffrn_source.pdbx_synchrotron_site       APS 
_diffrn_source.pdbx_synchrotron_beamline   24-ID-E 
_diffrn_source.pdbx_wavelength             ? 
_diffrn_source.pdbx_wavelength_list        0.97918 
# 
_reflns.entry_id                     3GW1 
_reflns.observed_criterion_sigma_I   ? 
_reflns.observed_criterion_sigma_F   ? 
_reflns.d_resolution_low             100.000 
_reflns.d_resolution_high            2.3600 
_reflns.number_obs                   4895 
_reflns.number_all                   ? 
_reflns.percent_possible_obs         96.100 
_reflns.pdbx_Rmerge_I_obs            0.110 
_reflns.pdbx_Rsym_value              ? 
_reflns.pdbx_netI_over_sigmaI        12.933 
_reflns.B_iso_Wilson_estimate        ? 
_reflns.pdbx_redundancy              2.800 
_reflns.R_free_details               ? 
_reflns.limit_h_max                  ? 
_reflns.limit_h_min                  ? 
_reflns.limit_k_max                  ? 
_reflns.limit_k_min                  ? 
_reflns.limit_l_max                  ? 
_reflns.limit_l_min                  ? 
_reflns.observed_criterion_F_max     ? 
_reflns.observed_criterion_F_min     ? 
_reflns.pdbx_chi_squared             ? 
_reflns.pdbx_scaling_rejects         ? 
_reflns.pdbx_diffrn_id               1 
_reflns.pdbx_ordinal                 1 
# 
loop_
_reflns_shell.d_res_high 
_reflns_shell.d_res_low 
_reflns_shell.percent_possible_all 
_reflns_shell.Rmerge_I_obs 
_reflns_shell.pdbx_Rsym_value 
_reflns_shell.meanI_over_sigI_obs 
_reflns_shell.pdbx_redundancy 
_reflns_shell.percent_possible_obs 
_reflns_shell.number_unique_all 
_reflns_shell.number_measured_all 
_reflns_shell.number_measured_obs 
_reflns_shell.number_unique_obs 
_reflns_shell.pdbx_chi_squared 
_reflns_shell.pdbx_diffrn_id 
_reflns_shell.pdbx_ordinal 
2.36 2.44   96.80 0.318 ? ? 2.60 ? ? ? ? ? ? ? 1  
2.44 2.49   98.50 0.378 ? ? 2.70 ? ? ? ? ? ? ? 2  
2.49 2.53   98.40 0.356 ? ? 2.70 ? ? ? ? ? ? ? 3  
2.53 2.59   97.00 0.303 ? ? 2.80 ? ? ? ? ? ? ? 4  
2.59 2.64   98.10 0.259 ? ? 2.90 ? ? ? ? ? ? ? 5  
2.64 2.70   96.70 0.260 ? ? 2.80 ? ? ? ? ? ? ? 6  
2.70 2.77   98.10 0.238 ? ? 2.80 ? ? ? ? ? ? ? 7  
2.77 2.85   96.10 0.229 ? ? 3.00 ? ? ? ? ? ? ? 8  
2.85 2.93   97.50 0.198 ? ? 2.90 ? ? ? ? ? ? ? 9  
2.93 3.02   98.80 0.148 ? ? 2.80 ? ? ? ? ? ? ? 10 
3.02 3.13   96.00 0.133 ? ? 2.80 ? ? ? ? ? ? ? 11 
3.13 3.26   92.40 0.124 ? ? 2.80 ? ? ? ? ? ? ? 12 
3.26 3.41   95.90 0.105 ? ? 2.80 ? ? ? ? ? ? ? 13 
3.41 3.59   95.10 0.092 ? ? 2.80 ? ? ? ? ? ? ? 14 
3.59 3.81   94.80 0.087 ? ? 2.80 ? ? ? ? ? ? ? 15 
3.81 4.10   93.00 0.081 ? ? 2.80 ? ? ? ? ? ? ? 16 
4.10 4.52   94.40 0.071 ? ? 2.80 ? ? ? ? ? ? ? 17 
4.52 5.17   94.90 0.069 ? ? 2.70 ? ? ? ? ? ? ? 18 
5.17 6.51   94.30 0.064 ? ? 2.70 ? ? ? ? ? ? ? 19 
6.51 100.00 95.30 0.047 ? ? 2.70 ? ? ? ? ? ? ? 20 
# 
_refine.pdbx_refine_id                           'X-RAY DIFFRACTION' 
_refine.entry_id                                 3GW1 
_refine.ls_number_reflns_obs                     4884 
_refine.ls_number_reflns_all                     ? 
_refine.pdbx_ls_sigma_I                          ? 
_refine.pdbx_ls_sigma_F                          1.38 
_refine.pdbx_data_cutoff_high_absF               ? 
_refine.pdbx_data_cutoff_low_absF                ? 
_refine.pdbx_data_cutoff_high_rms_absF           ? 
_refine.ls_d_res_low                             32.719 
_refine.ls_d_res_high                            2.360 
_refine.ls_percent_reflns_obs                    88.21 
_refine.ls_R_factor_obs                          0.2717 
_refine.ls_R_factor_all                          ? 
_refine.ls_R_factor_R_work                       0.2703 
_refine.ls_R_factor_R_free                       0.2974 
_refine.ls_R_factor_R_free_error                 ? 
_refine.ls_R_factor_R_free_error_details         ? 
_refine.ls_percent_reflns_R_free                 4.52 
_refine.ls_number_reflns_R_free                  221 
_refine.ls_number_parameters                     ? 
_refine.ls_number_restraints                     ? 
_refine.occupancy_min                            0.36 
_refine.occupancy_max                            1.05 
_refine.correlation_coeff_Fo_to_Fc               ? 
_refine.correlation_coeff_Fo_to_Fc_free          ? 
_refine.B_iso_mean                               26.657 
_refine.aniso_B[1][1]                            0.000 
_refine.aniso_B[2][2]                            0.000 
_refine.aniso_B[3][3]                            0.000 
_refine.aniso_B[1][2]                            0.000 
_refine.aniso_B[1][3]                            0.000 
_refine.aniso_B[2][3]                            0.000 
_refine.solvent_model_details                    'FLAT BULK SOLVENT MODEL' 
_refine.solvent_model_param_ksol                 0.351 
_refine.solvent_model_param_bsol                 48.603 
_refine.pdbx_solvent_vdw_probe_radii             1.11 
_refine.pdbx_solvent_ion_probe_radii             ? 
_refine.pdbx_solvent_shrinkage_radii             0.90 
_refine.pdbx_ls_cross_valid_method               ? 
_refine.details                                  ? 
_refine.pdbx_starting_model                      3dnj 
_refine.pdbx_method_to_determine_struct          'MOLECULAR REPLACEMENT' 
_refine.pdbx_isotropic_thermal_model             ? 
_refine.pdbx_stereochemistry_target_values       ML 
_refine.pdbx_stereochem_target_val_spec_case     ? 
_refine.pdbx_R_Free_selection_details            ? 
_refine.pdbx_overall_ESU_R                       ? 
_refine.pdbx_overall_ESU_R_Free                  ? 
_refine.overall_SU_ML                            0.45 
_refine.pdbx_overall_phase_error                 36.19 
_refine.overall_SU_B                             ? 
_refine.ls_redundancy_reflns_obs                 ? 
_refine.B_iso_min                                ? 
_refine.B_iso_max                                ? 
_refine.overall_SU_R_Cruickshank_DPI             ? 
_refine.overall_SU_R_free                        ? 
_refine.ls_wR_factor_R_free                      ? 
_refine.ls_wR_factor_R_work                      ? 
_refine.overall_FOM_free_R_set                   ? 
_refine.overall_FOM_work_R_set                   ? 
_refine.pdbx_diffrn_id                           1 
_refine.pdbx_TLS_residual_ADP_flag               ? 
_refine.pdbx_overall_SU_R_free_Cruickshank_DPI   ? 
_refine.pdbx_overall_SU_R_Blow_DPI               ? 
_refine.pdbx_overall_SU_R_free_Blow_DPI          ? 
# 
_refine_hist.pdbx_refine_id                   'X-RAY DIFFRACTION' 
_refine_hist.cycle_id                         LAST 
_refine_hist.pdbx_number_atoms_protein        1379 
_refine_hist.pdbx_number_atoms_nucleic_acid   0 
_refine_hist.pdbx_number_atoms_ligand         1 
_refine_hist.number_atoms_solvent             25 
_refine_hist.number_atoms_total               1405 
_refine_hist.d_res_high                       2.360 
_refine_hist.d_res_low                        32.719 
# 
loop_
_refine_ls_restr.type 
_refine_ls_restr.dev_ideal 
_refine_ls_restr.dev_ideal_target 
_refine_ls_restr.weight 
_refine_ls_restr.number 
_refine_ls_restr.pdbx_refine_id 
_refine_ls_restr.pdbx_restraint_function 
f_bond_d           0.004  ? ? 1408 'X-RAY DIFFRACTION' ? 
f_angle_d          0.670  ? ? 1904 'X-RAY DIFFRACTION' ? 
f_dihedral_angle_d 19.100 ? ? 512  'X-RAY DIFFRACTION' ? 
f_chiral_restr     0.047  ? ? 212  'X-RAY DIFFRACTION' ? 
f_plane_restr      0.003  ? ? 245  'X-RAY DIFFRACTION' ? 
# 
loop_
_refine_ls_restr_ncs.dom_id 
_refine_ls_restr_ncs.pdbx_auth_asym_id 
_refine_ls_restr_ncs.pdbx_number 
_refine_ls_restr_ncs.rms_dev_position 
_refine_ls_restr_ncs.weight_position 
_refine_ls_restr_ncs.pdbx_type 
_refine_ls_restr_ncs.pdbx_ens_id 
_refine_ls_restr_ncs.pdbx_ordinal 
_refine_ls_restr_ncs.pdbx_refine_id 
_refine_ls_restr_ncs.ncs_model_details 
_refine_ls_restr_ncs.rms_dev_B_iso 
_refine_ls_restr_ncs.weight_B_iso 
_refine_ls_restr_ncs.pdbx_asym_id 
_refine_ls_restr_ncs.pdbx_rms 
_refine_ls_restr_ncs.pdbx_weight 
1 A 667 ?     ? POSITIONAL 1 1 'X-RAY DIFFRACTION' ? ? ? ? ? ? 
2 B 667 0.016 ? POSITIONAL 1 2 'X-RAY DIFFRACTION' ? ? ? ? ? ? 
# 
loop_
_refine_ls_shell.pdbx_refine_id 
_refine_ls_shell.pdbx_total_number_of_bins_used 
_refine_ls_shell.d_res_high 
_refine_ls_shell.d_res_low 
_refine_ls_shell.number_reflns_R_work 
_refine_ls_shell.R_factor_R_work 
_refine_ls_shell.percent_reflns_obs 
_refine_ls_shell.R_factor_R_free 
_refine_ls_shell.R_factor_R_free_error 
_refine_ls_shell.percent_reflns_R_free 
_refine_ls_shell.number_reflns_R_free 
_refine_ls_shell.number_reflns_all 
_refine_ls_shell.R_factor_all 
_refine_ls_shell.redundancy_reflns_obs 
_refine_ls_shell.number_reflns_obs 
'X-RAY DIFFRACTION' . 2.3597 2.9727  2128 0.3266 81.00 0.3725 . . 101 . . . . 
'X-RAY DIFFRACTION' . 2.9727 32.7223 2535 0.2453 95.00 0.2640 . . 120 . . . . 
# 
loop_
_struct_ncs_dom.id 
_struct_ncs_dom.details 
_struct_ncs_dom.pdbx_ens_id 
1 ? 1 
2 ? 1 
# 
loop_
_struct_ncs_dom_lim.dom_id 
_struct_ncs_dom_lim.beg_auth_asym_id 
_struct_ncs_dom_lim.beg_auth_seq_id 
_struct_ncs_dom_lim.end_auth_asym_id 
_struct_ncs_dom_lim.end_auth_seq_id 
_struct_ncs_dom_lim.pdbx_component_id 
_struct_ncs_dom_lim.pdbx_refine_code 
_struct_ncs_dom_lim.beg_label_asym_id 
_struct_ncs_dom_lim.beg_label_comp_id 
_struct_ncs_dom_lim.beg_label_seq_id 
_struct_ncs_dom_lim.beg_label_alt_id 
_struct_ncs_dom_lim.end_label_asym_id 
_struct_ncs_dom_lim.end_label_comp_id 
_struct_ncs_dom_lim.end_label_seq_id 
_struct_ncs_dom_lim.end_label_alt_id 
_struct_ncs_dom_lim.pdbx_ens_id 
_struct_ncs_dom_lim.selection_details 
_struct_ncs_dom_lim.beg_auth_comp_id 
_struct_ncs_dom_lim.end_auth_comp_id 
1 ? ? ? ? 1 ? ? ? ? ? ? ? ? ? 1 'chain A and (resseq 38:119 )' ? ? 
2 ? ? ? ? 1 ? ? ? ? ? ? ? ? ? 1 'chain B and (resseq 38:119 )' ? ? 
# 
_struct_ncs_ens.id        1 
_struct_ncs_ens.details   ? 
# 
_struct.entry_id                  3GW1 
_struct.title                     
'The structure of the Caulobacter crescentus CLPs protease adaptor protein in complex with FGG tripeptide' 
_struct.pdbx_model_details        ? 
_struct.pdbx_CASP_flag            ? 
_struct.pdbx_model_type_details   ? 
# 
_struct_keywords.entry_id        3GW1 
_struct_keywords.text            'adaptor, protein-peptide complex, peptide-binding protein, PEPTIDE BINDING PROTEIN' 
_struct_keywords.pdbx_keywords   'PEPTIDE BINDING PROTEIN' 
# 
loop_
_struct_asym.id 
_struct_asym.pdbx_blank_PDB_chainid_flag 
_struct_asym.pdbx_modified 
_struct_asym.entity_id 
_struct_asym.details 
A N N 1 ? 
B N N 1 ? 
C N N 2 ? 
D N N 2 ? 
E N N 3 ? 
F N N 4 ? 
G N N 4 ? 
# 
_struct_biol.id        1 
_struct_biol.details   ? 
# 
loop_
_struct_conf.conf_type_id 
_struct_conf.id 
_struct_conf.pdbx_PDB_helix_id 
_struct_conf.beg_label_comp_id 
_struct_conf.beg_label_asym_id 
_struct_conf.beg_label_seq_id 
_struct_conf.pdbx_beg_PDB_ins_code 
_struct_conf.end_label_comp_id 
_struct_conf.end_label_asym_id 
_struct_conf.end_label_seq_id 
_struct_conf.pdbx_end_PDB_ins_code 
_struct_conf.beg_auth_comp_id 
_struct_conf.beg_auth_asym_id 
_struct_conf.beg_auth_seq_id 
_struct_conf.end_auth_comp_id 
_struct_conf.end_auth_asym_id 
_struct_conf.end_auth_seq_id 
_struct_conf.pdbx_PDB_helix_class 
_struct_conf.details 
_struct_conf.pdbx_PDB_helix_length 
HELX_P HELX_P1 1 PRO A 18 ? PHE A 30 ? PRO A 52 PHE A 64  1 ? 13 
HELX_P HELX_P2 2 SER A 33 ? GLY A 48 ? SER A 67 GLY A 82  1 ? 16 
HELX_P HELX_P3 3 TYR A 57 ? HIS A 74 ? TYR A 91 HIS A 108 1 ? 18 
HELX_P HELX_P4 4 PRO B 18 ? PHE B 30 ? PRO B 52 PHE B 64  1 ? 13 
HELX_P HELX_P5 5 SER B 33 ? GLY B 48 ? SER B 67 GLY B 82  1 ? 16 
HELX_P HELX_P6 6 TYR B 57 ? HIS B 74 ? TYR B 91 HIS B 108 1 ? 18 
# 
_struct_conf_type.id          HELX_P 
_struct_conf_type.criteria    ? 
_struct_conf_type.reference   ? 
# 
_struct_mon_prot_cis.pdbx_id                1 
_struct_mon_prot_cis.label_comp_id          PHE 
_struct_mon_prot_cis.label_seq_id           1 
_struct_mon_prot_cis.label_asym_id          D 
_struct_mon_prot_cis.label_alt_id           . 
_struct_mon_prot_cis.pdbx_PDB_ins_code      ? 
_struct_mon_prot_cis.auth_comp_id           PHE 
_struct_mon_prot_cis.auth_seq_id            1 
_struct_mon_prot_cis.auth_asym_id           D 
_struct_mon_prot_cis.pdbx_label_comp_id_2   GLY 
_struct_mon_prot_cis.pdbx_label_seq_id_2    2 
_struct_mon_prot_cis.pdbx_label_asym_id_2   D 
_struct_mon_prot_cis.pdbx_PDB_ins_code_2    ? 
_struct_mon_prot_cis.pdbx_auth_comp_id_2    GLY 
_struct_mon_prot_cis.pdbx_auth_seq_id_2     2 
_struct_mon_prot_cis.pdbx_auth_asym_id_2    D 
_struct_mon_prot_cis.pdbx_PDB_model_num     1 
_struct_mon_prot_cis.pdbx_omega_angle       0.01 
# 
loop_
_struct_sheet.id 
_struct_sheet.type 
_struct_sheet.number_strands 
_struct_sheet.details 
A ? 3 ? 
B ? 3 ? 
# 
loop_
_struct_sheet_order.sheet_id 
_struct_sheet_order.range_id_1 
_struct_sheet_order.range_id_2 
_struct_sheet_order.offset 
_struct_sheet_order.sense 
A 1 2 ? anti-parallel 
A 2 3 ? anti-parallel 
B 1 2 ? anti-parallel 
B 2 3 ? anti-parallel 
# 
loop_
_struct_sheet_range.sheet_id 
_struct_sheet_range.id 
_struct_sheet_range.beg_label_comp_id 
_struct_sheet_range.beg_label_asym_id 
_struct_sheet_range.beg_label_seq_id 
_struct_sheet_range.pdbx_beg_PDB_ins_code 
_struct_sheet_range.end_label_comp_id 
_struct_sheet_range.end_label_asym_id 
_struct_sheet_range.end_label_seq_id 
_struct_sheet_range.pdbx_end_PDB_ins_code 
_struct_sheet_range.beg_auth_comp_id 
_struct_sheet_range.beg_auth_asym_id 
_struct_sheet_range.beg_auth_seq_id 
_struct_sheet_range.end_auth_comp_id 
_struct_sheet_range.end_auth_asym_id 
_struct_sheet_range.end_auth_seq_id 
A 1 VAL A 49 ? THR A 56 ? VAL A 83  THR A 90  
A 2 LEU A 6  ? LEU A 12 ? LEU A 40  LEU A 46  
A 3 GLN A 79 ? LYS A 84 ? GLN A 113 LYS A 118 
B 1 VAL B 49 ? THR B 56 ? VAL B 83  THR B 90  
B 2 LEU B 6  ? LEU B 12 ? LEU B 40  LEU B 46  
B 3 GLN B 79 ? LYS B 84 ? GLN B 113 LYS B 118 
# 
loop_
_pdbx_struct_sheet_hbond.sheet_id 
_pdbx_struct_sheet_hbond.range_id_1 
_pdbx_struct_sheet_hbond.range_id_2 
_pdbx_struct_sheet_hbond.range_1_label_atom_id 
_pdbx_struct_sheet_hbond.range_1_label_comp_id 
_pdbx_struct_sheet_hbond.range_1_label_asym_id 
_pdbx_struct_sheet_hbond.range_1_label_seq_id 
_pdbx_struct_sheet_hbond.range_1_PDB_ins_code 
_pdbx_struct_sheet_hbond.range_1_auth_atom_id 
_pdbx_struct_sheet_hbond.range_1_auth_comp_id 
_pdbx_struct_sheet_hbond.range_1_auth_asym_id 
_pdbx_struct_sheet_hbond.range_1_auth_seq_id 
_pdbx_struct_sheet_hbond.range_2_label_atom_id 
_pdbx_struct_sheet_hbond.range_2_label_comp_id 
_pdbx_struct_sheet_hbond.range_2_label_asym_id 
_pdbx_struct_sheet_hbond.range_2_label_seq_id 
_pdbx_struct_sheet_hbond.range_2_PDB_ins_code 
_pdbx_struct_sheet_hbond.range_2_auth_atom_id 
_pdbx_struct_sheet_hbond.range_2_auth_comp_id 
_pdbx_struct_sheet_hbond.range_2_auth_asym_id 
_pdbx_struct_sheet_hbond.range_2_auth_seq_id 
A 1 2 O CYS A 52 ? O CYS A 86 N VAL A 9  ? N VAL A 43  
A 2 3 N ARG A 8  ? N ARG A 42 O GLU A 83 ? O GLU A 117 
B 1 2 O CYS B 52 ? O CYS B 86 N VAL B 9  ? N VAL B 43  
B 2 3 N ARG B 8  ? N ARG B 42 O GLU B 83 ? O GLU B 117 
# 
_atom_sites.entry_id                    3GW1 
_atom_sites.fract_transf_matrix[1][1]   -0.00931471 
_atom_sites.fract_transf_matrix[1][2]   0.02486424 
_atom_sites.fract_transf_matrix[1][3]   -0.02465441 
_atom_sites.fract_transf_matrix[2][1]   0.01686461 
_atom_sites.fract_transf_matrix[2][2]   -0.01047572 
_atom_sites.fract_transf_matrix[2][3]   -0.01693651 
_atom_sites.fract_transf_matrix[3][1]   -0.01143800 
_atom_sites.fract_transf_matrix[3][2]   -0.00963111 
_atom_sites.fract_transf_matrix[3][3]   -0.00543233 
_atom_sites.fract_transf_vector[1]      -0.315541 
_atom_sites.fract_transf_vector[2]      0.356739 
_atom_sites.fract_transf_vector[3]      -0.250812 
# 
loop_
_atom_type.symbol 
C  
MG 
N  
O  
S  
# 
loop_
_atom_site.group_PDB 
_atom_site.id 
_atom_site.type_symbol 
_atom_site.label_atom_id 
_atom_site.label_alt_id 
_atom_site.label_comp_id 
_atom_site.label_asym_id 
_atom_site.label_entity_id 
_atom_site.label_seq_id 
_atom_site.pdbx_PDB_ins_code 
_atom_site.Cartn_x 
_atom_site.Cartn_y 
_atom_site.Cartn_z 
_atom_site.occupancy 
_atom_site.B_iso_or_equiv 
_atom_site.pdbx_formal_charge 
_atom_site.auth_seq_id 
_atom_site.auth_comp_id 
_atom_site.auth_asym_id 
_atom_site.auth_atom_id 
_atom_site.pdbx_PDB_model_num 
ATOM   1    N  N   . PRO A 1 4  ? -6.215  -12.469 18.678  1.00 31.50 ? 38  PRO A N   1 
ATOM   2    C  CA  . PRO A 1 4  ? -5.959  -11.024 18.623  1.00 40.97 ? 38  PRO A CA  1 
ATOM   3    C  C   . PRO A 1 4  ? -5.093  -10.655 17.421  1.00 38.12 ? 38  PRO A C   1 
ATOM   4    O  O   . PRO A 1 4  ? -3.903  -10.404 17.592  1.00 34.80 ? 38  PRO A O   1 
ATOM   5    C  CB  . PRO A 1 4  ? -5.176  -10.749 19.921  1.00 30.92 ? 38  PRO A CB  1 
ATOM   6    C  CG  . PRO A 1 4  ? -5.129  -12.070 20.674  1.00 44.15 ? 38  PRO A CG  1 
ATOM   7    C  CD  . PRO A 1 4  ? -5.346  -13.138 19.657  1.00 42.47 ? 38  PRO A CD  1 
ATOM   8    N  N   . SER A 1 5  ? -5.678  -10.629 16.226  1.00 43.19 ? 39  SER A N   1 
ATOM   9    C  CA  . SER A 1 5  ? -4.918  -10.321 15.017  1.00 35.15 ? 39  SER A CA  1 
ATOM   10   C  C   . SER A 1 5  ? -4.622  -8.835  14.950  1.00 26.77 ? 39  SER A C   1 
ATOM   11   O  O   . SER A 1 5  ? -5.334  -8.027  15.545  1.00 30.36 ? 39  SER A O   1 
ATOM   12   C  CB  . SER A 1 5  ? -5.683  -10.751 13.764  1.00 42.07 ? 39  SER A CB  1 
ATOM   13   O  OG  . SER A 1 5  ? -4.962  -10.412 12.591  1.00 38.88 ? 39  SER A OG  1 
ATOM   14   N  N   . LEU A 1 6  ? -3.570  -8.476  14.225  1.00 27.79 ? 40  LEU A N   1 
ATOM   15   C  CA  . LEU A 1 6  ? -3.175  -7.077  14.106  1.00 26.46 ? 40  LEU A CA  1 
ATOM   16   C  C   . LEU A 1 6  ? -3.335  -6.561  12.676  1.00 23.10 ? 40  LEU A C   1 
ATOM   17   O  O   . LEU A 1 6  ? -3.575  -7.328  11.744  1.00 24.54 ? 40  LEU A O   1 
ATOM   18   C  CB  . LEU A 1 6  ? -1.739  -6.870  14.598  1.00 24.30 ? 40  LEU A CB  1 
ATOM   19   C  CG  . LEU A 1 6  ? -1.445  -7.284  16.042  1.00 19.15 ? 40  LEU A CG  1 
ATOM   20   C  CD1 . LEU A 1 6  ? -0.197  -6.595  16.541  1.00 20.16 ? 40  LEU A CD1 1 
ATOM   21   C  CD2 . LEU A 1 6  ? -2.612  -6.938  16.934  1.00 23.53 ? 40  LEU A CD2 1 
ATOM   22   N  N   . TYR A 1 7  ? -3.211  -5.249  12.515  1.00 21.50 ? 41  TYR A N   1 
ATOM   23   C  CA  . TYR A 1 7  ? -3.395  -4.613  11.220  1.00 21.77 ? 41  TYR A CA  1 
ATOM   24   C  C   . TYR A 1 7  ? -2.348  -3.539  10.984  1.00 18.55 ? 41  TYR A C   1 
ATOM   25   O  O   . TYR A 1 7  ? -2.047  -2.741  11.874  1.00 16.36 ? 41  TYR A O   1 
ATOM   26   C  CB  . TYR A 1 7  ? -4.800  -4.021  11.111  1.00 18.62 ? 41  TYR A CB  1 
ATOM   27   C  CG  . TYR A 1 7  ? -5.887  -5.066  10.996  1.00 22.05 ? 41  TYR A CG  1 
ATOM   28   C  CD1 . TYR A 1 7  ? -6.213  -5.879  12.074  1.00 21.16 ? 41  TYR A CD1 1 
ATOM   29   C  CD2 . TYR A 1 7  ? -6.583  -5.245  9.808   1.00 27.70 ? 41  TYR A CD2 1 
ATOM   30   C  CE1 . TYR A 1 7  ? -7.203  -6.843  11.972  1.00 25.76 ? 41  TYR A CE1 1 
ATOM   31   C  CE2 . TYR A 1 7  ? -7.579  -6.207  9.698   1.00 27.14 ? 41  TYR A CE2 1 
ATOM   32   C  CZ  . TYR A 1 7  ? -7.882  -7.004  10.781  1.00 26.77 ? 41  TYR A CZ  1 
ATOM   33   O  OH  . TYR A 1 7  ? -8.868  -7.959  10.675  1.00 31.59 ? 41  TYR A OH  1 
ATOM   34   N  N   . ARG A 1 8  ? -1.794  -3.532  9.776   1.00 18.48 ? 42  ARG A N   1 
ATOM   35   C  CA  . ARG A 1 8  ? -0.788  -2.551  9.392   1.00 19.69 ? 42  ARG A CA  1 
ATOM   36   C  C   . ARG A 1 8  ? -1.434  -1.269  8.884   1.00 19.41 ? 42  ARG A C   1 
ATOM   37   O  O   . ARG A 1 8  ? -2.425  -1.308  8.158   1.00 22.45 ? 42  ARG A O   1 
ATOM   38   C  CB  . ARG A 1 8  ? 0.132   -3.130  8.319   1.00 19.08 ? 42  ARG A CB  1 
ATOM   39   C  CG  . ARG A 1 8  ? 0.730   -4.472  8.689   1.00 20.90 ? 42  ARG A CG  1 
ATOM   40   C  CD  . ARG A 1 8  ? 1.781   -4.888  7.688   1.00 20.07 ? 42  ARG A CD  1 
ATOM   41   N  NE  . ARG A 1 8  ? 2.772   -5.768  8.292   1.00 22.90 ? 42  ARG A NE  1 
ATOM   42   C  CZ  . ARG A 1 8  ? 4.047   -5.795  7.935   1.00 23.20 ? 42  ARG A CZ  1 
ATOM   43   N  NH1 . ARG A 1 8  ? 4.481   -4.983  6.983   1.00 21.83 ? 42  ARG A NH1 1 
ATOM   44   N  NH2 . ARG A 1 8  ? 4.890   -6.624  8.532   1.00 24.95 ? 42  ARG A NH2 1 
ATOM   45   N  N   . VAL A 1 9  ? -0.878  -0.130  9.279   1.00 15.32 ? 43  VAL A N   1 
ATOM   46   C  CA  . VAL A 1 9  ? -1.362  1.146   8.787   1.00 14.15 ? 43  VAL A CA  1 
ATOM   47   C  C   . VAL A 1 9  ? -0.356  1.705   7.788   1.00 16.23 ? 43  VAL A C   1 
ATOM   48   O  O   . VAL A 1 9  ? 0.798   1.961   8.127   1.00 15.00 ? 43  VAL A O   1 
ATOM   49   C  CB  . VAL A 1 9  ? -1.608  2.148   9.935   1.00 17.10 ? 43  VAL A CB  1 
ATOM   50   C  CG1 . VAL A 1 9  ? -2.034  3.498   9.380   1.00 19.23 ? 43  VAL A CG1 1 
ATOM   51   C  CG2 . VAL A 1 9  ? -2.662  1.616   10.892  1.00 14.52 ? 43  VAL A CG2 1 
ATOM   52   N  N   . LEU A 1 10 ? -0.801  1.877   6.550   1.00 17.87 ? 44  LEU A N   1 
ATOM   53   C  CA  . LEU A 1 10 ? 0.074   2.307   5.471   1.00 16.19 ? 44  LEU A CA  1 
ATOM   54   C  C   . LEU A 1 10 ? -0.313  3.690   4.981   1.00 17.11 ? 44  LEU A C   1 
ATOM   55   O  O   . LEU A 1 10 ? -1.454  4.118   5.144   1.00 22.04 ? 44  LEU A O   1 
ATOM   56   C  CB  . LEU A 1 10 ? -0.017  1.324   4.300   1.00 15.35 ? 44  LEU A CB  1 
ATOM   57   C  CG  . LEU A 1 10 ? -0.158  -0.169  4.617   1.00 16.44 ? 44  LEU A CG  1 
ATOM   58   C  CD1 . LEU A 1 10 ? -0.667  -0.926  3.407   1.00 17.68 ? 44  LEU A CD1 1 
ATOM   59   C  CD2 . LEU A 1 10 ? 1.146   -0.765  5.110   1.00 17.73 ? 44  LEU A CD2 1 
ATOM   60   N  N   . ILE A 1 11 ? 0.644   4.390   4.387   1.00 18.21 ? 45  ILE A N   1 
ATOM   61   C  CA  . ILE A 1 11 ? 0.336   5.585   3.606   1.00 22.04 ? 45  ILE A CA  1 
ATOM   62   C  C   . ILE A 1 11 ? 0.844   5.392   2.182   1.00 18.77 ? 45  ILE A C   1 
ATOM   63   O  O   . ILE A 1 11 ? 1.855   4.728   1.957   1.00 18.74 ? 45  ILE A O   1 
ATOM   64   C  CB  . ILE A 1 11 ? 0.958   6.871   4.203   1.00 20.30 ? 45  ILE A CB  1 
ATOM   65   C  CG1 . ILE A 1 11 ? 2.437   6.647   4.529   1.00 22.44 ? 45  ILE A CG1 1 
ATOM   66   C  CG2 . ILE A 1 11 ? 0.186   7.325   5.431   1.00 17.07 ? 45  ILE A CG2 1 
ATOM   67   C  CD1 . ILE A 1 11 ? 3.164   7.906   4.928   1.00 19.11 ? 45  ILE A CD1 1 
ATOM   68   N  N   . LEU A 1 12 ? 0.137   5.967   1.220   1.00 21.59 ? 46  LEU A N   1 
ATOM   69   C  CA  . LEU A 1 12 ? 0.531   5.844   -0.176  1.00 18.48 ? 46  LEU A CA  1 
ATOM   70   C  C   . LEU A 1 12 ? 1.221   7.116   -0.645  1.00 20.38 ? 46  LEU A C   1 
ATOM   71   O  O   . LEU A 1 12 ? 0.900   8.215   -0.178  1.00 19.34 ? 46  LEU A O   1 
ATOM   72   C  CB  . LEU A 1 12 ? -0.692  5.541   -1.043  1.00 21.37 ? 46  LEU A CB  1 
ATOM   73   C  CG  . LEU A 1 12 ? -1.572  4.393   -0.536  1.00 27.84 ? 46  LEU A CG  1 
ATOM   74   C  CD1 . LEU A 1 12 ? -2.903  4.333   -1.275  1.00 26.84 ? 46  LEU A CD1 1 
ATOM   75   C  CD2 . LEU A 1 12 ? -0.832  3.072   -0.650  1.00 27.58 ? 46  LEU A CD2 1 
ATOM   76   N  N   . ASN A 1 13 ? 2.169   6.967   -1.565  1.00 21.11 ? 47  ASN A N   1 
ATOM   77   C  CA  . ASN A 1 13 ? 2.873   8.117   -2.110  1.00 19.15 ? 47  ASN A CA  1 
ATOM   78   C  C   . ASN A 1 13 ? 2.055   8.844   -3.160  1.00 22.36 ? 47  ASN A C   1 
ATOM   79   O  O   . ASN A 1 13 ? 1.448   8.214   -4.028  1.00 23.91 ? 47  ASN A O   1 
ATOM   80   C  CB  . ASN A 1 13 ? 4.198   7.697   -2.734  1.00 19.65 ? 47  ASN A CB  1 
ATOM   81   C  CG  . ASN A 1 13 ? 4.982   8.876   -3.267  1.00 20.02 ? 47  ASN A CG  1 
ATOM   82   O  OD1 . ASN A 1 13 ? 5.328   9.791   -2.519  1.00 20.18 ? 47  ASN A OD1 1 
ATOM   83   N  ND2 . ASN A 1 13 ? 5.258   8.868   -4.566  1.00 17.37 ? 47  ASN A ND2 1 
ATOM   84   N  N   . ASP A 1 14 ? 2.045   10.170  -3.075  1.00 19.51 ? 48  ASP A N   1 
ATOM   85   C  CA  . ASP A 1 14 ? 1.466   10.998  -4.123  1.00 22.28 ? 48  ASP A CA  1 
ATOM   86   C  C   . ASP A 1 14 ? 2.457   12.098  -4.494  1.00 22.00 ? 48  ASP A C   1 
ATOM   87   O  O   . ASP A 1 14 ? 3.480   12.258  -3.837  1.00 23.79 ? 48  ASP A O   1 
ATOM   88   C  CB  . ASP A 1 14 ? 0.127   11.581  -3.685  1.00 20.13 ? 48  ASP A CB  1 
ATOM   89   C  CG  . ASP A 1 14 ? 0.264   12.535  -2.533  1.00 24.33 ? 48  ASP A CG  1 
ATOM   90   O  OD1 . ASP A 1 14 ? 0.631   13.709  -2.768  1.00 27.55 ? 48  ASP A OD1 1 
ATOM   91   O  OD2 . ASP A 1 14 ? -0.007  12.111  -1.393  1.00 26.46 ? 48  ASP A OD2 1 
ATOM   92   N  N   . ASP A 1 15 ? 2.160   12.851  -5.545  1.00 21.23 ? 49  ASP A N   1 
ATOM   93   C  CA  . ASP A 1 15 ? 3.130   13.799  -6.084  1.00 24.98 ? 49  ASP A CA  1 
ATOM   94   C  C   . ASP A 1 15 ? 2.933   15.240  -5.617  1.00 23.67 ? 49  ASP A C   1 
ATOM   95   O  O   . ASP A 1 15 ? 3.698   16.127  -5.989  1.00 26.19 ? 49  ASP A O   1 
ATOM   96   C  CB  . ASP A 1 15 ? 3.097   13.751  -7.613  1.00 29.07 ? 49  ASP A CB  1 
ATOM   97   C  CG  . ASP A 1 15 ? 3.681   12.467  -8.169  1.00 37.58 ? 49  ASP A CG  1 
ATOM   98   O  OD1 . ASP A 1 15 ? 4.866   12.184  -7.888  1.00 34.11 ? 49  ASP A OD1 1 
ATOM   99   O  OD2 . ASP A 1 15 ? 2.962   11.748  -8.894  1.00 44.31 ? 49  ASP A OD2 1 
ATOM   100  N  N   . TYR A 1 16 ? 1.917   15.479  -4.799  1.00 23.45 ? 50  TYR A N   1 
ATOM   101  C  CA  . TYR A 1 16 ? 1.542   16.851  -4.483  1.00 23.23 ? 50  TYR A CA  1 
ATOM   102  C  C   . TYR A 1 16 ? 1.657   17.206  -3.002  1.00 24.40 ? 50  TYR A C   1 
ATOM   103  O  O   . TYR A 1 16 ? 1.931   18.355  -2.660  1.00 29.12 ? 50  TYR A O   1 
ATOM   104  C  CB  . TYR A 1 16 ? 0.138   17.133  -5.014  1.00 23.53 ? 50  TYR A CB  1 
ATOM   105  C  CG  . TYR A 1 16 ? -0.015  16.724  -6.464  1.00 26.56 ? 50  TYR A CG  1 
ATOM   106  C  CD1 . TYR A 1 16 ? 0.261   17.616  -7.493  1.00 19.68 ? 50  TYR A CD1 1 
ATOM   107  C  CD2 . TYR A 1 16 ? -0.414  15.435  -6.803  1.00 26.21 ? 50  TYR A CD2 1 
ATOM   108  C  CE1 . TYR A 1 16 ? 0.126   17.238  -8.817  1.00 25.12 ? 50  TYR A CE1 1 
ATOM   109  C  CE2 . TYR A 1 16 ? -0.552  15.052  -8.123  1.00 21.44 ? 50  TYR A CE2 1 
ATOM   110  C  CZ  . TYR A 1 16 ? -0.280  15.953  -9.125  1.00 25.01 ? 50  TYR A CZ  1 
ATOM   111  O  OH  . TYR A 1 16 ? -0.414  15.569  -10.441 1.00 29.08 ? 50  TYR A OH  1 
ATOM   112  N  N   . THR A 1 17 ? 1.463   16.221  -2.130  1.00 21.14 ? 51  THR A N   1 
ATOM   113  C  CA  . THR A 1 17 ? 1.601   16.435  -0.693  1.00 20.98 ? 51  THR A CA  1 
ATOM   114  C  C   . THR A 1 17 ? 3.030   16.839  -0.302  1.00 21.71 ? 51  THR A C   1 
ATOM   115  O  O   . THR A 1 17 ? 3.994   16.168  -0.672  1.00 18.01 ? 51  THR A O   1 
ATOM   116  C  CB  . THR A 1 17 ? 1.183   15.176  0.090   1.00 20.98 ? 51  THR A CB  1 
ATOM   117  O  OG1 . THR A 1 17 ? -0.132  14.779  -0.312  1.00 20.20 ? 51  THR A OG1 1 
ATOM   118  C  CG2 . THR A 1 17 ? 1.189   15.441  1.587   1.00 18.45 ? 51  THR A CG2 1 
ATOM   119  N  N   . PRO A 1 18 ? 3.168   17.944  0.451   1.00 20.88 ? 52  PRO A N   1 
ATOM   120  C  CA  . PRO A 1 18 ? 4.470   18.432  0.914   1.00 19.58 ? 52  PRO A CA  1 
ATOM   121  C  C   . PRO A 1 18 ? 5.192   17.419  1.795   1.00 24.68 ? 52  PRO A C   1 
ATOM   122  O  O   . PRO A 1 18 ? 4.547   16.683  2.541   1.00 26.09 ? 52  PRO A O   1 
ATOM   123  C  CB  . PRO A 1 18 ? 4.104   19.669  1.741   1.00 18.56 ? 52  PRO A CB  1 
ATOM   124  C  CG  . PRO A 1 18 ? 2.810   20.116  1.195   1.00 20.06 ? 52  PRO A CG  1 
ATOM   125  C  CD  . PRO A 1 18 ? 2.080   18.861  0.823   1.00 21.43 ? 52  PRO A CD  1 
ATOM   126  N  N   . MET A 1 19 ? 6.517   17.386  1.700   1.00 24.90 ? 53  MET A N   1 
ATOM   127  C  CA  . MET A 1 19 ? 7.325   16.504  2.528   1.00 21.59 ? 53  MET A CA  1 
ATOM   128  C  C   . MET A 1 19 ? 7.141   16.830  4.000   1.00 23.41 ? 53  MET A C   1 
ATOM   129  O  O   . MET A 1 19 ? 7.153   15.941  4.853   1.00 25.32 ? 53  MET A O   1 
ATOM   130  C  CB  . MET A 1 19 ? 8.802   16.647  2.168   1.00 24.18 ? 53  MET A CB  1 
ATOM   131  C  CG  . MET A 1 19 ? 9.137   16.210  0.762   1.00 28.92 ? 53  MET A CG  1 
ATOM   132  S  SD  . MET A 1 19 ? 10.909  15.968  0.527   1.00 35.37 ? 53  MET A SD  1 
ATOM   133  C  CE  . MET A 1 19 ? 10.892  14.670  -0.704  1.00 30.01 ? 53  MET A CE  1 
ATOM   134  N  N   . GLU A 1 20 ? 6.975   18.114  4.290   1.00 19.63 ? 54  GLU A N   1 
ATOM   135  C  CA  . GLU A 1 20 ? 6.924   18.571  5.669   1.00 20.71 ? 54  GLU A CA  1 
ATOM   136  C  C   . GLU A 1 20 ? 5.661   18.100  6.356   1.00 20.35 ? 54  GLU A C   1 
ATOM   137  O  O   . GLU A 1 20 ? 5.678   17.770  7.538   1.00 26.19 ? 54  GLU A O   1 
ATOM   138  C  CB  . GLU A 1 20 ? 7.036   20.096  5.743   1.00 27.69 ? 54  GLU A CB  1 
ATOM   139  C  CG  . GLU A 1 20 ? 7.664   20.599  7.038   1.00 33.92 ? 54  GLU A CG  1 
ATOM   140  C  CD  . GLU A 1 20 ? 9.045   20.001  7.287   1.00 37.67 ? 54  GLU A CD  1 
ATOM   141  O  OE1 . GLU A 1 20 ? 9.561   20.117  8.422   1.00 30.30 ? 54  GLU A OE1 1 
ATOM   142  O  OE2 . GLU A 1 20 ? 9.615   19.408  6.345   1.00 44.34 ? 54  GLU A OE2 1 
ATOM   143  N  N   . PHE A 1 21 ? 4.560   18.064  5.616   1.00 22.73 ? 55  PHE A N   1 
ATOM   144  C  CA  . PHE A 1 21 ? 3.288   17.635  6.190   1.00 22.08 ? 55  PHE A CA  1 
ATOM   145  C  C   . PHE A 1 21 ? 3.290   16.148  6.493   1.00 18.37 ? 55  PHE A C   1 
ATOM   146  O  O   . PHE A 1 21 ? 2.696   15.706  7.473   1.00 15.09 ? 55  PHE A O   1 
ATOM   147  C  CB  . PHE A 1 21 ? 2.129   17.966  5.253   1.00 20.22 ? 55  PHE A CB  1 
ATOM   148  C  CG  . PHE A 1 21 ? 0.809   17.425  5.710   1.00 20.19 ? 55  PHE A CG  1 
ATOM   149  C  CD1 . PHE A 1 21 ? 0.210   17.905  6.863   1.00 18.44 ? 55  PHE A CD1 1 
ATOM   150  C  CD2 . PHE A 1 21 ? 0.160   16.442  4.981   1.00 21.72 ? 55  PHE A CD2 1 
ATOM   151  C  CE1 . PHE A 1 21 ? -1.008  17.408  7.285   1.00 23.49 ? 55  PHE A CE1 1 
ATOM   152  C  CE2 . PHE A 1 21 ? -1.061  15.946  5.390   1.00 21.39 ? 55  PHE A CE2 1 
ATOM   153  C  CZ  . PHE A 1 21 ? -1.646  16.429  6.546   1.00 26.31 ? 55  PHE A CZ  1 
ATOM   154  N  N   . VAL A 1 22 ? 3.960   15.378  5.643   1.00 22.87 ? 56  VAL A N   1 
ATOM   155  C  CA  . VAL A 1 22 ? 4.094   13.940  5.861   1.00 19.96 ? 56  VAL A CA  1 
ATOM   156  C  C   . VAL A 1 22 ? 4.920   13.668  7.121   1.00 22.74 ? 56  VAL A C   1 
ATOM   157  O  O   . VAL A 1 22 ? 4.587   12.794  7.918   1.00 19.65 ? 56  VAL A O   1 
ATOM   158  C  CB  . VAL A 1 22 ? 4.735   13.242  4.653   1.00 20.20 ? 56  VAL A CB  1 
ATOM   159  C  CG1 . VAL A 1 22 ? 4.569   11.739  4.765   1.00 16.62 ? 56  VAL A CG1 1 
ATOM   160  C  CG2 . VAL A 1 22 ? 4.102   13.743  3.367   1.00 19.40 ? 56  VAL A CG2 1 
ATOM   161  N  N   . VAL A 1 23 ? 5.995   14.432  7.299   1.00 24.62 ? 57  VAL A N   1 
ATOM   162  C  CA  . VAL A 1 23 ? 6.820   14.344  8.504   1.00 23.86 ? 57  VAL A CA  1 
ATOM   163  C  C   . VAL A 1 23 ? 6.053   14.807  9.740   1.00 23.38 ? 57  VAL A C   1 
ATOM   164  O  O   . VAL A 1 23 ? 6.174   14.221  10.816  1.00 21.80 ? 57  VAL A O   1 
ATOM   165  C  CB  . VAL A 1 23 ? 8.102   15.185  8.366   1.00 24.49 ? 57  VAL A CB  1 
ATOM   166  C  CG1 . VAL A 1 23 ? 8.721   15.450  9.730   1.00 25.90 ? 57  VAL A CG1 1 
ATOM   167  C  CG2 . VAL A 1 23 ? 9.088   14.484  7.451   1.00 22.66 ? 57  VAL A CG2 1 
ATOM   168  N  N   . TYR A 1 24 ? 5.273   15.868  9.581   1.00 23.54 ? 58  TYR A N   1 
ATOM   169  C  CA  . TYR A 1 24 ? 4.403   16.347  10.647  1.00 20.18 ? 58  TYR A CA  1 
ATOM   170  C  C   . TYR A 1 24 ? 3.407   15.270  11.060  1.00 19.37 ? 58  TYR A C   1 
ATOM   171  O  O   . TYR A 1 24 ? 3.142   15.080  12.244  1.00 23.71 ? 58  TYR A O   1 
ATOM   172  C  CB  . TYR A 1 24 ? 3.666   17.601  10.180  1.00 25.95 ? 58  TYR A CB  1 
ATOM   173  C  CG  . TYR A 1 24 ? 2.433   17.953  10.979  1.00 30.85 ? 58  TYR A CG  1 
ATOM   174  C  CD1 . TYR A 1 24 ? 2.531   18.675  12.165  1.00 36.98 ? 58  TYR A CD1 1 
ATOM   175  C  CD2 . TYR A 1 24 ? 1.167   17.585  10.538  1.00 30.97 ? 58  TYR A CD2 1 
ATOM   176  C  CE1 . TYR A 1 24 ? 1.398   19.010  12.896  1.00 34.85 ? 58  TYR A CE1 1 
ATOM   177  C  CE2 . TYR A 1 24 ? 0.031   17.915  11.263  1.00 35.21 ? 58  TYR A CE2 1 
ATOM   178  C  CZ  . TYR A 1 24 ? 0.151   18.628  12.441  1.00 38.80 ? 58  TYR A CZ  1 
ATOM   179  O  OH  . TYR A 1 24 ? -0.979  18.957  13.161  1.00 37.30 ? 58  TYR A OH  1 
ATOM   180  N  N   . VAL A 1 25 ? 2.859   14.564  10.079  1.00 16.98 ? 59  VAL A N   1 
ATOM   181  C  CA  . VAL A 1 25 ? 1.865   13.528  10.348  1.00 22.03 ? 59  VAL A CA  1 
ATOM   182  C  C   . VAL A 1 25 ? 2.444   12.357  11.154  1.00 21.68 ? 59  VAL A C   1 
ATOM   183  O  O   . VAL A 1 25 ? 1.875   11.946  12.169  1.00 19.32 ? 59  VAL A O   1 
ATOM   184  C  CB  . VAL A 1 25 ? 1.202   13.025  9.032   1.00 19.01 ? 59  VAL A CB  1 
ATOM   185  C  CG1 . VAL A 1 25 ? 0.852   11.544  9.107   1.00 11.93 ? 59  VAL A CG1 1 
ATOM   186  C  CG2 . VAL A 1 25 ? -0.027  13.853  8.720   1.00 20.02 ? 59  VAL A CG2 1 
ATOM   187  N  N   . LEU A 1 26 ? 3.578   11.830  10.703  1.00 17.98 ? 60  LEU A N   1 
ATOM   188  C  CA  . LEU A 1 26 ? 4.186   10.681  11.357  1.00 15.05 ? 60  LEU A CA  1 
ATOM   189  C  C   . LEU A 1 26 ? 4.579   11.001  12.793  1.00 18.26 ? 60  LEU A C   1 
ATOM   190  O  O   . LEU A 1 26 ? 4.351   10.199  13.692  1.00 22.56 ? 60  LEU A O   1 
ATOM   191  C  CB  . LEU A 1 26 ? 5.395   10.200  10.554  1.00 22.53 ? 60  LEU A CB  1 
ATOM   192  C  CG  . LEU A 1 26 ? 5.086   9.539   9.206   1.00 22.90 ? 60  LEU A CG  1 
ATOM   193  C  CD1 . LEU A 1 26 ? 6.255   9.651   8.233   1.00 19.19 ? 60  LEU A CD1 1 
ATOM   194  C  CD2 . LEU A 1 26 ? 4.683   8.087   9.404   1.00 18.28 ? 60  LEU A CD2 1 
ATOM   195  N  N   . GLU A 1 27 ? 5.170   12.174  13.003  1.00 21.95 ? 61  GLU A N   1 
ATOM   196  C  CA  . GLU A 1 27 ? 5.569   12.614  14.342  1.00 23.80 ? 61  GLU A CA  1 
ATOM   197  C  C   . GLU A 1 27 ? 4.364   12.735  15.267  1.00 20.68 ? 61  GLU A C   1 
ATOM   198  O  O   . GLU A 1 27 ? 4.447   12.450  16.461  1.00 16.80 ? 61  GLU A O   1 
ATOM   199  C  CB  . GLU A 1 27 ? 6.289   13.970  14.284  1.00 24.59 ? 61  GLU A CB  1 
ATOM   200  C  CG  . GLU A 1 27 ? 7.752   13.914  13.852  1.00 28.78 ? 61  GLU A CG  1 
ATOM   201  C  CD  . GLU A 1 27 ? 8.464   15.255  13.990  1.00 29.33 ? 61  GLU A CD  1 
ATOM   202  O  OE1 . GLU A 1 27 ? 8.077   16.223  13.299  1.00 36.63 ? 61  GLU A OE1 1 
ATOM   203  O  OE2 . GLU A 1 27 ? 9.419   15.340  14.786  1.00 28.95 ? 61  GLU A OE2 1 
ATOM   204  N  N   . ARG A 1 28 ? 3.242   13.159  14.698  1.00 22.95 ? 62  ARG A N   1 
ATOM   205  C  CA  . ARG A 1 28 ? 2.061   13.524  15.476  1.00 22.44 ? 62  ARG A CA  1 
ATOM   206  C  C   . ARG A 1 28 ? 1.088   12.368  15.695  1.00 23.24 ? 62  ARG A C   1 
ATOM   207  O  O   . ARG A 1 28 ? 0.544   12.207  16.788  1.00 21.49 ? 62  ARG A O   1 
ATOM   208  C  CB  . ARG A 1 28 ? 1.346   14.693  14.793  1.00 23.93 ? 62  ARG A CB  1 
ATOM   209  C  CG  . ARG A 1 28 ? -0.063  14.952  15.273  1.00 26.52 ? 62  ARG A CG  1 
ATOM   210  C  CD  . ARG A 1 28 ? -0.469  16.383  14.977  1.00 38.24 ? 62  ARG A CD  1 
ATOM   211  N  NE  . ARG A 1 28 ? -1.863  16.658  15.311  1.00 38.76 ? 62  ARG A NE  1 
ATOM   212  C  CZ  . ARG A 1 28 ? -2.357  16.561  16.541  1.00 52.90 ? 62  ARG A CZ  1 
ATOM   213  N  NH1 . ARG A 1 28 ? -1.570  16.189  17.544  1.00 50.21 ? 62  ARG A NH1 1 
ATOM   214  N  NH2 . ARG A 1 28 ? -3.637  16.822  16.767  1.00 60.36 ? 62  ARG A NH2 1 
ATOM   215  N  N   . PHE A 1 29 ? 0.871   11.561  14.663  1.00 17.82 ? 63  PHE A N   1 
ATOM   216  C  CA  . PHE A 1 29 ? -0.121  10.495  14.738  1.00 17.67 ? 63  PHE A CA  1 
ATOM   217  C  C   . PHE A 1 29 ? 0.491   9.117   14.980  1.00 18.54 ? 63  PHE A C   1 
ATOM   218  O  O   . PHE A 1 29 ? -0.216  8.177   15.350  1.00 18.07 ? 63  PHE A O   1 
ATOM   219  C  CB  . PHE A 1 29 ? -0.968  10.469  13.465  1.00 19.91 ? 63  PHE A CB  1 
ATOM   220  C  CG  . PHE A 1 29 ? -1.746  11.730  13.230  1.00 21.72 ? 63  PHE A CG  1 
ATOM   221  C  CD1 . PHE A 1 29 ? -2.932  11.965  13.907  1.00 20.18 ? 63  PHE A CD1 1 
ATOM   222  C  CD2 . PHE A 1 29 ? -1.297  12.679  12.327  1.00 22.75 ? 63  PHE A CD2 1 
ATOM   223  C  CE1 . PHE A 1 29 ? -3.648  13.127  13.689  1.00 23.69 ? 63  PHE A CE1 1 
ATOM   224  C  CE2 . PHE A 1 29 ? -2.012  13.839  12.102  1.00 21.50 ? 63  PHE A CE2 1 
ATOM   225  C  CZ  . PHE A 1 29 ? -3.187  14.064  12.787  1.00 20.15 ? 63  PHE A CZ  1 
ATOM   226  N  N   . PHE A 1 30 ? 1.799   8.992   14.773  1.00 16.11 ? 64  PHE A N   1 
ATOM   227  C  CA  . PHE A 1 30 ? 2.451   7.689   14.893  1.00 19.36 ? 64  PHE A CA  1 
ATOM   228  C  C   . PHE A 1 30 ? 3.566   7.667   15.933  1.00 18.26 ? 64  PHE A C   1 
ATOM   229  O  O   . PHE A 1 30 ? 4.201   6.637   16.155  1.00 19.13 ? 64  PHE A O   1 
ATOM   230  C  CB  . PHE A 1 30 ? 2.945   7.200   13.525  1.00 14.20 ? 64  PHE A CB  1 
ATOM   231  C  CG  . PHE A 1 30 ? 1.845   7.048   12.521  1.00 14.24 ? 64  PHE A CG  1 
ATOM   232  C  CD1 . PHE A 1 30 ? 1.037   5.925   12.529  1.00 15.64 ? 64  PHE A CD1 1 
ATOM   233  C  CD2 . PHE A 1 30 ? 1.592   8.043   11.594  1.00 13.77 ? 64  PHE A CD2 1 
ATOM   234  C  CE1 . PHE A 1 30 ? 0.006   5.786   11.616  1.00 15.27 ? 64  PHE A CE1 1 
ATOM   235  C  CE2 . PHE A 1 30 ? 0.567   7.913   10.676  1.00 17.05 ? 64  PHE A CE2 1 
ATOM   236  C  CZ  . PHE A 1 30 ? -0.228  6.779   10.689  1.00 20.71 ? 64  PHE A CZ  1 
ATOM   237  N  N   . ASN A 1 31 ? 3.797   8.810   16.566  1.00 21.64 ? 65  ASN A N   1 
ATOM   238  C  CA  . ASN A 1 31 ? 4.707   8.884   17.699  1.00 22.93 ? 65  ASN A CA  1 
ATOM   239  C  C   . ASN A 1 31 ? 6.157   8.596   17.315  1.00 21.65 ? 65  ASN A C   1 
ATOM   240  O  O   . ASN A 1 31 ? 6.861   7.848   17.992  1.00 23.66 ? 65  ASN A O   1 
ATOM   241  C  CB  . ASN A 1 31 ? 4.239   7.927   18.794  1.00 23.48 ? 65  ASN A CB  1 
ATOM   242  C  CG  . ASN A 1 31 ? 4.330   8.539   20.173  1.00 37.19 ? 65  ASN A CG  1 
ATOM   243  O  OD1 . ASN A 1 31 ? 3.315   8.902   20.767  1.00 42.39 ? 65  ASN A OD1 1 
ATOM   244  N  ND2 . ASN A 1 31 ? 5.548   8.678   20.684  1.00 29.37 ? 65  ASN A ND2 1 
ATOM   245  N  N   . LYS A 1 32 ? 6.599   9.192   16.217  1.00 21.62 ? 66  LYS A N   1 
ATOM   246  C  CA  . LYS A 1 32 ? 7.965   9.016   15.756  1.00 23.41 ? 66  LYS A CA  1 
ATOM   247  C  C   . LYS A 1 32 ? 8.813   10.214  16.149  1.00 23.62 ? 66  LYS A C   1 
ATOM   248  O  O   . LYS A 1 32 ? 8.324   11.344  16.193  1.00 24.86 ? 66  LYS A O   1 
ATOM   249  C  CB  . LYS A 1 32 ? 7.988   8.851   14.238  1.00 25.12 ? 66  LYS A CB  1 
ATOM   250  C  CG  . LYS A 1 32 ? 6.977   7.855   13.710  1.00 25.49 ? 66  LYS A CG  1 
ATOM   251  C  CD  . LYS A 1 32 ? 7.399   6.428   13.990  1.00 23.27 ? 66  LYS A CD  1 
ATOM   252  C  CE  . LYS A 1 32 ? 6.329   5.455   13.528  1.00 30.84 ? 66  LYS A CE  1 
ATOM   253  N  NZ  . LYS A 1 32 ? 6.812   4.047   13.523  1.00 27.60 ? 66  LYS A NZ  1 
ATOM   254  N  N   . SER A 1 33 ? 10.083  9.964   16.447  1.00 24.28 ? 67  SER A N   1 
ATOM   255  C  CA  . SER A 1 33 ? 11.035  11.051  16.595  1.00 28.59 ? 67  SER A CA  1 
ATOM   256  C  C   . SER A 1 33 ? 11.196  11.652  15.206  1.00 29.99 ? 67  SER A C   1 
ATOM   257  O  O   . SER A 1 33 ? 10.722  11.068  14.226  1.00 28.02 ? 67  SER A O   1 
ATOM   258  C  CB  . SER A 1 33 ? 12.376  10.528  17.097  1.00 20.61 ? 67  SER A CB  1 
ATOM   259  O  OG  . SER A 1 33 ? 13.126  9.976   16.034  1.00 29.02 ? 67  SER A OG  1 
ATOM   260  N  N   . ARG A 1 34 ? 11.854  12.802  15.096  1.00 30.18 ? 68  ARG A N   1 
ATOM   261  C  CA  . ARG A 1 34 ? 11.960  13.432  13.786  1.00 28.31 ? 68  ARG A CA  1 
ATOM   262  C  C   . ARG A 1 34 ? 12.982  12.738  12.893  1.00 29.01 ? 68  ARG A C   1 
ATOM   263  O  O   . ARG A 1 34 ? 13.026  12.977  11.687  1.00 31.34 ? 68  ARG A O   1 
ATOM   264  C  CB  . ARG A 1 34 ? 12.247  14.927  13.876  1.00 27.53 ? 68  ARG A CB  1 
ATOM   265  C  CG  . ARG A 1 34 ? 11.719  15.669  12.658  1.00 29.96 ? 68  ARG A CG  1 
ATOM   266  C  CD  . ARG A 1 34 ? 12.560  16.872  12.313  1.00 31.34 ? 68  ARG A CD  1 
ATOM   267  N  NE  . ARG A 1 34 ? 12.484  17.181  10.889  1.00 28.28 ? 68  ARG A NE  1 
ATOM   268  C  CZ  . ARG A 1 34 ? 11.664  18.084  10.368  1.00 29.52 ? 68  ARG A CZ  1 
ATOM   269  N  NH1 . ARG A 1 34 ? 10.843  18.766  11.156  1.00 36.51 ? 68  ARG A NH1 1 
ATOM   270  N  NH2 . ARG A 1 34 ? 11.663  18.306  9.060   1.00 30.51 ? 68  ARG A NH2 1 
ATOM   271  N  N   . GLU A 1 35 ? 13.798  11.875  13.484  1.00 28.46 ? 69  GLU A N   1 
ATOM   272  C  CA  . GLU A 1 35 ? 14.718  11.069  12.692  1.00 37.66 ? 69  GLU A CA  1 
ATOM   273  C  C   . GLU A 1 35 ? 13.940  9.955   11.999  1.00 28.72 ? 69  GLU A C   1 
ATOM   274  O  O   . GLU A 1 35 ? 14.075  9.739   10.799  1.00 30.17 ? 69  GLU A O   1 
ATOM   275  C  CB  . GLU A 1 35 ? 15.830  10.485  13.566  1.00 38.64 ? 69  GLU A CB  1 
ATOM   276  C  CG  . GLU A 1 35 ? 16.902  9.727   12.787  1.00 44.79 ? 69  GLU A CG  1 
ATOM   277  C  CD  . GLU A 1 35 ? 17.697  10.629  11.849  1.00 60.47 ? 69  GLU A CD  1 
ATOM   278  O  OE1 . GLU A 1 35 ? 17.568  11.868  11.959  1.00 53.09 ? 69  GLU A OE1 1 
ATOM   279  O  OE2 . GLU A 1 35 ? 18.452  10.101  11.003  1.00 64.42 ? 69  GLU A OE2 1 
ATOM   280  N  N   . ASP A 1 36 ? 13.118  9.254   12.773  1.00 27.71 ? 70  ASP A N   1 
ATOM   281  C  CA  . ASP A 1 36 ? 12.280  8.187   12.244  1.00 28.33 ? 70  ASP A CA  1 
ATOM   282  C  C   . ASP A 1 36 ? 11.287  8.735   11.230  1.00 25.99 ? 70  ASP A C   1 
ATOM   283  O  O   . ASP A 1 36 ? 11.094  8.149   10.163  1.00 25.82 ? 70  ASP A O   1 
ATOM   284  C  CB  . ASP A 1 36 ? 11.533  7.486   13.375  1.00 29.23 ? 70  ASP A CB  1 
ATOM   285  C  CG  . ASP A 1 36 ? 12.444  6.634   14.228  1.00 40.33 ? 70  ASP A CG  1 
ATOM   286  O  OD1 . ASP A 1 36 ? 13.627  6.477   13.859  1.00 51.63 ? 70  ASP A OD1 1 
ATOM   287  O  OD2 . ASP A 1 36 ? 11.977  6.121   15.266  1.00 53.43 ? 70  ASP A OD2 1 
ATOM   288  N  N   . ALA A 1 37 ? 10.657  9.857   11.568  1.00 22.82 ? 71  ALA A N   1 
ATOM   289  C  CA  . ALA A 1 37 ? 9.700   10.493  10.668  1.00 26.10 ? 71  ALA A CA  1 
ATOM   290  C  C   . ALA A 1 37 ? 10.326  10.724  9.296   1.00 23.91 ? 71  ALA A C   1 
ATOM   291  O  O   . ALA A 1 37 ? 9.743   10.377  8.267   1.00 21.29 ? 71  ALA A O   1 
ATOM   292  C  CB  . ALA A 1 37 ? 9.201   11.809  11.263  1.00 20.11 ? 71  ALA A CB  1 
ATOM   293  N  N   . THR A 1 38 ? 11.520  11.307  9.297   1.00 21.65 ? 72  THR A N   1 
ATOM   294  C  CA  . THR A 1 38 ? 12.243  11.617  8.070   1.00 21.49 ? 72  THR A CA  1 
ATOM   295  C  C   . THR A 1 38 ? 12.513  10.348  7.268   1.00 20.11 ? 72  THR A C   1 
ATOM   296  O  O   . THR A 1 38 ? 12.406  10.345  6.040   1.00 23.22 ? 72  THR A O   1 
ATOM   297  C  CB  . THR A 1 38 ? 13.578  12.343  8.377   1.00 26.77 ? 72  THR A CB  1 
ATOM   298  O  OG1 . THR A 1 38 ? 13.317  13.530  9.134   1.00 25.20 ? 72  THR A OG1 1 
ATOM   299  C  CG2 . THR A 1 38 ? 14.299  12.724  7.099   1.00 22.53 ? 72  THR A CG2 1 
ATOM   300  N  N   . ARG A 1 39 ? 12.857  9.267   7.963   1.00 17.79 ? 73  ARG A N   1 
ATOM   301  C  CA  . ARG A 1 39 ? 13.118  7.994   7.300   1.00 22.74 ? 73  ARG A CA  1 
ATOM   302  C  C   . ARG A 1 39 ? 11.886  7.462   6.574   1.00 16.26 ? 73  ARG A C   1 
ATOM   303  O  O   . ARG A 1 39 ? 11.896  7.272   5.365   1.00 18.54 ? 73  ARG A O   1 
ATOM   304  C  CB  . ARG A 1 39 ? 13.607  6.958   8.306   1.00 21.74 ? 73  ARG A CB  1 
ATOM   305  C  CG  . ARG A 1 39 ? 13.525  5.532   7.792   1.00 20.48 ? 73  ARG A CG  1 
ATOM   306  C  CD  . ARG A 1 39 ? 14.118  4.552   8.796   1.00 30.66 ? 73  ARG A CD  1 
ATOM   307  N  NE  . ARG A 1 39 ? 13.437  4.614   10.085  1.00 36.08 ? 73  ARG A NE  1 
ATOM   308  C  CZ  . ARG A 1 39 ? 12.455  3.796   10.447  1.00 40.16 ? 73  ARG A CZ  1 
ATOM   309  N  NH1 . ARG A 1 39 ? 12.040  2.844   9.619   1.00 41.55 ? 73  ARG A NH1 1 
ATOM   310  N  NH2 . ARG A 1 39 ? 11.889  3.929   11.640  1.00 38.36 ? 73  ARG A NH2 1 
ATOM   311  N  N   . ILE A 1 40 ? 10.823  7.222   7.329   1.00 13.65 ? 74  ILE A N   1 
ATOM   312  C  CA  . ILE A 1 40 ? 9.585   6.699   6.774   1.00 16.96 ? 74  ILE A CA  1 
ATOM   313  C  C   . ILE A 1 40 ? 9.057   7.551   5.618   1.00 17.42 ? 74  ILE A C   1 
ATOM   314  O  O   . ILE A 1 40 ? 8.591   7.019   4.616   1.00 20.53 ? 74  ILE A O   1 
ATOM   315  C  CB  . ILE A 1 40 ? 8.504   6.595   7.862   1.00 22.55 ? 74  ILE A CB  1 
ATOM   316  C  CG1 . ILE A 1 40 ? 9.011   5.737   9.023   1.00 20.51 ? 74  ILE A CG1 1 
ATOM   317  C  CG2 . ILE A 1 40 ? 7.214   6.033   7.283   1.00 26.06 ? 74  ILE A CG2 1 
ATOM   318  C  CD1 . ILE A 1 40 ? 8.229   5.915   10.301  1.00 21.39 ? 74  ILE A CD1 1 
ATOM   319  N  N   . MET A 1 41 ? 9.126   8.872   5.768   1.00 17.92 ? 75  MET A N   1 
ATOM   320  C  CA  . MET A 1 41 ? 8.717   9.797   4.711   1.00 15.45 ? 75  MET A CA  1 
ATOM   321  C  C   . MET A 1 41 ? 9.548   9.606   3.443   1.00 18.82 ? 75  MET A C   1 
ATOM   322  O  O   . MET A 1 41 ? 9.000   9.515   2.343   1.00 17.80 ? 75  MET A O   1 
ATOM   323  C  CB  . MET A 1 41 ? 8.828   11.242  5.206   1.00 17.81 ? 75  MET A CB  1 
ATOM   324  C  CG  . MET A 1 41 ? 8.450   12.298  4.178   1.00 22.51 ? 75  MET A CG  1 
ATOM   325  S  SD  . MET A 1 41 ? 9.780   12.679  3.013   1.00 21.89 ? 75  MET A SD  1 
ATOM   326  C  CE  . MET A 1 41 ? 11.027  13.341  4.118   1.00 18.91 ? 75  MET A CE  1 
ATOM   327  N  N   . LEU A 1 42 ? 10.870  9.553   3.599   1.00 16.15 ? 76  LEU A N   1 
ATOM   328  C  CA  . LEU A 1 42 ? 11.768  9.349   2.468   1.00 19.76 ? 76  LEU A CA  1 
ATOM   329  C  C   . LEU A 1 42 ? 11.566  7.968   1.840   1.00 18.84 ? 76  LEU A C   1 
ATOM   330  O  O   . LEU A 1 42 ? 11.528  7.835   0.621   1.00 20.77 ? 76  LEU A O   1 
ATOM   331  C  CB  . LEU A 1 42 ? 13.231  9.554   2.883   1.00 18.32 ? 76  LEU A CB  1 
ATOM   332  C  CG  . LEU A 1 42 ? 13.655  10.984  3.237   1.00 22.20 ? 76  LEU A CG  1 
ATOM   333  C  CD1 . LEU A 1 42 ? 14.950  11.008  4.033   1.00 22.80 ? 76  LEU A CD1 1 
ATOM   334  C  CD2 . LEU A 1 42 ? 13.782  11.848  1.990   1.00 21.91 ? 76  LEU A CD2 1 
ATOM   335  N  N   . HIS A 1 43 ? 11.420  6.948   2.679   1.00 17.54 ? 77  HIS A N   1 
ATOM   336  C  CA  . HIS A 1 43 ? 11.124  5.597   2.209   1.00 16.04 ? 77  HIS A CA  1 
ATOM   337  C  C   . HIS A 1 43 ? 9.890   5.555   1.312   1.00 18.85 ? 77  HIS A C   1 
ATOM   338  O  O   . HIS A 1 43 ? 9.937   5.022   0.203   1.00 23.93 ? 77  HIS A O   1 
ATOM   339  C  CB  . HIS A 1 43 ? 10.937  4.645   3.395   1.00 19.00 ? 77  HIS A CB  1 
ATOM   340  C  CG  . HIS A 1 43 ? 10.273  3.350   3.035   1.00 19.34 ? 77  HIS A CG  1 
ATOM   341  N  ND1 . HIS A 1 43 ? 10.977  2.232   2.644   1.00 16.11 ? 77  HIS A ND1 1 
ATOM   342  C  CD2 . HIS A 1 43 ? 8.966   2.997   3.014   1.00 18.10 ? 77  HIS A CD2 1 
ATOM   343  C  CE1 . HIS A 1 43 ? 10.134  1.248   2.393   1.00 14.67 ? 77  HIS A CE1 1 
ATOM   344  N  NE2 . HIS A 1 43 ? 8.906   1.686   2.605   1.00 17.68 ? 77  HIS A NE2 1 
ATOM   345  N  N   . VAL A 1 44 ? 8.783   6.110   1.801   1.00 16.56 ? 78  VAL A N   1 
ATOM   346  C  CA  . VAL A 1 44 ? 7.540   6.154   1.038   1.00 17.10 ? 78  VAL A CA  1 
ATOM   347  C  C   . VAL A 1 44 ? 7.719   6.903   -0.281  1.00 22.33 ? 78  VAL A C   1 
ATOM   348  O  O   . VAL A 1 44 ? 7.236   6.468   -1.337  1.00 16.96 ? 78  VAL A O   1 
ATOM   349  C  CB  . VAL A 1 44 ? 6.421   6.830   1.844   1.00 17.10 ? 78  VAL A CB  1 
ATOM   350  C  CG1 . VAL A 1 44 ? 5.274   7.227   0.938   1.00 18.49 ? 78  VAL A CG1 1 
ATOM   351  C  CG2 . VAL A 1 44 ? 5.939   5.907   2.946   1.00 17.17 ? 78  VAL A CG2 1 
ATOM   352  N  N   . HIS A 1 45 ? 8.421   8.030   -0.213  1.00 21.24 ? 79  HIS A N   1 
ATOM   353  C  CA  . HIS A 1 45 ? 8.637   8.875   -1.380  1.00 20.29 ? 79  HIS A CA  1 
ATOM   354  C  C   . HIS A 1 45 ? 9.240   8.097   -2.536  1.00 19.78 ? 79  HIS A C   1 
ATOM   355  O  O   . HIS A 1 45 ? 8.978   8.400   -3.695  1.00 19.46 ? 79  HIS A O   1 
ATOM   356  C  CB  . HIS A 1 45 ? 9.544   10.057  -1.028  1.00 21.66 ? 79  HIS A CB  1 
ATOM   357  C  CG  . HIS A 1 45 ? 9.846   10.951  -2.190  1.00 17.79 ? 79  HIS A CG  1 
ATOM   358  N  ND1 . HIS A 1 45 ? 9.092   12.066  -2.488  1.00 16.83 ? 79  HIS A ND1 1 
ATOM   359  C  CD2 . HIS A 1 45 ? 10.811  10.887  -3.136  1.00 20.21 ? 79  HIS A CD2 1 
ATOM   360  C  CE1 . HIS A 1 45 ? 9.584   12.652  -3.564  1.00 16.69 ? 79  HIS A CE1 1 
ATOM   361  N  NE2 . HIS A 1 45 ? 10.628  11.957  -3.977  1.00 22.25 ? 79  HIS A NE2 1 
ATOM   362  N  N   . GLN A 1 46 ? 10.053  7.098   -2.213  1.00 21.92 ? 80  GLN A N   1 
ATOM   363  C  CA  . GLN A 1 46 ? 10.744  6.320   -3.235  1.00 26.87 ? 80  GLN A CA  1 
ATOM   364  C  C   . GLN A 1 46 ? 10.031  5.005   -3.546  1.00 27.74 ? 80  GLN A C   1 
ATOM   365  O  O   . GLN A 1 46 ? 10.004  4.561   -4.695  1.00 25.28 ? 80  GLN A O   1 
ATOM   366  C  CB  . GLN A 1 46 ? 12.179  6.028   -2.801  1.00 33.05 ? 80  GLN A CB  1 
ATOM   367  C  CG  . GLN A 1 46 ? 13.030  7.268   -2.616  1.00 35.75 ? 80  GLN A CG  1 
ATOM   368  C  CD  . GLN A 1 46 ? 14.503  6.945   -2.501  1.00 45.40 ? 80  GLN A CD  1 
ATOM   369  O  OE1 . GLN A 1 46 ? 14.888  5.933   -1.912  1.00 48.64 ? 80  GLN A OE1 1 
ATOM   370  N  NE2 . GLN A 1 46 ? 15.338  7.807   -3.064  1.00 38.00 ? 80  GLN A NE2 1 
ATOM   371  N  N   . ASN A 1 47 ? 9.461   4.389   -2.514  1.00 22.38 ? 81  ASN A N   1 
ATOM   372  C  CA  . ASN A 1 47 ? 8.832   3.080   -2.651  1.00 19.93 ? 81  ASN A CA  1 
ATOM   373  C  C   . ASN A 1 47 ? 7.383   3.157   -3.118  1.00 20.13 ? 81  ASN A C   1 
ATOM   374  O  O   . ASN A 1 47 ? 6.862   2.212   -3.707  1.00 22.22 ? 81  ASN A O   1 
ATOM   375  C  CB  . ASN A 1 47 ? 8.914   2.314   -1.329  1.00 23.14 ? 81  ASN A CB  1 
ATOM   376  C  CG  . ASN A 1 47 ? 8.468   0.876   -1.463  1.00 21.62 ? 81  ASN A CG  1 
ATOM   377  O  OD1 . ASN A 1 47 ? 8.694   0.242   -2.492  1.00 31.75 ? 81  ASN A OD1 1 
ATOM   378  N  ND2 . ASN A 1 47 ? 7.834   0.351   -0.423  1.00 21.34 ? 81  ASN A ND2 1 
ATOM   379  N  N   . GLY A 1 48 ? 6.731   4.281   -2.846  1.00 19.79 ? 82  GLY A N   1 
ATOM   380  C  CA  . GLY A 1 48 ? 5.357   4.465   -3.261  1.00 15.49 ? 82  GLY A CA  1 
ATOM   381  C  C   . GLY A 1 48 ? 4.391   4.101   -2.153  1.00 20.46 ? 82  GLY A C   1 
ATOM   382  O  O   . GLY A 1 48 ? 3.242   4.548   -2.148  1.00 21.42 ? 82  GLY A O   1 
ATOM   383  N  N   . VAL A 1 49 ? 4.858   3.290   -1.211  1.00 17.34 ? 83  VAL A N   1 
ATOM   384  C  CA  . VAL A 1 49 ? 4.052   2.931   -0.050  1.00 20.43 ? 83  VAL A CA  1 
ATOM   385  C  C   . VAL A 1 49 ? 4.932   2.601   1.150   1.00 19.79 ? 83  VAL A C   1 
ATOM   386  O  O   . VAL A 1 49 ? 6.072   2.176   0.995   1.00 21.51 ? 83  VAL A O   1 
ATOM   387  C  CB  . VAL A 1 49 ? 3.146   1.728   -0.339  1.00 26.51 ? 83  VAL A CB  1 
ATOM   388  C  CG1 . VAL A 1 49 ? 3.979   0.460   -0.412  1.00 29.79 ? 83  VAL A CG1 1 
ATOM   389  C  CG2 . VAL A 1 49 ? 2.067   1.604   0.733   1.00 20.32 ? 83  VAL A CG2 1 
ATOM   390  N  N   . GLY A 1 50 ? 4.396   2.796   2.349   1.00 19.52 ? 84  GLY A N   1 
ATOM   391  C  CA  . GLY A 1 50 ? 5.147   2.533   3.559   1.00 21.98 ? 84  GLY A CA  1 
ATOM   392  C  C   . GLY A 1 50 ? 4.275   2.321   4.778   1.00 21.59 ? 84  GLY A C   1 
ATOM   393  O  O   . GLY A 1 50 ? 3.208   2.930   4.907   1.00 23.29 ? 84  GLY A O   1 
ATOM   394  N  N   . VAL A 1 51 ? 4.730   1.450   5.673   1.00 19.70 ? 85  VAL A N   1 
ATOM   395  C  CA  . VAL A 1 51 ? 4.031   1.214   6.926   1.00 21.00 ? 85  VAL A CA  1 
ATOM   396  C  C   . VAL A 1 51 ? 4.319   2.338   7.912   1.00 26.76 ? 85  VAL A C   1 
ATOM   397  O  O   . VAL A 1 51 ? 5.480   2.661   8.182   1.00 26.01 ? 85  VAL A O   1 
ATOM   398  C  CB  . VAL A 1 51 ? 4.439   -0.121  7.572   1.00 20.23 ? 85  VAL A CB  1 
ATOM   399  C  CG1 . VAL A 1 51 ? 3.798   -0.257  8.945   1.00 19.54 ? 85  VAL A CG1 1 
ATOM   400  C  CG2 . VAL A 1 51 ? 4.047   -1.295  6.682   1.00 20.88 ? 85  VAL A CG2 1 
ATOM   401  N  N   . CYS A 1 52 ? 3.258   2.938   8.441   1.00 17.34 ? 86  CYS A N   1 
ATOM   402  C  CA  . CYS A 1 52 ? 3.396   3.944   9.480   1.00 17.26 ? 86  CYS A CA  1 
ATOM   403  C  C   . CYS A 1 52 ? 3.525   3.280   10.846  1.00 22.71 ? 86  CYS A C   1 
ATOM   404  O  O   . CYS A 1 52 ? 4.309   3.722   11.689  1.00 23.38 ? 86  CYS A O   1 
ATOM   405  C  CB  . CYS A 1 52 ? 2.188   4.876   9.475   1.00 20.16 ? 86  CYS A CB  1 
ATOM   406  S  SG  . CYS A 1 52 ? 1.967   5.810   7.949   1.00 30.54 ? 86  CYS A SG  1 
ATOM   407  N  N   . GLY A 1 53 ? 2.747   2.220   11.058  1.00 22.49 ? 87  GLY A N   1 
ATOM   408  C  CA  . GLY A 1 53 ? 2.749   1.489   12.314  1.00 16.22 ? 87  GLY A CA  1 
ATOM   409  C  C   . GLY A 1 53 ? 1.851   0.265   12.262  1.00 19.36 ? 87  GLY A C   1 
ATOM   410  O  O   . GLY A 1 53 ? 1.116   0.067   11.292  1.00 19.97 ? 87  GLY A O   1 
ATOM   411  N  N   . VAL A 1 54 ? 1.916   -0.563  13.303  1.00 17.21 ? 88  VAL A N   1 
ATOM   412  C  CA  . VAL A 1 54 ? 1.088   -1.761  13.381  1.00 18.61 ? 88  VAL A CA  1 
ATOM   413  C  C   . VAL A 1 54 ? 0.385   -1.820  14.730  1.00 16.57 ? 88  VAL A C   1 
ATOM   414  O  O   . VAL A 1 54 ? 1.030   -1.782  15.773  1.00 12.40 ? 88  VAL A O   1 
ATOM   415  C  CB  . VAL A 1 54 ? 1.920   -3.046  13.203  1.00 18.61 ? 88  VAL A CB  1 
ATOM   416  C  CG1 . VAL A 1 54 ? 1.005   -4.260  13.105  1.00 16.42 ? 88  VAL A CG1 1 
ATOM   417  C  CG2 . VAL A 1 54 ? 2.806   -2.939  11.974  1.00 18.59 ? 88  VAL A CG2 1 
ATOM   418  N  N   . TYR A 1 55 ? -0.939  -1.926  14.701  1.00 18.13 ? 89  TYR A N   1 
ATOM   419  C  CA  . TYR A 1 55 ? -1.731  -1.905  15.919  1.00 16.32 ? 89  TYR A CA  1 
ATOM   420  C  C   . TYR A 1 55 ? -2.862  -2.911  15.861  1.00 19.51 ? 89  TYR A C   1 
ATOM   421  O  O   . TYR A 1 55 ? -3.103  -3.533  14.831  1.00 22.09 ? 89  TYR A O   1 
ATOM   422  C  CB  . TYR A 1 55 ? -2.332  -0.515  16.122  1.00 19.90 ? 89  TYR A CB  1 
ATOM   423  C  CG  . TYR A 1 55 ? -1.402  0.615   15.767  1.00 19.71 ? 89  TYR A CG  1 
ATOM   424  C  CD1 . TYR A 1 55 ? -0.599  1.205   16.732  1.00 20.25 ? 89  TYR A CD1 1 
ATOM   425  C  CD2 . TYR A 1 55 ? -1.324  1.096   14.466  1.00 19.08 ? 89  TYR A CD2 1 
ATOM   426  C  CE1 . TYR A 1 55 ? 0.259   2.242   16.410  1.00 18.69 ? 89  TYR A CE1 1 
ATOM   427  C  CE2 . TYR A 1 55 ? -0.471  2.135   14.135  1.00 17.95 ? 89  TYR A CE2 1 
ATOM   428  C  CZ  . TYR A 1 55 ? 0.319   2.702   15.114  1.00 17.61 ? 89  TYR A CZ  1 
ATOM   429  O  OH  . TYR A 1 55 ? 1.174   3.731   14.800  1.00 19.82 ? 89  TYR A OH  1 
ATOM   430  N  N   . THR A 1 56 ? -3.569  -3.055  16.975  1.00 21.15 ? 90  THR A N   1 
ATOM   431  C  CA  . THR A 1 56 ? -4.807  -3.818  16.979  1.00 24.18 ? 90  THR A CA  1 
ATOM   432  C  C   . THR A 1 56 ? -5.788  -3.156  16.022  1.00 23.16 ? 90  THR A C   1 
ATOM   433  O  O   . THR A 1 56 ? -5.648  -1.977  15.698  1.00 23.54 ? 90  THR A O   1 
ATOM   434  C  CB  . THR A 1 56 ? -5.428  -3.905  18.388  1.00 27.41 ? 90  THR A CB  1 
ATOM   435  O  OG1 . THR A 1 56 ? -5.471  -2.601  18.987  1.00 27.00 ? 90  THR A OG1 1 
ATOM   436  C  CG2 . THR A 1 56 ? -4.603  -4.835  19.265  1.00 30.19 ? 90  THR A CG2 1 
ATOM   437  N  N   . TYR A 1 57 ? -6.778  -3.919  15.572  1.00 23.93 ? 91  TYR A N   1 
ATOM   438  C  CA  . TYR A 1 57 ? -7.752  -3.429  14.601  1.00 23.42 ? 91  TYR A CA  1 
ATOM   439  C  C   . TYR A 1 57 ? -8.221  -1.995  14.843  1.00 27.71 ? 91  TYR A C   1 
ATOM   440  O  O   . TYR A 1 57 ? -8.015  -1.123  14.002  1.00 30.76 ? 91  TYR A O   1 
ATOM   441  C  CB  . TYR A 1 57 ? -8.971  -4.352  14.532  1.00 29.02 ? 91  TYR A CB  1 
ATOM   442  C  CG  . TYR A 1 57 ? -9.966  -3.935  13.470  1.00 31.51 ? 91  TYR A CG  1 
ATOM   443  C  CD1 . TYR A 1 57 ? -9.530  -3.481  12.234  1.00 32.19 ? 91  TYR A CD1 1 
ATOM   444  C  CD2 . TYR A 1 57 ? -11.334 -4.003  13.696  1.00 34.45 ? 91  TYR A CD2 1 
ATOM   445  C  CE1 . TYR A 1 57 ? -10.418 -3.096  11.254  1.00 36.45 ? 91  TYR A CE1 1 
ATOM   446  C  CE2 . TYR A 1 57 ? -12.240 -3.624  12.716  1.00 40.83 ? 91  TYR A CE2 1 
ATOM   447  C  CZ  . TYR A 1 57 ? -11.772 -3.170  11.494  1.00 43.86 ? 91  TYR A CZ  1 
ATOM   448  O  OH  . TYR A 1 57 ? -12.651 -2.793  10.502  1.00 45.36 ? 91  TYR A OH  1 
ATOM   449  N  N   . GLU A 1 58 ? -8.863  -1.758  15.985  1.00 26.44 ? 92  GLU A N   1 
ATOM   450  C  CA  . GLU A 1 58 ? -9.539  -0.481  16.232  1.00 30.11 ? 92  GLU A CA  1 
ATOM   451  C  C   . GLU A 1 58 ? -8.582  0.665   16.469  1.00 23.34 ? 92  GLU A C   1 
ATOM   452  O  O   . GLU A 1 58 ? -8.861  1.800   16.083  1.00 18.79 ? 92  GLU A O   1 
ATOM   453  C  CB  . GLU A 1 58 ? -10.477 -0.577  17.428  1.00 25.92 ? 92  GLU A CB  1 
ATOM   454  C  CG  . GLU A 1 58 ? -9.905  -1.355  18.576  1.00 26.60 ? 92  GLU A CG  1 
ATOM   455  C  CD  . GLU A 1 58 ? -10.188 -2.827  18.429  1.00 38.60 ? 92  GLU A CD  1 
ATOM   456  O  OE1 . GLU A 1 58 ? -11.019 -3.339  19.212  1.00 47.73 ? 92  GLU A OE1 1 
ATOM   457  O  OE2 . GLU A 1 58 ? -9.596  -3.465  17.525  1.00 33.94 ? 92  GLU A OE2 1 
ATOM   458  N  N   . VAL A 1 59 ? -7.475  0.373   17.141  1.00 23.35 ? 93  VAL A N   1 
ATOM   459  C  CA  . VAL A 1 59 ? -6.420  1.358   17.279  1.00 21.05 ? 93  VAL A CA  1 
ATOM   460  C  C   . VAL A 1 59 ? -5.974  1.719   15.876  1.00 22.00 ? 93  VAL A C   1 
ATOM   461  O  O   . VAL A 1 59 ? -5.802  2.893   15.547  1.00 25.69 ? 93  VAL A O   1 
ATOM   462  C  CB  . VAL A 1 59 ? -5.221  0.825   18.071  1.00 19.94 ? 93  VAL A CB  1 
ATOM   463  C  CG1 . VAL A 1 59 ? -4.061  1.777   17.937  1.00 21.32 ? 93  VAL A CG1 1 
ATOM   464  C  CG2 . VAL A 1 59 ? -5.578  0.653   19.536  1.00 19.18 ? 93  VAL A CG2 1 
ATOM   465  N  N   . ALA A 1 60 ? -5.811  0.695   15.044  1.00 20.94 ? 94  ALA A N   1 
ATOM   466  C  CA  . ALA A 1 60 ? -5.434  0.883   13.650  1.00 22.16 ? 94  ALA A CA  1 
ATOM   467  C  C   . ALA A 1 60 ? -6.495  1.689   12.920  1.00 19.21 ? 94  ALA A C   1 
ATOM   468  O  O   . ALA A 1 60 ? -6.182  2.581   12.141  1.00 20.52 ? 94  ALA A O   1 
ATOM   469  C  CB  . ALA A 1 60 ? -5.231  -0.467  12.969  1.00 19.33 ? 94  ALA A CB  1 
ATOM   470  N  N   . GLU A 1 61 ? -7.755  1.366   13.176  1.00 18.17 ? 95  GLU A N   1 
ATOM   471  C  CA  . GLU A 1 61 ? -8.862  2.056   12.532  1.00 19.61 ? 95  GLU A CA  1 
ATOM   472  C  C   . GLU A 1 61 ? -8.894  3.540   12.886  1.00 23.75 ? 95  GLU A C   1 
ATOM   473  O  O   . GLU A 1 61 ? -9.148  4.387   12.024  1.00 23.89 ? 95  GLU A O   1 
ATOM   474  C  CB  . GLU A 1 61 ? -10.194 1.394   12.887  1.00 23.85 ? 95  GLU A CB  1 
ATOM   475  C  CG  . GLU A 1 61 ? -10.776 0.543   11.773  1.00 34.26 ? 95  GLU A CG  1 
ATOM   476  C  CD  . GLU A 1 61 ? -12.287 0.402   11.882  1.00 46.05 ? 95  GLU A CD  1 
ATOM   477  O  OE1 . GLU A 1 61 ? -12.770 -0.116  12.914  1.00 41.51 ? 95  GLU A OE1 1 
ATOM   478  O  OE2 . GLU A 1 61 ? -12.990 0.804   10.929  1.00 41.92 ? 95  GLU A OE2 1 
ATOM   479  N  N   . THR A 1 62 ? -8.638  3.858   14.152  1.00 24.42 ? 96  THR A N   1 
ATOM   480  C  CA  . THR A 1 62 ? -8.682  5.248   14.590  1.00 23.42 ? 96  THR A CA  1 
ATOM   481  C  C   . THR A 1 62 ? -7.576  6.043   13.916  1.00 20.38 ? 96  THR A C   1 
ATOM   482  O  O   . THR A 1 62 ? -7.738  7.223   13.610  1.00 21.59 ? 96  THR A O   1 
ATOM   483  C  CB  . THR A 1 62 ? -8.535  5.393   16.119  1.00 24.57 ? 96  THR A CB  1 
ATOM   484  O  OG1 . THR A 1 62 ? -9.007  4.210   16.771  1.00 29.57 ? 96  THR A OG1 1 
ATOM   485  C  CG2 . THR A 1 62 ? -9.341  6.576   16.613  1.00 33.63 ? 96  THR A CG2 1 
ATOM   486  N  N   . LYS A 1 63 ? -6.445  5.391   13.681  1.00 18.23 ? 97  LYS A N   1 
ATOM   487  C  CA  . LYS A 1 63 ? -5.300  6.078   13.098  1.00 18.69 ? 97  LYS A CA  1 
ATOM   488  C  C   . LYS A 1 63 ? -5.471  6.358   11.604  1.00 17.50 ? 97  LYS A C   1 
ATOM   489  O  O   . LYS A 1 63 ? -4.978  7.368   11.100  1.00 14.38 ? 97  LYS A O   1 
ATOM   490  C  CB  . LYS A 1 63 ? -4.008  5.309   13.378  1.00 19.84 ? 97  LYS A CB  1 
ATOM   491  C  CG  . LYS A 1 63 ? -3.550  5.415   14.825  1.00 23.23 ? 97  LYS A CG  1 
ATOM   492  C  CD  . LYS A 1 63 ? -2.113  4.956   14.995  1.00 28.92 ? 97  LYS A CD  1 
ATOM   493  C  CE  . LYS A 1 63 ? -1.651  5.118   16.439  1.00 27.84 ? 97  LYS A CE  1 
ATOM   494  N  NZ  . LYS A 1 63 ? -1.836  6.513   16.921  1.00 27.93 ? 97  LYS A NZ  1 
ATOM   495  N  N   . VAL A 1 64 ? -6.174  5.471   10.906  1.00 17.42 ? 98  VAL A N   1 
ATOM   496  C  CA  . VAL A 1 64 ? -6.478  5.682   9.495   1.00 19.37 ? 98  VAL A CA  1 
ATOM   497  C  C   . VAL A 1 64 ? -7.440  6.849   9.361   1.00 19.71 ? 98  VAL A C   1 
ATOM   498  O  O   . VAL A 1 64 ? -7.282  7.698   8.484   1.00 21.60 ? 98  VAL A O   1 
ATOM   499  C  CB  . VAL A 1 64 ? -7.113  4.436   8.832   1.00 20.11 ? 98  VAL A CB  1 
ATOM   500  C  CG1 . VAL A 1 64 ? -7.636  4.784   7.448   1.00 16.61 ? 98  VAL A CG1 1 
ATOM   501  C  CG2 . VAL A 1 64 ? -6.115  3.299   8.748   1.00 16.45 ? 98  VAL A CG2 1 
ATOM   502  N  N   . ALA A 1 65 ? -8.431  6.890   10.245  1.00 16.48 ? 99  ALA A N   1 
ATOM   503  C  CA  . ALA A 1 65 ? -9.434  7.950   10.223  1.00 23.29 ? 99  ALA A CA  1 
ATOM   504  C  C   . ALA A 1 65 ? -8.843  9.322   10.548  1.00 22.01 ? 99  ALA A C   1 
ATOM   505  O  O   . ALA A 1 65 ? -9.217  10.333  9.947   1.00 20.56 ? 99  ALA A O   1 
ATOM   506  C  CB  . ALA A 1 65 ? -10.576 7.620   11.186  1.00 25.95 ? 99  ALA A CB  1 
ATOM   507  N  N   . GLN A 1 66 ? -7.919  9.355   11.501  1.00 20.75 ? 100 GLN A N   1 
ATOM   508  C  CA  . GLN A 1 66 ? -7.289  10.607  11.898  1.00 19.85 ? 100 GLN A CA  1 
ATOM   509  C  C   . GLN A 1 66 ? -6.374  11.140  10.805  1.00 18.10 ? 100 GLN A C   1 
ATOM   510  O  O   . GLN A 1 66 ? -6.184  12.345  10.688  1.00 23.90 ? 100 GLN A O   1 
ATOM   511  C  CB  . GLN A 1 66 ? -6.526  10.446  13.216  1.00 20.35 ? 100 GLN A CB  1 
ATOM   512  C  CG  . GLN A 1 66 ? -7.433  10.380  14.436  1.00 25.88 ? 100 GLN A CG  1 
ATOM   513  C  CD  . GLN A 1 66 ? -6.802  9.640   15.604  1.00 38.81 ? 100 GLN A CD  1 
ATOM   514  O  OE1 . GLN A 1 66 ? -5.599  9.383   15.617  1.00 32.80 ? 100 GLN A OE1 1 
ATOM   515  N  NE2 . GLN A 1 66 ? -7.618  9.294   16.594  1.00 42.68 ? 100 GLN A NE2 1 
ATOM   516  N  N   . VAL A 1 67 ? -5.809  10.244  10.000  1.00 23.23 ? 101 VAL A N   1 
ATOM   517  C  CA  . VAL A 1 67 ? -4.922  10.664  8.913   1.00 19.22 ? 101 VAL A CA  1 
ATOM   518  C  C   . VAL A 1 67 ? -5.712  11.224  7.729   1.00 18.95 ? 101 VAL A C   1 
ATOM   519  O  O   . VAL A 1 67 ? -5.301  12.191  7.097   1.00 17.50 ? 101 VAL A O   1 
ATOM   520  C  CB  . VAL A 1 67 ? -4.007  9.520   8.455   1.00 15.65 ? 101 VAL A CB  1 
ATOM   521  C  CG1 . VAL A 1 67 ? -3.235  9.920   7.212   1.00 20.31 ? 101 VAL A CG1 1 
ATOM   522  C  CG2 . VAL A 1 67 ? -3.059  9.136   9.569   1.00 15.15 ? 101 VAL A CG2 1 
ATOM   523  N  N   . ILE A 1 68 ? -6.854  10.617  7.431   1.00 23.98 ? 102 ILE A N   1 
ATOM   524  C  CA  A ILE A 1 68 ? -7.737  11.129  6.389   0.64 24.22 ? 102 ILE A CA  1 
ATOM   525  C  CA  B ILE A 1 68 ? -7.726  11.135  6.385   0.36 24.26 ? 102 ILE A CA  1 
ATOM   526  C  C   . ILE A 1 68 ? -8.344  12.459  6.821   1.00 26.72 ? 102 ILE A C   1 
ATOM   527  O  O   . ILE A 1 68 ? -8.209  13.468  6.135   1.00 29.49 ? 102 ILE A O   1 
ATOM   528  C  CB  A ILE A 1 68 ? -8.887  10.153  6.087   0.64 23.73 ? 102 ILE A CB  1 
ATOM   529  C  CB  B ILE A 1 68 ? -8.846  10.143  6.026   0.36 24.03 ? 102 ILE A CB  1 
ATOM   530  C  CG1 A ILE A 1 68 ? -8.343  8.793   5.651   0.64 22.92 ? 102 ILE A CG1 1 
ATOM   531  C  CG1 B ILE A 1 68 ? -8.257  8.871   5.417   0.36 22.91 ? 102 ILE A CG1 1 
ATOM   532  C  CG2 A ILE A 1 68 ? -9.798  10.732  5.017   0.64 24.47 ? 102 ILE A CG2 1 
ATOM   533  C  CG2 B ILE A 1 68 ? -9.824  10.782  5.057   0.36 24.32 ? 102 ILE A CG2 1 
ATOM   534  C  CD1 A ILE A 1 68 ? -9.416  7.730   5.518   0.64 21.98 ? 102 ILE A CD1 1 
ATOM   535  C  CD1 B ILE A 1 68 ? -7.512  9.099   4.120   0.36 22.02 ? 102 ILE A CD1 1 
ATOM   536  N  N   . ASP A 1 69 ? -9.018  12.454  7.967   1.00 25.08 ? 103 ASP A N   1 
ATOM   537  C  CA  . ASP A 1 69 ? -9.621  13.671  8.497   1.00 29.26 ? 103 ASP A CA  1 
ATOM   538  C  C   . ASP A 1 69 ? -8.608  14.822  8.547   1.00 28.22 ? 103 ASP A C   1 
ATOM   539  O  O   . ASP A 1 69 ? -8.917  15.957  8.184   1.00 28.19 ? 103 ASP A O   1 
ATOM   540  C  CB  . ASP A 1 69 ? -10.200 13.406  9.887   1.00 25.38 ? 103 ASP A CB  1 
ATOM   541  C  CG  . ASP A 1 69 ? -10.919 14.609  10.455  1.00 38.35 ? 103 ASP A CG  1 
ATOM   542  O  OD1 . ASP A 1 69 ? -11.482 15.386  9.654   1.00 45.46 ? 103 ASP A OD1 1 
ATOM   543  O  OD2 . ASP A 1 69 ? -10.923 14.779  11.694  1.00 48.34 ? 103 ASP A OD2 1 
ATOM   544  N  N   . SER A 1 70 ? -7.394  14.523  8.992   1.00 23.70 ? 104 SER A N   1 
ATOM   545  C  CA  . SER A 1 70 ? -6.346  15.533  9.066   1.00 23.51 ? 104 SER A CA  1 
ATOM   546  C  C   . SER A 1 70 ? -5.912  15.982  7.678   1.00 25.81 ? 104 SER A C   1 
ATOM   547  O  O   . SER A 1 70 ? -5.756  17.179  7.423   1.00 26.15 ? 104 SER A O   1 
ATOM   548  C  CB  . SER A 1 70 ? -5.139  14.990  9.836   1.00 23.00 ? 104 SER A CB  1 
ATOM   549  O  OG  . SER A 1 70 ? -3.978  15.772  9.609   1.00 25.05 ? 104 SER A OG  1 
ATOM   550  N  N   . ALA A 1 71 ? -5.716  15.018  6.782   1.00 22.56 ? 105 ALA A N   1 
ATOM   551  C  CA  . ALA A 1 71 ? -5.229  15.313  5.439   1.00 24.32 ? 105 ALA A CA  1 
ATOM   552  C  C   . ALA A 1 71 ? -6.182  16.236  4.707   1.00 21.86 ? 105 ALA A C   1 
ATOM   553  O  O   . ALA A 1 71 ? -5.768  17.093  3.931   1.00 24.22 ? 105 ALA A O   1 
ATOM   554  C  CB  . ALA A 1 71 ? -5.030  14.026  4.653   1.00 23.15 ? 105 ALA A CB  1 
ATOM   555  N  N   . ARG A 1 72 ? -7.468  16.059  4.976   1.00 21.03 ? 106 ARG A N   1 
ATOM   556  C  CA  . ARG A 1 72 ? -8.509  16.810  4.292   1.00 24.59 ? 106 ARG A CA  1 
ATOM   557  C  C   . ARG A 1 72 ? -8.622  18.247  4.791   1.00 28.44 ? 106 ARG A C   1 
ATOM   558  O  O   . ARG A 1 72 ? -9.201  19.100  4.120   1.00 30.20 ? 106 ARG A O   1 
ATOM   559  C  CB  . ARG A 1 72 ? -9.849  16.091  4.434   1.00 25.76 ? 106 ARG A CB  1 
ATOM   560  C  CG  . ARG A 1 72 ? -9.778  14.616  4.063   1.00 32.64 ? 106 ARG A CG  1 
ATOM   561  C  CD  . ARG A 1 72 ? -9.164  14.404  2.680   1.00 27.50 ? 106 ARG A CD  1 
ATOM   562  N  NE  . ARG A 1 72 ? -8.808  13.004  2.451   1.00 31.93 ? 106 ARG A NE  1 
ATOM   563  C  CZ  . ARG A 1 72 ? -7.589  12.588  2.115   1.00 35.21 ? 106 ARG A CZ  1 
ATOM   564  N  NH1 . ARG A 1 72 ? -6.606  13.469  1.951   1.00 29.78 ? 106 ARG A NH1 1 
ATOM   565  N  NH2 . ARG A 1 72 ? -7.351  11.293  1.930   1.00 27.83 ? 106 ARG A NH2 1 
ATOM   566  N  N   . ARG A 1 73 ? -8.067  18.513  5.968   1.00 29.53 ? 107 ARG A N   1 
ATOM   567  C  CA  . ARG A 1 73 ? -8.100  19.858  6.529   1.00 27.01 ? 107 ARG A CA  1 
ATOM   568  C  C   . ARG A 1 73 ? -6.913  20.691  6.060   1.00 22.54 ? 107 ARG A C   1 
ATOM   569  O  O   . ARG A 1 73 ? -7.052  21.885  5.816   1.00 26.28 ? 107 ARG A O   1 
ATOM   570  C  CB  . ARG A 1 73 ? -8.189  19.813  8.056   1.00 32.59 ? 107 ARG A CB  1 
ATOM   571  C  CG  . ARG A 1 73 ? -9.564  19.378  8.548   1.00 35.06 ? 107 ARG A CG  1 
ATOM   572  C  CD  . ARG A 1 73 ? -9.667  19.346  10.061  1.00 43.04 ? 107 ARG A CD  1 
ATOM   573  N  NE  . ARG A 1 73 ? -8.779  18.349  10.649  1.00 44.94 ? 107 ARG A NE  1 
ATOM   574  C  CZ  . ARG A 1 73 ? -7.851  18.618  11.560  1.00 43.41 ? 107 ARG A CZ  1 
ATOM   575  N  NH1 . ARG A 1 73 ? -7.695  19.858  12.005  1.00 50.50 ? 107 ARG A NH1 1 
ATOM   576  N  NH2 . ARG A 1 73 ? -7.085  17.647  12.039  1.00 42.23 ? 107 ARG A NH2 1 
ATOM   577  N  N   . HIS A 1 74 ? -5.751  20.060  5.928   1.00 26.33 ? 108 HIS A N   1 
ATOM   578  C  CA  . HIS A 1 74 ? -4.601  20.713  5.310   1.00 24.58 ? 108 HIS A CA  1 
ATOM   579  C  C   . HIS A 1 74 ? -4.799  20.772  3.802   1.00 24.49 ? 108 HIS A C   1 
ATOM   580  O  O   . HIS A 1 74 ? -3.978  21.329  3.073   1.00 22.58 ? 108 HIS A O   1 
ATOM   581  C  CB  . HIS A 1 74 ? -3.314  19.958  5.627   1.00 21.41 ? 108 HIS A CB  1 
ATOM   582  C  CG  . HIS A 1 74 ? -2.997  19.897  7.083   1.00 25.92 ? 108 HIS A CG  1 
ATOM   583  N  ND1 . HIS A 1 74 ? -3.721  19.130  7.971   1.00 28.69 ? 108 HIS A ND1 1 
ATOM   584  C  CD2 . HIS A 1 74 ? -2.030  20.503  7.812   1.00 29.08 ? 108 HIS A CD2 1 
ATOM   585  C  CE1 . HIS A 1 74 ? -3.217  19.271  9.184   1.00 33.14 ? 108 HIS A CE1 1 
ATOM   586  N  NE2 . HIS A 1 74 ? -2.188  20.097  9.114   1.00 32.10 ? 108 HIS A NE2 1 
ATOM   587  N  N   . GLN A 1 75 ? -5.898  20.183  3.343   1.00 26.09 ? 109 GLN A N   1 
ATOM   588  C  CA  . GLN A 1 75 ? -6.216  20.146  1.923   1.00 25.75 ? 109 GLN A CA  1 
ATOM   589  C  C   . GLN A 1 75 ? -5.137  19.437  1.110   1.00 22.20 ? 109 GLN A C   1 
ATOM   590  O  O   . GLN A 1 75 ? -4.811  19.858  -0.001  1.00 20.33 ? 109 GLN A O   1 
ATOM   591  C  CB  . GLN A 1 75 ? -6.445  21.559  1.387   1.00 25.66 ? 109 GLN A CB  1 
ATOM   592  C  CG  . GLN A 1 75 ? -7.718  22.208  1.893   1.00 23.31 ? 109 GLN A CG  1 
ATOM   593  C  CD  . GLN A 1 75 ? -7.917  23.599  1.330   1.00 29.17 ? 109 GLN A CD  1 
ATOM   594  O  OE1 . GLN A 1 75 ? -6.952  24.339  1.103   1.00 29.94 ? 109 GLN A OE1 1 
ATOM   595  N  NE2 . GLN A 1 75 ? -9.173  23.969  1.108   1.00 23.14 ? 109 GLN A NE2 1 
ATOM   596  N  N   . HIS A 1 76 ? -4.580  18.368  1.670   1.00 23.67 ? 110 HIS A N   1 
ATOM   597  C  CA  . HIS A 1 76 ? -3.652  17.517  0.930   1.00 22.52 ? 110 HIS A CA  1 
ATOM   598  C  C   . HIS A 1 76 ? -4.337  16.187  0.642   1.00 21.36 ? 110 HIS A C   1 
ATOM   599  O  O   . HIS A 1 76 ? -5.251  15.794  1.365   1.00 22.53 ? 110 HIS A O   1 
ATOM   600  C  CB  . HIS A 1 76 ? -2.347  17.308  1.708   1.00 24.52 ? 110 HIS A CB  1 
ATOM   601  C  CG  . HIS A 1 76 ? -1.586  18.572  1.962   1.00 18.26 ? 110 HIS A CG  1 
ATOM   602  N  ND1 . HIS A 1 76 ? -1.183  19.416  0.947   1.00 19.19 ? 110 HIS A ND1 1 
ATOM   603  C  CD2 . HIS A 1 76 ? -1.152  19.138  3.112   1.00 21.19 ? 110 HIS A CD2 1 
ATOM   604  C  CE1 . HIS A 1 76 ? -0.541  20.448  1.463   1.00 20.12 ? 110 HIS A CE1 1 
ATOM   605  N  NE2 . HIS A 1 76 ? -0.507  20.304  2.774   1.00 24.09 ? 110 HIS A NE2 1 
ATOM   606  N  N   . PRO A 1 77 ? -3.913  15.498  -0.429  1.00 22.94 ? 111 PRO A N   1 
ATOM   607  C  CA  . PRO A 1 77 ? -4.551  14.248  -0.845  1.00 19.74 ? 111 PRO A CA  1 
ATOM   608  C  C   . PRO A 1 77 ? -3.831  12.988  -0.358  1.00 21.74 ? 111 PRO A C   1 
ATOM   609  O  O   . PRO A 1 77 ? -3.917  11.956  -1.018  1.00 26.20 ? 111 PRO A O   1 
ATOM   610  C  CB  . PRO A 1 77 ? -4.467  14.343  -2.360  1.00 17.63 ? 111 PRO A CB  1 
ATOM   611  C  CG  . PRO A 1 77 ? -3.108  14.963  -2.575  1.00 18.81 ? 111 PRO A CG  1 
ATOM   612  C  CD  . PRO A 1 77 ? -2.878  15.910  -1.395  1.00 18.33 ? 111 PRO A CD  1 
ATOM   613  N  N   . LEU A 1 78 ? -3.146  13.066  0.777   1.00 20.13 ? 112 LEU A N   1 
ATOM   614  C  CA  . LEU A 1 78 ? -2.468  11.902  1.349   1.00 19.97 ? 112 LEU A CA  1 
ATOM   615  C  C   . LEU A 1 78 ? -3.411  10.714  1.576   1.00 29.29 ? 112 LEU A C   1 
ATOM   616  O  O   . LEU A 1 78 ? -4.361  10.799  2.357   1.00 28.68 ? 112 LEU A O   1 
ATOM   617  C  CB  . LEU A 1 78 ? -1.791  12.281  2.669   1.00 20.35 ? 112 LEU A CB  1 
ATOM   618  C  CG  . LEU A 1 78 ? -0.875  11.222  3.292   1.00 27.87 ? 112 LEU A CG  1 
ATOM   619  C  CD1 . LEU A 1 78 ? 0.299   10.903  2.365   1.00 17.88 ? 112 LEU A CD1 1 
ATOM   620  C  CD2 . LEU A 1 78 ? -0.379  11.653  4.676   1.00 17.05 ? 112 LEU A CD2 1 
ATOM   621  N  N   . GLN A 1 79 ? -3.136  9.602   0.900   1.00 29.88 ? 113 GLN A N   1 
ATOM   622  C  CA  . GLN A 1 79 ? -3.959  8.399   1.014   1.00 27.39 ? 113 GLN A CA  1 
ATOM   623  C  C   . GLN A 1 79 ? -3.436  7.483   2.117   1.00 25.40 ? 113 GLN A C   1 
ATOM   624  O  O   . GLN A 1 79 ? -2.234  7.232   2.209   1.00 21.13 ? 113 GLN A O   1 
ATOM   625  C  CB  . GLN A 1 79 ? -3.980  7.647   -0.318  1.00 34.35 ? 113 GLN A CB  1 
ATOM   626  C  CG  . GLN A 1 79 ? -4.546  8.447   -1.483  1.00 32.62 ? 113 GLN A CG  1 
ATOM   627  C  CD  . GLN A 1 79 ? -5.949  8.021   -1.865  1.00 41.95 ? 113 GLN A CD  1 
ATOM   628  O  OE1 . GLN A 1 79 ? -6.200  6.847   -2.138  1.00 46.81 ? 113 GLN A OE1 1 
ATOM   629  N  NE2 . GLN A 1 79 ? -6.870  8.977   -1.906  1.00 53.99 ? 113 GLN A NE2 1 
ATOM   630  N  N   . CYS A 1 80 ? -4.342  6.975   2.945   1.00 20.85 ? 114 CYS A N   1 
ATOM   631  C  CA  . CYS A 1 80 ? -3.947  6.142   4.074   1.00 18.77 ? 114 CYS A CA  1 
ATOM   632  C  C   . CYS A 1 80 ? -4.954  5.031   4.348   1.00 23.12 ? 114 CYS A C   1 
ATOM   633  O  O   . CYS A 1 80 ? -6.158  5.282   4.407   1.00 22.83 ? 114 CYS A O   1 
ATOM   634  C  CB  . CYS A 1 80 ? -3.785  6.999   5.323   1.00 17.77 ? 114 CYS A CB  1 
ATOM   635  S  SG  . CYS A 1 80 ? -3.368  6.048   6.775   1.00 23.42 ? 114 CYS A SG  1 
ATOM   636  N  N   . THR A 1 81 ? -4.460  3.807   4.526   1.00 20.13 ? 115 THR A N   1 
ATOM   637  C  CA  . THR A 1 81 ? -5.341  2.661   4.760   1.00 23.32 ? 115 THR A CA  1 
ATOM   638  C  C   . THR A 1 81 ? -4.667  1.585   5.616   1.00 22.68 ? 115 THR A C   1 
ATOM   639  O  O   . THR A 1 81 ? -3.531  1.757   6.058   1.00 19.25 ? 115 THR A O   1 
ATOM   640  C  CB  . THR A 1 81 ? -5.821  2.052   3.434   1.00 24.00 ? 115 THR A CB  1 
ATOM   641  O  OG1 . THR A 1 81 ? -6.752  0.993   3.689   1.00 24.56 ? 115 THR A OG1 1 
ATOM   642  C  CG2 . THR A 1 81 ? -4.639  1.512   2.656   1.00 27.16 ? 115 THR A CG2 1 
ATOM   643  N  N   . MET A 1 82 ? -5.373  0.480   5.852   1.00 23.01 ? 116 MET A N   1 
ATOM   644  C  CA  . MET A 1 82 ? -4.869  -0.584  6.716   1.00 21.76 ? 116 MET A CA  1 
ATOM   645  C  C   . MET A 1 82 ? -4.903  -1.950  6.039   1.00 21.02 ? 116 MET A C   1 
ATOM   646  O  O   . MET A 1 82 ? -5.380  -2.088  4.910   1.00 17.89 ? 116 MET A O   1 
ATOM   647  C  CB  . MET A 1 82 ? -5.660  -0.635  8.026   1.00 24.86 ? 116 MET A CB  1 
ATOM   648  C  CG  . MET A 1 82 ? -7.124  -1.002  7.850   1.00 29.16 ? 116 MET A CG  1 
ATOM   649  S  SD  . MET A 1 82 ? -8.061  -0.855  9.379   1.00 31.22 ? 116 MET A SD  1 
ATOM   650  C  CE  . MET A 1 82 ? -7.170  -2.010  10.395  1.00 30.12 ? 116 MET A CE  1 
ATOM   651  N  N   . GLU A 1 83 ? -4.396  -2.960  6.740   1.00 21.41 ? 117 GLU A N   1 
ATOM   652  C  CA  . GLU A 1 83 ? -4.342  -4.309  6.196   1.00 20.25 ? 117 GLU A CA  1 
ATOM   653  C  C   . GLU A 1 83 ? -3.819  -5.312  7.212   1.00 22.01 ? 117 GLU A C   1 
ATOM   654  O  O   . GLU A 1 83 ? -2.865  -5.028  7.935   1.00 21.67 ? 117 GLU A O   1 
ATOM   655  C  CB  . GLU A 1 83 ? -3.464  -4.332  4.950   1.00 24.34 ? 117 GLU A CB  1 
ATOM   656  C  CG  . GLU A 1 83 ? -3.665  -5.561  4.109   1.00 31.49 ? 117 GLU A CG  1 
ATOM   657  C  CD  . GLU A 1 83 ? -3.682  -5.240  2.636   1.00 37.73 ? 117 GLU A CD  1 
ATOM   658  O  OE1 . GLU A 1 83 ? -2.968  -4.301  2.229   1.00 38.87 ? 117 GLU A OE1 1 
ATOM   659  O  OE2 . GLU A 1 83 ? -4.417  -5.922  1.894   1.00 29.17 ? 117 GLU A OE2 1 
ATOM   660  N  N   . LYS A 1 84 ? -4.443  -6.487  7.252   1.00 22.63 ? 118 LYS A N   1 
ATOM   661  C  CA  . LYS A 1 84 ? -4.074  -7.530  8.207   1.00 27.34 ? 118 LYS A CA  1 
ATOM   662  C  C   . LYS A 1 84 ? -2.578  -7.823  8.194   1.00 26.81 ? 118 LYS A C   1 
ATOM   663  O  O   . LYS A 1 84 ? -2.020  -8.201  7.163   1.00 24.62 ? 118 LYS A O   1 
ATOM   664  C  CB  . LYS A 1 84 ? -4.842  -8.822  7.924   1.00 28.92 ? 118 LYS A CB  1 
ATOM   665  C  CG  . LYS A 1 84 ? -6.344  -8.695  8.056   1.00 30.86 ? 118 LYS A CG  1 
ATOM   666  C  CD  . LYS A 1 84 ? -7.023  -10.060 8.029   1.00 40.70 ? 118 LYS A CD  1 
ATOM   667  C  CE  . LYS A 1 84 ? -6.439  -10.983 9.084   1.00 36.80 ? 118 LYS A CE  1 
ATOM   668  N  NZ  . LYS A 1 84 ? -6.405  -10.322 10.417  1.00 33.40 ? 118 LYS A NZ  1 
ATOM   669  N  N   . ASP A 1 85 ? -1.939  -7.647  9.347   1.00 25.44 ? 119 ASP A N   1 
ATOM   670  C  CA  . ASP A 1 85 ? -0.529  -7.977  9.515   1.00 27.33 ? 119 ASP A CA  1 
ATOM   671  C  C   . ASP A 1 85 ? -0.367  -9.490  9.617   1.00 39.25 ? 119 ASP A C   1 
ATOM   672  O  O   . ASP A 1 85 ? 0.717   -9.996  9.910   1.00 45.14 ? 119 ASP A O   1 
ATOM   673  C  CB  . ASP A 1 85 ? 0.025   -7.299  10.770  1.00 31.29 ? 119 ASP A CB  1 
ATOM   674  C  CG  . ASP A 1 85 ? 1.451   -7.716  11.082  1.00 33.70 ? 119 ASP A CG  1 
ATOM   675  O  OD1 . ASP A 1 85 ? 2.325   -7.583  10.195  1.00 33.38 ? 119 ASP A OD1 1 
ATOM   676  O  OD2 . ASP A 1 85 ? 1.700   -8.167  12.222  1.00 33.57 ? 119 ASP A OD2 1 
ATOM   677  O  OXT . ASP A 1 85 ? -1.324  -10.238 9.415   1.00 40.17 ? 119 ASP A OXT 1 
ATOM   678  N  N   . PRO B 1 4  ? 16.364  -14.673 8.015   1.00 32.00 ? 38  PRO B N   1 
ATOM   679  C  CA  . PRO B 1 4  ? 15.610  -14.795 6.761   1.00 41.75 ? 38  PRO B CA  1 
ATOM   680  C  C   . PRO B 1 4  ? 14.312  -13.993 6.808   1.00 38.41 ? 38  PRO B C   1 
ATOM   681  O  O   . PRO B 1 4  ? 13.245  -14.580 6.989   1.00 33.44 ? 38  PRO B O   1 
ATOM   682  C  CB  . PRO B 1 4  ? 15.274  -16.298 6.690   1.00 29.70 ? 38  PRO B CB  1 
ATOM   683  C  CG  . PRO B 1 4  ? 15.970  -16.941 7.873   1.00 43.19 ? 38  PRO B CG  1 
ATOM   684  C  CD  . PRO B 1 4  ? 16.195  -15.858 8.869   1.00 42.47 ? 38  PRO B CD  1 
ATOM   685  N  N   . SER B 1 5  ? 14.401  -12.674 6.657   1.00 41.61 ? 39  SER B N   1 
ATOM   686  C  CA  . SER B 1 5  ? 13.215  -11.828 6.726   1.00 36.26 ? 39  SER B CA  1 
ATOM   687  C  C   . SER B 1 5  ? 12.408  -11.956 5.449   1.00 27.27 ? 39  SER B C   1 
ATOM   688  O  O   . SER B 1 5  ? 12.947  -12.313 4.404   1.00 29.20 ? 39  SER B O   1 
ATOM   689  C  CB  . SER B 1 5  ? 13.590  -10.364 6.959   1.00 41.76 ? 39  SER B CB  1 
ATOM   690  O  OG  . SER B 1 5  ? 12.429  -9.544  6.986   1.00 38.89 ? 39  SER B OG  1 
ATOM   691  N  N   . LEU B 1 6  ? 11.114  -11.670 5.538   1.00 27.97 ? 40  LEU B N   1 
ATOM   692  C  CA  . LEU B 1 6  ? 10.233  -11.780 4.381   1.00 25.66 ? 40  LEU B CA  1 
ATOM   693  C  C   . LEU B 1 6  ? 9.691   -10.420 3.955   1.00 24.22 ? 40  LEU B C   1 
ATOM   694  O  O   . LEU B 1 6  ? 9.833   -9.429  4.675   1.00 25.94 ? 40  LEU B O   1 
ATOM   695  C  CB  . LEU B 1 6  ? 9.084   -12.751 4.662   1.00 23.36 ? 40  LEU B CB  1 
ATOM   696  C  CG  . LEU B 1 6  ? 9.477   -14.177 5.046   1.00 18.83 ? 40  LEU B CG  1 
ATOM   697  C  CD1 . LEU B 1 6  ? 8.317   -15.115 4.805   1.00 20.59 ? 40  LEU B CD1 1 
ATOM   698  C  CD2 . LEU B 1 6  ? 10.681  -14.628 4.249   1.00 24.13 ? 40  LEU B CD2 1 
ATOM   699  N  N   . TYR B 1 7  ? 9.070   -10.384 2.779   1.00 22.93 ? 41  TYR B N   1 
ATOM   700  C  CA  . TYR B 1 7  ? 8.555   -9.143  2.217   1.00 22.05 ? 41  TYR B CA  1 
ATOM   701  C  C   . TYR B 1 7  ? 7.188   -9.353  1.587   1.00 18.10 ? 41  TYR B C   1 
ATOM   702  O  O   . TYR B 1 7  ? 6.964   -10.335 0.878   1.00 15.83 ? 41  TYR B O   1 
ATOM   703  C  CB  . TYR B 1 7  ? 9.533   -8.576  1.185   1.00 19.20 ? 41  TYR B CB  1 
ATOM   704  C  CG  . TYR B 1 7  ? 10.805  -8.024  1.789   1.00 21.85 ? 41  TYR B CG  1 
ATOM   705  C  CD1 . TYR B 1 7  ? 11.753  -8.871  2.351   1.00 22.40 ? 41  TYR B CD1 1 
ATOM   706  C  CD2 . TYR B 1 7  ? 11.059  -6.658  1.800   1.00 26.94 ? 41  TYR B CD2 1 
ATOM   707  C  CE1 . TYR B 1 7  ? 12.920  -8.371  2.911   1.00 27.06 ? 41  TYR B CE1 1 
ATOM   708  C  CE2 . TYR B 1 7  ? 12.225  -6.147  2.354   1.00 26.16 ? 41  TYR B CE2 1 
ATOM   709  C  CZ  . TYR B 1 7  ? 13.151  -7.010  2.911   1.00 28.36 ? 41  TYR B CZ  1 
ATOM   710  O  OH  . TYR B 1 7  ? 14.309  -6.507  3.463   1.00 31.13 ? 41  TYR B OH  1 
ATOM   711  N  N   . ARG B 1 8  ? 6.280   -8.422  1.859   1.00 18.13 ? 42  ARG B N   1 
ATOM   712  C  CA  . ARG B 1 8  ? 4.928   -8.464  1.320   1.00 18.41 ? 42  ARG B CA  1 
ATOM   713  C  C   . ARG B 1 8  ? 4.868   -7.821  -0.060  1.00 20.68 ? 42  ARG B C   1 
ATOM   714  O  O   . ARG B 1 8  ? 5.490   -6.785  -0.305  1.00 21.87 ? 42  ARG B O   1 
ATOM   715  C  CB  . ARG B 1 8  ? 3.958   -7.753  2.263   1.00 19.64 ? 42  ARG B CB  1 
ATOM   716  C  CG  . ARG B 1 8  ? 4.044   -8.229  3.703   1.00 21.27 ? 42  ARG B CG  1 
ATOM   717  C  CD  . ARG B 1 8  ? 2.929   -7.637  4.533   1.00 18.88 ? 42  ARG B CD  1 
ATOM   718  N  NE  . ARG B 1 8  ? 2.584   -8.506  5.650   1.00 23.36 ? 42  ARG B NE  1 
ATOM   719  C  CZ  . ARG B 1 8  ? 1.358   -8.624  6.143   1.00 23.98 ? 42  ARG B CZ  1 
ATOM   720  N  NH1 . ARG B 1 8  ? 0.364   -7.930  5.607   1.00 21.88 ? 42  ARG B NH1 1 
ATOM   721  N  NH2 . ARG B 1 8  ? 1.125   -9.439  7.160   1.00 24.99 ? 42  ARG B NH2 1 
ATOM   722  N  N   . VAL B 1 9  ? 4.126   -8.448  -0.965  1.00 16.17 ? 43  VAL B N   1 
ATOM   723  C  CA  . VAL B 1 9  ? 3.927   -7.895  -2.292  1.00 14.05 ? 43  VAL B CA  1 
ATOM   724  C  C   . VAL B 1 9  ? 2.504   -7.359  -2.392  1.00 16.01 ? 43  VAL B C   1 
ATOM   725  O  O   . VAL B 1 9  ? 1.533   -8.104  -2.257  1.00 14.75 ? 43  VAL B O   1 
ATOM   726  C  CB  . VAL B 1 9  ? 4.187   -8.944  -3.381  1.00 16.24 ? 43  VAL B CB  1 
ATOM   727  C  CG1 . VAL B 1 9  ? 3.898   -8.364  -4.757  1.00 19.25 ? 43  VAL B CG1 1 
ATOM   728  C  CG2 . VAL B 1 9  ? 5.619   -9.441  -3.303  1.00 14.17 ? 43  VAL B CG2 1 
ATOM   729  N  N   . LEU B 1 10 ? 2.392   -6.054  -2.613  1.00 17.67 ? 44  LEU B N   1 
ATOM   730  C  CA  . LEU B 1 10 ? 1.106   -5.382  -2.622  1.00 15.22 ? 44  LEU B CA  1 
ATOM   731  C  C   . LEU B 1 10 ? 0.793   -4.861  -4.011  1.00 17.42 ? 44  LEU B C   1 
ATOM   732  O  O   . LEU B 1 10 ? 1.697   -4.633  -4.815  1.00 22.37 ? 44  LEU B O   1 
ATOM   733  C  CB  . LEU B 1 10 ? 1.122   -4.205  -1.645  1.00 14.29 ? 44  LEU B CB  1 
ATOM   734  C  CG  . LEU B 1 10 ? 1.884   -4.366  -0.326  1.00 15.22 ? 44  LEU B CG  1 
ATOM   735  C  CD1 . LEU B 1 10 ? 2.175   -3.007  0.291   1.00 17.53 ? 44  LEU B CD1 1 
ATOM   736  C  CD2 . LEU B 1 10 ? 1.128   -5.245  0.652   1.00 17.99 ? 44  LEU B CD2 1 
ATOM   737  N  N   . ILE B 1 11 ? -0.492  -4.682  -4.294  1.00 18.25 ? 45  ILE B N   1 
ATOM   738  C  CA  . ILE B 1 11 ? -0.918  -3.915  -5.459  1.00 21.83 ? 45  ILE B CA  1 
ATOM   739  C  C   . ILE B 1 11 ? -1.797  -2.755  -5.006  1.00 18.52 ? 45  ILE B C   1 
ATOM   740  O  O   . ILE B 1 11 ? -2.529  -2.863  -4.027  1.00 20.43 ? 45  ILE B O   1 
ATOM   741  C  CB  . ILE B 1 11 ? -1.702  -4.771  -6.476  1.00 22.24 ? 45  ILE B CB  1 
ATOM   742  C  CG1 . ILE B 1 11 ? -2.801  -5.570  -5.766  1.00 21.12 ? 45  ILE B CG1 1 
ATOM   743  C  CG2 . ILE B 1 11 ? -0.755  -5.679  -7.266  1.00 17.37 ? 45  ILE B CG2 1 
ATOM   744  C  CD1 . ILE B 1 11 ? -3.739  -6.273  -6.713  1.00 20.47 ? 45  ILE B CD1 1 
ATOM   745  N  N   . LEU B 1 12 ? -1.721  -1.642  -5.717  1.00 22.11 ? 46  LEU B N   1 
ATOM   746  C  CA  . LEU B 1 12 ? -2.498  -0.467  -5.355  1.00 19.57 ? 46  LEU B CA  1 
ATOM   747  C  C   . LEU B 1 12 ? -3.714  -0.341  -6.262  1.00 20.16 ? 46  LEU B C   1 
ATOM   748  O  O   . LEU B 1 12 ? -3.669  -0.718  -7.434  1.00 19.46 ? 46  LEU B O   1 
ATOM   749  C  CB  . LEU B 1 12 ? -1.625  0.787   -5.442  1.00 22.28 ? 46  LEU B CB  1 
ATOM   750  C  CG  . LEU B 1 12 ? -0.285  0.692   -4.705  1.00 27.49 ? 46  LEU B CG  1 
ATOM   751  C  CD1 . LEU B 1 12 ? 0.622   1.861   -5.046  1.00 27.29 ? 46  LEU B CD1 1 
ATOM   752  C  CD2 . LEU B 1 12 ? -0.511  0.610   -3.204  1.00 29.20 ? 46  LEU B CD2 1 
ATOM   753  N  N   . ASN B 1 13 ? -4.806  0.185   -5.718  1.00 21.24 ? 47  ASN B N   1 
ATOM   754  C  CA  . ASN B 1 13 ? -6.009  0.391   -6.509  1.00 20.17 ? 47  ASN B CA  1 
ATOM   755  C  C   . ASN B 1 13 ? -5.915  1.627   -7.390  1.00 22.14 ? 47  ASN B C   1 
ATOM   756  O  O   . ASN B 1 13 ? -5.445  2.679   -6.950  1.00 24.17 ? 47  ASN B O   1 
ATOM   757  C  CB  . ASN B 1 13 ? -7.239  0.512   -5.612  1.00 19.69 ? 47  ASN B CB  1 
ATOM   758  C  CG  . ASN B 1 13 ? -8.522  0.680   -6.407  1.00 19.96 ? 47  ASN B CG  1 
ATOM   759  O  OD1 . ASN B 1 13 ? -8.881  -0.178  -7.212  1.00 19.02 ? 47  ASN B OD1 1 
ATOM   760  N  ND2 . ASN B 1 13 ? -9.218  1.789   -6.183  1.00 17.22 ? 47  ASN B ND2 1 
ATOM   761  N  N   . ASP B 1 14 ? -6.363  1.488   -8.634  1.00 20.59 ? 48  ASP B N   1 
ATOM   762  C  CA  . ASP B 1 14 ? -6.500  2.622   -9.543  1.00 22.65 ? 48  ASP B CA  1 
ATOM   763  C  C   . ASP B 1 14 ? -7.871  2.555   -10.200 1.00 20.64 ? 48  ASP B C   1 
ATOM   764  O  O   . ASP B 1 14 ? -8.591  1.579   -10.029 1.00 22.59 ? 48  ASP B O   1 
ATOM   765  C  CB  . ASP B 1 14 ? -5.383  2.632   -10.589 1.00 20.54 ? 48  ASP B CB  1 
ATOM   766  C  CG  . ASP B 1 14 ? -5.443  1.440   -11.515 1.00 24.63 ? 48  ASP B CG  1 
ATOM   767  O  OD1 . ASP B 1 14 ? -6.268  1.457   -12.455 1.00 26.25 ? 48  ASP B OD1 1 
ATOM   768  O  OD2 . ASP B 1 14 ? -4.657  0.492   -11.301 1.00 21.15 ? 48  ASP B OD2 1 
ATOM   769  N  N   . ASP B 1 15 ? -8.237  3.586   -10.948 1.00 21.99 ? 49  ASP B N   1 
ATOM   770  C  CA  . ASP B 1 15 ? -9.605  3.695   -11.446 1.00 24.63 ? 49  ASP B CA  1 
ATOM   771  C  C   . ASP B 1 15 ? -9.774  3.251   -12.897 1.00 23.89 ? 49  ASP B C   1 
ATOM   772  O  O   . ASP B 1 15 ? -10.878 3.292   -13.442 1.00 25.06 ? 49  ASP B O   1 
ATOM   773  C  CB  . ASP B 1 15 ? -10.095 5.136   -11.295 1.00 27.39 ? 49  ASP B CB  1 
ATOM   774  C  CG  . ASP B 1 15 ? -10.337 5.519   -9.850  1.00 37.45 ? 49  ASP B CG  1 
ATOM   775  O  OD1 . ASP B 1 15 ? -11.167 4.854   -9.197  1.00 34.34 ? 49  ASP B OD1 1 
ATOM   776  O  OD2 . ASP B 1 15 ? -9.707  6.485   -9.369  1.00 44.83 ? 49  ASP B OD2 1 
ATOM   777  N  N   . TYR B 1 16 ? -8.691  2.821   -13.528 1.00 22.95 ? 50  TYR B N   1 
ATOM   778  C  CA  . TYR B 1 16 ? -8.730  2.584   -14.965 1.00 25.07 ? 50  TYR B CA  1 
ATOM   779  C  C   . TYR B 1 16 ? -8.445  1.142   -15.371 1.00 21.76 ? 50  TYR B C   1 
ATOM   780  O  O   . TYR B 1 16 ? -8.962  0.665   -16.376 1.00 24.82 ? 50  TYR B O   1 
ATOM   781  C  CB  . TYR B 1 16 ? -7.795  3.565   -15.675 1.00 22.43 ? 50  TYR B CB  1 
ATOM   782  C  CG  . TYR B 1 16 ? -8.028  4.993   -15.236 1.00 25.34 ? 50  TYR B CG  1 
ATOM   783  C  CD1 . TYR B 1 16 ? -8.949  5.804   -15.889 1.00 19.11 ? 50  TYR B CD1 1 
ATOM   784  C  CD2 . TYR B 1 16 ? -7.345  5.523   -14.148 1.00 26.65 ? 50  TYR B CD2 1 
ATOM   785  C  CE1 . TYR B 1 16 ? -9.167  7.108   -15.484 1.00 23.82 ? 50  TYR B CE1 1 
ATOM   786  C  CE2 . TYR B 1 16 ? -7.557  6.826   -13.731 1.00 23.29 ? 50  TYR B CE2 1 
ATOM   787  C  CZ  . TYR B 1 16 ? -8.470  7.613   -14.402 1.00 26.17 ? 50  TYR B CZ  1 
ATOM   788  O  OH  . TYR B 1 16 ? -8.685  8.908   -13.988 1.00 29.93 ? 50  TYR B OH  1 
ATOM   789  N  N   . THR B 1 17 ? -7.638  0.450   -14.578 1.00 20.29 ? 51  THR B N   1 
ATOM   790  C  CA  . THR B 1 17 ? -7.324  -0.950  -14.845 1.00 21.06 ? 51  THR B CA  1 
ATOM   791  C  C   . THR B 1 17 ? -8.567  -1.844  -14.748 1.00 21.75 ? 51  THR B C   1 
ATOM   792  O  O   . THR B 1 17 ? -9.291  -1.802  -13.757 1.00 18.55 ? 51  THR B O   1 
ATOM   793  C  CB  . THR B 1 17 ? -6.242  -1.465  -13.879 1.00 21.33 ? 51  THR B CB  1 
ATOM   794  O  OG1 . THR B 1 17 ? -5.098  -0.606  -13.944 1.00 21.54 ? 51  THR B OG1 1 
ATOM   795  C  CG2 . THR B 1 17 ? -5.829  -2.885  -14.236 1.00 19.24 ? 51  THR B CG2 1 
ATOM   796  N  N   . PRO B 1 18 ? -8.817  -2.655  -15.788 1.00 19.61 ? 52  PRO B N   1 
ATOM   797  C  CA  . PRO B 1 18 ? -9.957  -3.577  -15.830 1.00 18.92 ? 52  PRO B CA  1 
ATOM   798  C  C   . PRO B 1 18 ? -9.923  -4.594  -14.700 1.00 23.23 ? 52  PRO B C   1 
ATOM   799  O  O   . PRO B 1 18 ? -8.841  -5.017  -14.290 1.00 24.91 ? 52  PRO B O   1 
ATOM   800  C  CB  . PRO B 1 18 ? -9.778  -4.291  -17.176 1.00 19.01 ? 52  PRO B CB  1 
ATOM   801  C  CG  . PRO B 1 18 ? -9.017  -3.336  -18.004 1.00 20.33 ? 52  PRO B CG  1 
ATOM   802  C  CD  . PRO B 1 18 ? -8.077  -2.644  -17.057 1.00 20.89 ? 52  PRO B CD  1 
ATOM   803  N  N   . MET B 1 19 ? -11.098 -4.980  -14.208 1.00 22.77 ? 53  MET B N   1 
ATOM   804  C  CA  . MET B 1 19 ? -11.202 -5.985  -13.157 1.00 22.29 ? 53  MET B CA  1 
ATOM   805  C  C   . MET B 1 19 ? -10.650 -7.318  -13.634 1.00 22.63 ? 53  MET B C   1 
ATOM   806  O  O   . MET B 1 19 ? -10.039 -8.068  -12.869 1.00 22.94 ? 53  MET B O   1 
ATOM   807  C  CB  . MET B 1 19 ? -12.660 -6.175  -12.745 1.00 25.33 ? 53  MET B CB  1 
ATOM   808  C  CG  . MET B 1 19 ? -13.282 -4.955  -12.110 1.00 29.98 ? 53  MET B CG  1 
ATOM   809  S  SD  . MET B 1 19 ? -14.832 -5.335  -11.280 1.00 36.09 ? 53  MET B SD  1 
ATOM   810  C  CE  . MET B 1 19 ? -14.783 -4.118  -9.965  1.00 31.07 ? 53  MET B CE  1 
ATOM   811  N  N   . GLU B 1 20 ? -10.870 -7.605  -14.910 1.00 21.46 ? 54  GLU B N   1 
ATOM   812  C  CA  . GLU B 1 20 ? -10.494 -8.890  -15.469 1.00 21.14 ? 54  GLU B CA  1 
ATOM   813  C  C   . GLU B 1 20 ? -8.988  -9.059  -15.533 1.00 20.71 ? 54  GLU B C   1 
ATOM   814  O  O   . GLU B 1 20 ? -8.478  -10.159 -15.320 1.00 25.94 ? 54  GLU B O   1 
ATOM   815  C  CB  . GLU B 1 20 ? -11.111 -9.081  -16.853 1.00 28.81 ? 54  GLU B CB  1 
ATOM   816  C  CG  . GLU B 1 20 ? -11.366 -10.545 -17.200 1.00 35.45 ? 54  GLU B CG  1 
ATOM   817  C  CD  . GLU B 1 20 ? -12.268 -11.229 -16.182 1.00 36.37 ? 54  GLU B CD  1 
ATOM   818  O  OE1 . GLU B 1 20 ? -12.370 -12.474 -16.201 1.00 29.34 ? 54  GLU B OE1 1 
ATOM   819  O  OE2 . GLU B 1 20 ? -12.876 -10.517 -15.358 1.00 44.96 ? 54  GLU B OE2 1 
ATOM   820  N  N   . PHE B 1 21 ? -8.276  -7.975  -15.823 1.00 22.82 ? 55  PHE B N   1 
ATOM   821  C  CA  . PHE B 1 21 ? -6.817  -8.035  -15.896 1.00 22.69 ? 55  PHE B CA  1 
ATOM   822  C  C   . PHE B 1 21 ? -6.194  -8.250  -14.522 1.00 19.86 ? 55  PHE B C   1 
ATOM   823  O  O   . PHE B 1 21 ? -5.194  -8.955  -14.387 1.00 15.61 ? 55  PHE B O   1 
ATOM   824  C  CB  . PHE B 1 21 ? -6.253  -6.764  -16.519 1.00 17.71 ? 55  PHE B CB  1 
ATOM   825  C  CG  . PHE B 1 21 ? -4.755  -6.701  -16.508 1.00 19.68 ? 55  PHE B CG  1 
ATOM   826  C  CD1 . PHE B 1 21 ? -4.003  -7.605  -17.242 1.00 18.50 ? 55  PHE B CD1 1 
ATOM   827  C  CD2 . PHE B 1 21 ? -4.096  -5.732  -15.768 1.00 21.09 ? 55  PHE B CD2 1 
ATOM   828  C  CE1 . PHE B 1 21 ? -2.619  -7.547  -17.232 1.00 25.71 ? 55  PHE B CE1 1 
ATOM   829  C  CE2 . PHE B 1 21 ? -2.715  -5.661  -15.757 1.00 20.99 ? 55  PHE B CE2 1 
ATOM   830  C  CZ  . PHE B 1 21 ? -1.973  -6.571  -16.490 1.00 25.89 ? 55  PHE B CZ  1 
ATOM   831  N  N   . VAL B 1 22 ? -6.790  -7.635  -13.505 1.00 22.22 ? 56  VAL B N   1 
ATOM   832  C  CA  . VAL B 1 22 ? -6.331  -7.810  -12.135 1.00 19.21 ? 56  VAL B CA  1 
ATOM   833  C  C   . VAL B 1 22 ? -6.516  -9.265  -11.702 1.00 22.95 ? 56  VAL B C   1 
ATOM   834  O  O   . VAL B 1 22 ? -5.640  -9.847  -11.066 1.00 21.46 ? 56  VAL B O   1 
ATOM   835  C  CB  . VAL B 1 22 ? -7.069  -6.868  -11.167 1.00 21.40 ? 56  VAL B CB  1 
ATOM   836  C  CG1 . VAL B 1 22 ? -6.369  -6.838  -9.811  1.00 17.02 ? 56  VAL B CG1 1 
ATOM   837  C  CG2 . VAL B 1 22 ? -7.150  -5.466  -11.751 1.00 19.34 ? 56  VAL B CG2 1 
ATOM   838  N  N   . VAL B 1 23 ? -7.656  -9.848  -12.060 1.00 23.52 ? 57  VAL B N   1 
ATOM   839  C  CA  . VAL B 1 23 ? -7.923  -11.255 -11.770 1.00 24.09 ? 57  VAL B CA  1 
ATOM   840  C  C   . VAL B 1 23 ? -6.979  -12.166 -12.547 1.00 22.85 ? 57  VAL B C   1 
ATOM   841  O  O   . VAL B 1 23 ? -6.486  -13.163 -12.023 1.00 21.99 ? 57  VAL B O   1 
ATOM   842  C  CB  . VAL B 1 23 ? -9.381  -11.633 -12.097 1.00 23.44 ? 57  VAL B CB  1 
ATOM   843  C  CG1 . VAL B 1 23 ? -9.537  -13.141 -12.212 1.00 23.69 ? 57  VAL B CG1 1 
ATOM   844  C  CG2 . VAL B 1 23 ? -10.308 -11.074 -11.038 1.00 22.90 ? 57  VAL B CG2 1 
ATOM   845  N  N   . TYR B 1 24 ? -6.740  -11.817 -13.805 1.00 24.09 ? 58  TYR B N   1 
ATOM   846  C  CA  . TYR B 1 24 ? -5.778  -12.530 -14.633 1.00 19.69 ? 58  TYR B CA  1 
ATOM   847  C  C   . TYR B 1 24 ? -4.390  -12.504 -14.000 1.00 20.12 ? 58  TYR B C   1 
ATOM   848  O  O   . TYR B 1 24 ? -3.684  -13.509 -13.993 1.00 22.92 ? 58  TYR B O   1 
ATOM   849  C  CB  . TYR B 1 24 ? -5.741  -11.901 -16.027 1.00 26.51 ? 58  TYR B CB  1 
ATOM   850  C  CG  . TYR B 1 24 ? -4.516  -12.234 -16.846 1.00 31.10 ? 58  TYR B CG  1 
ATOM   851  C  CD1 . TYR B 1 24 ? -4.441  -13.416 -17.576 1.00 34.77 ? 58  TYR B CD1 1 
ATOM   852  C  CD2 . TYR B 1 24 ? -3.442  -11.355 -16.911 1.00 30.24 ? 58  TYR B CD2 1 
ATOM   853  C  CE1 . TYR B 1 24 ? -3.323  -13.719 -18.336 1.00 32.00 ? 58  TYR B CE1 1 
ATOM   854  C  CE2 . TYR B 1 24 ? -2.323  -11.649 -17.665 1.00 34.61 ? 58  TYR B CE2 1 
ATOM   855  C  CZ  . TYR B 1 24 ? -2.267  -12.830 -18.377 1.00 37.49 ? 58  TYR B CZ  1 
ATOM   856  O  OH  . TYR B 1 24 ? -1.149  -13.116 -19.130 1.00 39.24 ? 58  TYR B OH  1 
ATOM   857  N  N   . VAL B 1 25 ? -4.006  -11.351 -13.462 1.00 18.04 ? 59  VAL B N   1 
ATOM   858  C  CA  . VAL B 1 25 ? -2.685  -11.196 -12.850 1.00 22.37 ? 59  VAL B CA  1 
ATOM   859  C  C   . VAL B 1 25 ? -2.495  -12.091 -11.622 1.00 20.32 ? 59  VAL B C   1 
ATOM   860  O  O   . VAL B 1 25 ? -1.507  -12.818 -11.518 1.00 19.24 ? 59  VAL B O   1 
ATOM   861  C  CB  . VAL B 1 25 ? -2.387  -9.706  -12.508 1.00 18.71 ? 59  VAL B CB  1 
ATOM   862  C  CG1 . VAL B 1 25 ? -1.536  -9.582  -11.257 1.00 11.69 ? 59  VAL B CG1 1 
ATOM   863  C  CG2 . VAL B 1 25 ? -1.716  -9.026  -13.685 1.00 18.64 ? 59  VAL B CG2 1 
ATOM   864  N  N   . LEU B 1 26 ? -3.451  -12.047 -10.701 1.00 18.48 ? 60  LEU B N   1 
ATOM   865  C  CA  . LEU B 1 26 ? -3.350  -12.802 -9.460  1.00 15.31 ? 60  LEU B CA  1 
ATOM   866  C  C   . LEU B 1 26 ? -3.313  -14.303 -9.726  1.00 18.58 ? 60  LEU B C   1 
ATOM   867  O  O   . LEU B 1 26 ? -2.535  -15.029 -9.117  1.00 21.83 ? 60  LEU B O   1 
ATOM   868  C  CB  . LEU B 1 26 ? -4.513  -12.447 -8.535  1.00 22.30 ? 60  LEU B CB  1 
ATOM   869  C  CG  . LEU B 1 26 ? -4.472  -11.039 -7.942  1.00 22.70 ? 60  LEU B CG  1 
ATOM   870  C  CD1 . LEU B 1 26 ? -5.868  -10.548 -7.585  1.00 20.63 ? 60  LEU B CD1 1 
ATOM   871  C  CD2 . LEU B 1 26 ? -3.550  -11.004 -6.733  1.00 18.23 ? 60  LEU B CD2 1 
ATOM   872  N  N   . GLU B 1 27 ? -4.157  -14.761 -10.640 1.00 21.48 ? 61  GLU B N   1 
ATOM   873  C  CA  . GLU B 1 27 ? -4.199  -16.172 -11.010 1.00 24.23 ? 61  GLU B CA  1 
ATOM   874  C  C   . GLU B 1 27 ? -2.877  -16.622 -11.620 1.00 21.10 ? 61  GLU B C   1 
ATOM   875  O  O   . GLU B 1 27 ? -2.447  -17.759 -11.436 1.00 17.82 ? 61  GLU B O   1 
ATOM   876  C  CB  . GLU B 1 27 ? -5.327  -16.431 -12.017 1.00 25.37 ? 61  GLU B CB  1 
ATOM   877  C  CG  . GLU B 1 27 ? -6.726  -16.530 -11.423 1.00 25.21 ? 61  GLU B CG  1 
ATOM   878  C  CD  . GLU B 1 27 ? -7.751  -17.000 -12.444 1.00 29.15 ? 61  GLU B CD  1 
ATOM   879  O  OE1 . GLU B 1 27 ? -7.990  -16.273 -13.433 1.00 34.59 ? 61  GLU B OE1 1 
ATOM   880  O  OE2 . GLU B 1 27 ? -8.320  -18.096 -12.260 1.00 29.22 ? 61  GLU B OE2 1 
ATOM   881  N  N   . ARG B 1 28 ? -2.240  -15.715 -12.351 1.00 21.62 ? 62  ARG B N   1 
ATOM   882  C  CA  . ARG B 1 28 ? -1.070  -16.047 -13.161 1.00 21.96 ? 62  ARG B CA  1 
ATOM   883  C  C   . ARG B 1 28 ? 0.260   -15.839 -12.442 1.00 23.11 ? 62  ARG B C   1 
ATOM   884  O  O   . ARG B 1 28 ? 1.174   -16.651 -12.574 1.00 21.09 ? 62  ARG B O   1 
ATOM   885  C  CB  . ARG B 1 28 ? -1.097  -15.233 -14.459 1.00 24.41 ? 62  ARG B CB  1 
ATOM   886  C  CG  . ARG B 1 28 ? 0.207   -15.191 -15.222 1.00 24.95 ? 62  ARG B CG  1 
ATOM   887  C  CD  . ARG B 1 28 ? -0.045  -14.864 -16.682 1.00 38.12 ? 62  ARG B CD  1 
ATOM   888  N  NE  . ARG B 1 28 ? 1.184   -14.701 -17.451 1.00 38.58 ? 62  ARG B NE  1 
ATOM   889  C  CZ  . ARG B 1 28 ? 2.074   -15.671 -17.629 1.00 52.65 ? 62  ARG B CZ  1 
ATOM   890  N  NH1 . ARG B 1 28 ? 1.870   -16.867 -17.087 1.00 50.67 ? 62  ARG B NH1 1 
ATOM   891  N  NH2 . ARG B 1 28 ? 3.174   -15.445 -18.334 1.00 61.06 ? 62  ARG B NH2 1 
ATOM   892  N  N   . PHE B 1 29 ? 0.368   -14.756 -11.679 1.00 17.61 ? 63  PHE B N   1 
ATOM   893  C  CA  . PHE B 1 29 ? 1.630   -14.420 -11.035 1.00 16.35 ? 63  PHE B CA  1 
ATOM   894  C  C   . PHE B 1 29 ? 1.669   -14.785 -9.555  1.00 18.17 ? 63  PHE B C   1 
ATOM   895  O  O   . PHE B 1 29 ? 2.743   -14.826 -8.951  1.00 19.12 ? 63  PHE B O   1 
ATOM   896  C  CB  . PHE B 1 29 ? 1.933   -12.931 -11.209 1.00 19.01 ? 63  PHE B CB  1 
ATOM   897  C  CG  . PHE B 1 29 ? 2.083   -12.508 -12.640 1.00 20.24 ? 63  PHE B CG  1 
ATOM   898  C  CD1 . PHE B 1 29 ? 3.263   -12.744 -13.326 1.00 22.12 ? 63  PHE B CD1 1 
ATOM   899  C  CD2 . PHE B 1 29 ? 1.048   -11.873 -13.301 1.00 21.77 ? 63  PHE B CD2 1 
ATOM   900  C  CE1 . PHE B 1 29 ? 3.405   -12.355 -14.643 1.00 23.23 ? 63  PHE B CE1 1 
ATOM   901  C  CE2 . PHE B 1 29 ? 1.184   -11.482 -14.618 1.00 20.85 ? 63  PHE B CE2 1 
ATOM   902  C  CZ  . PHE B 1 29 ? 2.364   -11.724 -15.289 1.00 19.91 ? 63  PHE B CZ  1 
ATOM   903  N  N   . PHE B 1 30 ? 0.507   -15.055 -8.968  1.00 16.25 ? 64  PHE B N   1 
ATOM   904  C  CA  . PHE B 1 30 ? 0.442   -15.321 -7.530  1.00 19.32 ? 64  PHE B CA  1 
ATOM   905  C  C   . PHE B 1 30 ? -0.156  -16.683 -7.198  1.00 19.22 ? 64  PHE B C   1 
ATOM   906  O  O   . PHE B 1 30 ? -0.270  -17.056 -6.030  1.00 19.22 ? 64  PHE B O   1 
ATOM   907  C  CB  . PHE B 1 30 ? -0.293  -14.191 -6.803  1.00 14.51 ? 64  PHE B CB  1 
ATOM   908  C  CG  . PHE B 1 30 ? 0.367   -12.855 -6.967  1.00 13.92 ? 64  PHE B CG  1 
ATOM   909  C  CD1 . PHE B 1 30 ? 1.471   -12.519 -6.200  1.00 14.96 ? 64  PHE B CD1 1 
ATOM   910  C  CD2 . PHE B 1 30 ? -0.088  -11.954 -7.910  1.00 13.68 ? 64  PHE B CD2 1 
ATOM   911  C  CE1 . PHE B 1 30 ? 2.098   -11.299 -6.358  1.00 14.76 ? 64  PHE B CE1 1 
ATOM   912  C  CE2 . PHE B 1 30 ? 0.531   -10.731 -8.074  1.00 16.26 ? 64  PHE B CE2 1 
ATOM   913  C  CZ  . PHE B 1 30 ? 1.625   -10.400 -7.297  1.00 19.88 ? 64  PHE B CZ  1 
ATOM   914  N  N   . ASN B 1 31 ? -0.533  -17.421 -8.235  1.00 22.94 ? 65  ASN B N   1 
ATOM   915  C  CA  . ASN B 1 31 ? -0.959  -18.803 -8.074  1.00 23.32 ? 65  ASN B CA  1 
ATOM   916  C  C   . ASN B 1 31 ? -2.254  -18.949 -7.279  1.00 23.26 ? 65  ASN B C   1 
ATOM   917  O  O   . ASN B 1 31 ? -2.365  -19.801 -6.398  1.00 25.31 ? 65  ASN B O   1 
ATOM   918  C  CB  . ASN B 1 31 ? 0.161   -19.604 -7.418  1.00 23.76 ? 65  ASN B CB  1 
ATOM   919  C  CG  . ASN B 1 31 ? 0.345   -20.953 -8.053  1.00 36.77 ? 65  ASN B CG  1 
ATOM   920  O  OD1 . ASN B 1 31 ? 1.308   -21.176 -8.787  1.00 42.83 ? 65  ASN B OD1 1 
ATOM   921  N  ND2 . ASN B 1 31 ? -0.588  -21.861 -7.795  1.00 28.98 ? 65  ASN B ND2 1 
ATOM   922  N  N   . LYS B 1 32 ? -3.231  -18.108 -7.591  1.00 22.37 ? 66  LYS B N   1 
ATOM   923  C  CA  . LYS B 1 32 ? -4.512  -18.150 -6.908  1.00 23.62 ? 66  LYS B CA  1 
ATOM   924  C  C   . LYS B 1 32 ? -5.537  -18.879 -7.760  1.00 24.05 ? 66  LYS B C   1 
ATOM   925  O  O   . LYS B 1 32 ? -5.489  -18.815 -8.986  1.00 24.66 ? 66  LYS B O   1 
ATOM   926  C  CB  . LYS B 1 32 ? -5.004  -16.734 -6.631  1.00 26.02 ? 66  LYS B CB  1 
ATOM   927  C  CG  . LYS B 1 32 ? -3.956  -15.829 -6.019  1.00 26.61 ? 66  LYS B CG  1 
ATOM   928  C  CD  . LYS B 1 32 ? -3.727  -16.152 -4.555  1.00 23.61 ? 66  LYS B CD  1 
ATOM   929  C  CE  . LYS B 1 32 ? -2.628  -15.278 -3.988  1.00 28.74 ? 66  LYS B CE  1 
ATOM   930  N  NZ  . LYS B 1 32 ? -2.556  -15.357 -2.509  1.00 26.75 ? 66  LYS B NZ  1 
ATOM   931  N  N   . SER B 1 33 ? -6.459  -19.577 -7.111  1.00 24.08 ? 67  SER B N   1 
ATOM   932  C  CA  . SER B 1 33 ? -7.608  -20.114 -7.816  1.00 29.24 ? 67  SER B CA  1 
ATOM   933  C  C   . SER B 1 33 ? -8.431  -18.905 -8.226  1.00 27.48 ? 67  SER B C   1 
ATOM   934  O  O   . SER B 1 33 ? -8.146  -17.792 -7.781  1.00 25.90 ? 67  SER B O   1 
ATOM   935  C  CB  . SER B 1 33 ? -8.423  -21.022 -6.902  1.00 21.91 ? 67  SER B CB  1 
ATOM   936  O  OG  . SER B 1 33 ? -9.234  -20.256 -6.032  1.00 27.78 ? 67  SER B OG  1 
ATOM   937  N  N   . ARG B 1 34 ? -9.448  -19.099 -9.059  1.00 30.01 ? 68  ARG B N   1 
ATOM   938  C  CA  . ARG B 1 34 ? -10.230 -17.951 -9.509  1.00 28.27 ? 68  ARG B CA  1 
ATOM   939  C  C   . ARG B 1 34 ? -11.188 -17.443 -8.443  1.00 27.78 ? 68  ARG B C   1 
ATOM   940  O  O   . ARG B 1 34 ? -11.724 -16.345 -8.559  1.00 32.32 ? 68  ARG B O   1 
ATOM   941  C  CB  . ARG B 1 34 ? -10.978 -18.218 -10.814 1.00 29.63 ? 68  ARG B CB  1 
ATOM   942  C  CG  . ARG B 1 34 ? -11.202 -16.936 -11.608 1.00 29.55 ? 68  ARG B CG  1 
ATOM   943  C  CD  . ARG B 1 34 ? -12.477 -16.977 -12.409 1.00 30.72 ? 68  ARG B CD  1 
ATOM   944  N  NE  . ARG B 1 34 ? -13.017 -15.638 -12.625 1.00 27.89 ? 68  ARG B NE  1 
ATOM   945  C  CZ  . ARG B 1 34 ? -12.807 -14.916 -13.720 1.00 29.25 ? 68  ARG B CZ  1 
ATOM   946  N  NH1 . ARG B 1 34 ? -12.062 -15.405 -14.701 1.00 37.39 ? 68  ARG B NH1 1 
ATOM   947  N  NH2 . ARG B 1 34 ? -13.338 -13.707 -13.835 1.00 28.24 ? 68  ARG B NH2 1 
ATOM   948  N  N   . GLU B 1 35 ? -11.402 -18.240 -7.405  1.00 28.68 ? 69  GLU B N   1 
ATOM   949  C  CA  . GLU B 1 35 ? -12.185 -17.777 -6.268  1.00 36.84 ? 69  GLU B CA  1 
ATOM   950  C  C   . GLU B 1 35 ? -11.358 -16.792 -5.450  1.00 27.75 ? 69  GLU B C   1 
ATOM   951  O  O   . GLU B 1 35 ? -11.819 -15.701 -5.120  1.00 29.91 ? 69  GLU B O   1 
ATOM   952  C  CB  . GLU B 1 35 ? -12.633 -18.950 -5.396  1.00 37.03 ? 69  GLU B CB  1 
ATOM   953  C  CG  . GLU B 1 35 ? -13.570 -18.554 -4.262  1.00 44.22 ? 69  GLU B CG  1 
ATOM   954  C  CD  . GLU B 1 35 ? -14.903 -18.006 -4.759  1.00 59.53 ? 69  GLU B CD  1 
ATOM   955  O  OE1 . GLU B 1 35 ? -15.187 -18.130 -5.970  1.00 51.23 ? 69  GLU B OE1 1 
ATOM   956  O  OE2 . GLU B 1 35 ? -15.670 -17.457 -3.936  1.00 64.92 ? 69  GLU B OE2 1 
ATOM   957  N  N   . ASP B 1 36 ? -10.128 -17.187 -5.137  1.00 26.06 ? 70  ASP B N   1 
ATOM   958  C  CA  . ASP B 1 36 ? -9.207  -16.339 -4.390  1.00 28.27 ? 70  ASP B CA  1 
ATOM   959  C  C   . ASP B 1 36 ? -8.887  -15.069 -5.164  1.00 23.90 ? 70  ASP B C   1 
ATOM   960  O  O   . ASP B 1 36 ? -8.891  -13.977 -4.604  1.00 23.06 ? 70  ASP B O   1 
ATOM   961  C  CB  . ASP B 1 36 ? -7.916  -17.096 -4.077  1.00 30.22 ? 70  ASP B CB  1 
ATOM   962  C  CG  . ASP B 1 36 ? -8.111  -18.163 -3.019  1.00 41.49 ? 70  ASP B CG  1 
ATOM   963  O  OD1 . ASP B 1 36 ? -9.209  -18.216 -2.421  1.00 51.85 ? 70  ASP B OD1 1 
ATOM   964  O  OD2 . ASP B 1 36 ? -7.168  -18.947 -2.784  1.00 52.39 ? 70  ASP B OD2 1 
ATOM   965  N  N   . ALA B 1 37 ? -8.604  -15.223 -6.454  1.00 23.07 ? 71  ALA B N   1 
ATOM   966  C  CA  . ALA B 1 37 ? -8.317  -14.079 -7.316  1.00 26.28 ? 71  ALA B CA  1 
ATOM   967  C  C   . ALA B 1 37 ? -9.424  -13.031 -7.220  1.00 22.65 ? 71  ALA B C   1 
ATOM   968  O  O   . ALA B 1 37 ? -9.156  -11.841 -7.022  1.00 20.19 ? 71  ALA B O   1 
ATOM   969  C  CB  . ALA B 1 37 ? -8.132  -14.528 -8.759  1.00 22.14 ? 71  ALA B CB  1 
ATOM   970  N  N   . THR B 1 38 ? -10.665 -13.486 -7.360  1.00 19.90 ? 72  THR B N   1 
ATOM   971  C  CA  . THR B 1 38 ? -11.833 -12.613 -7.289  1.00 21.11 ? 72  THR B CA  1 
ATOM   972  C  C   . THR B 1 38 ? -11.910 -11.887 -5.946  1.00 19.64 ? 72  THR B C   1 
ATOM   973  O  O   . THR B 1 38 ? -12.260 -10.710 -5.884  1.00 22.78 ? 72  THR B O   1 
ATOM   974  C  CB  . THR B 1 38 ? -13.149 -13.408 -7.517  1.00 26.52 ? 72  THR B CB  1 
ATOM   975  O  OG1 . THR B 1 38 ? -13.086 -14.116 -8.761  1.00 22.91 ? 72  THR B OG1 1 
ATOM   976  C  CG2 . THR B 1 38 ? -14.348 -12.477 -7.542  1.00 22.15 ? 72  THR B CG2 1 
ATOM   977  N  N   . ARG B 1 39 ? -11.581 -12.593 -4.871  1.00 17.25 ? 73  ARG B N   1 
ATOM   978  C  CA  . ARG B 1 39 ? -11.594 -11.993 -3.544  1.00 21.22 ? 73  ARG B CA  1 
ATOM   979  C  C   . ARG B 1 39 ? -10.584 -10.859 -3.435  1.00 15.94 ? 73  ARG B C   1 
ATOM   980  O  O   . ARG B 1 39 ? -10.943 -9.722  -3.159  1.00 18.58 ? 73  ARG B O   1 
ATOM   981  C  CB  . ARG B 1 39 ? -11.320 -13.046 -2.472  1.00 23.70 ? 73  ARG B CB  1 
ATOM   982  C  CG  . ARG B 1 39 ? -10.908 -12.464 -1.131  1.00 19.90 ? 73  ARG B CG  1 
ATOM   983  C  CD  . ARG B 1 39 ? -10.730 -13.557 -0.097  1.00 28.13 ? 73  ARG B CD  1 
ATOM   984  N  NE  . ARG B 1 39 ? -9.710  -14.521 -0.493  1.00 34.83 ? 73  ARG B NE  1 
ATOM   985  C  CZ  . ARG B 1 39 ? -8.444  -14.474 -0.092  1.00 39.88 ? 73  ARG B CZ  1 
ATOM   986  N  NH1 . ARG B 1 39 ? -8.036  -13.508 0.726   1.00 41.81 ? 73  ARG B NH1 1 
ATOM   987  N  NH2 . ARG B 1 39 ? -7.584  -15.393 -0.508  1.00 37.69 ? 73  ARG B NH2 1 
ATOM   988  N  N   . ILE B 1 40 ? -9.318  -11.180 -3.656  1.00 13.36 ? 74  ILE B N   1 
ATOM   989  C  CA  . ILE B 1 40 ? -8.246  -10.195 -3.550  1.00 17.47 ? 74  ILE B CA  1 
ATOM   990  C  C   . ILE B 1 40 ? -8.488  -8.970  -4.435  1.00 17.39 ? 74  ILE B C   1 
ATOM   991  O  O   . ILE B 1 40 ? -8.243  -7.837  -4.024  1.00 20.23 ? 74  ILE B O   1 
ATOM   992  C  CB  . ILE B 1 40 ? -6.889  -10.827 -3.905  1.00 22.72 ? 74  ILE B CB  1 
ATOM   993  C  CG1 . ILE B 1 40 ? -6.619  -12.033 -3.002  1.00 21.57 ? 74  ILE B CG1 1 
ATOM   994  C  CG2 . ILE B 1 40 ? -5.770  -9.794  -3.787  1.00 26.41 ? 74  ILE B CG2 1 
ATOM   995  C  CD1 . ILE B 1 40 ? -5.562  -12.972 -3.536  1.00 21.02 ? 74  ILE B CD1 1 
ATOM   996  N  N   . MET B 1 41 ? -8.968  -9.206  -5.650  1.00 17.75 ? 75  MET B N   1 
ATOM   997  C  CA  . MET B 1 41 ? -9.299  -8.129  -6.578  1.00 14.93 ? 75  MET B CA  1 
ATOM   998  C  C   . MET B 1 41 ? -10.398 -7.223  -6.017  1.00 19.36 ? 75  MET B C   1 
ATOM   999  O  O   . MET B 1 41 ? -10.273 -5.998  -6.040  1.00 17.90 ? 75  MET B O   1 
ATOM   1000 C  CB  . MET B 1 41 ? -9.726  -8.716  -7.925  1.00 19.30 ? 75  MET B CB  1 
ATOM   1001 C  CG  . MET B 1 41 ? -10.117 -7.691  -8.981  1.00 22.47 ? 75  MET B CG  1 
ATOM   1002 S  SD  . MET B 1 41 ? -11.812 -7.097  -8.800  1.00 24.98 ? 75  MET B SD  1 
ATOM   1003 C  CE  . MET B 1 41 ? -12.745 -8.603  -9.055  1.00 18.36 ? 75  MET B CE  1 
ATOM   1004 N  N   . LEU B 1 42 ? -11.471 -7.833  -5.513  1.00 17.19 ? 76  LEU B N   1 
ATOM   1005 C  CA  . LEU B 1 42 ? -12.576 -7.081  -4.916  1.00 20.58 ? 76  LEU B CA  1 
ATOM   1006 C  C   . LEU B 1 42 ? -12.142 -6.349  -3.646  1.00 18.31 ? 76  LEU B C   1 
ATOM   1007 O  O   . LEU B 1 42 ? -12.499 -5.197  -3.435  1.00 19.77 ? 76  LEU B O   1 
ATOM   1008 C  CB  . LEU B 1 42 ? -13.771 -7.999  -4.633  1.00 18.32 ? 76  LEU B CB  1 
ATOM   1009 C  CG  . LEU B 1 42 ? -14.516 -8.554  -5.853  1.00 21.87 ? 76  LEU B CG  1 
ATOM   1010 C  CD1 . LEU B 1 42 ? -15.372 -9.758  -5.493  1.00 24.40 ? 76  LEU B CD1 1 
ATOM   1011 C  CD2 . LEU B 1 42 ? -15.366 -7.478  -6.515  1.00 20.47 ? 76  LEU B CD2 1 
ATOM   1012 N  N   . HIS B 1 43 ? -11.360 -7.022  -2.808  1.00 18.13 ? 77  HIS B N   1 
ATOM   1013 C  CA  . HIS B 1 43 ? -10.794 -6.404  -1.611  1.00 16.20 ? 77  HIS B CA  1 
ATOM   1014 C  C   . HIS B 1 43 ? -10.017 -5.135  -1.941  1.00 18.76 ? 77  HIS B C   1 
ATOM   1015 O  O   . HIS B 1 43 ? -10.255 -4.087  -1.344  1.00 24.17 ? 77  HIS B O   1 
ATOM   1016 C  CB  . HIS B 1 43 ? -9.885  -7.392  -0.871  1.00 18.94 ? 77  HIS B CB  1 
ATOM   1017 C  CG  . HIS B 1 43 ? -8.972  -6.749  0.130   1.00 20.09 ? 77  HIS B CG  1 
ATOM   1018 N  ND1 . HIS B 1 43 ? -9.312  -6.589  1.455   1.00 16.94 ? 77  HIS B ND1 1 
ATOM   1019 C  CD2 . HIS B 1 43 ? -7.722  -6.240  0.001   1.00 18.87 ? 77  HIS B CD2 1 
ATOM   1020 C  CE1 . HIS B 1 43 ? -8.317  -6.005  2.098   1.00 15.09 ? 77  HIS B CE1 1 
ATOM   1021 N  NE2 . HIS B 1 43 ? -7.340  -5.780  1.239   1.00 16.98 ? 77  HIS B NE2 1 
ATOM   1022 N  N   . VAL B 1 44 ? -9.082  -5.237  -2.883  1.00 17.08 ? 78  VAL B N   1 
ATOM   1023 C  CA  . VAL B 1 44 ? -8.279  -4.090  -3.298  1.00 17.45 ? 78  VAL B CA  1 
ATOM   1024 C  C   . VAL B 1 44 ? -9.155  -2.963  -3.829  1.00 20.51 ? 78  VAL B C   1 
ATOM   1025 O  O   . VAL B 1 44 ? -8.943  -1.792  -3.512  1.00 16.79 ? 78  VAL B O   1 
ATOM   1026 C  CB  . VAL B 1 44 ? -7.262  -4.483  -4.385  1.00 17.55 ? 78  VAL B CB  1 
ATOM   1027 C  CG1 . VAL B 1 44 ? -6.722  -3.246  -5.084  1.00 19.98 ? 78  VAL B CG1 1 
ATOM   1028 C  CG2 . VAL B 1 44 ? -6.134  -5.286  -3.787  1.00 17.52 ? 78  VAL B CG2 1 
ATOM   1029 N  N   . HIS B 1 45 ? -10.145 -3.331  -4.636  1.00 21.16 ? 79  HIS B N   1 
ATOM   1030 C  CA  . HIS B 1 45 ? -11.029 -2.362  -5.269  1.00 19.13 ? 79  HIS B CA  1 
ATOM   1031 C  C   . HIS B 1 45 ? -11.687 -1.453  -4.248  1.00 19.04 ? 79  HIS B C   1 
ATOM   1032 O  O   . HIS B 1 45 ? -11.955 -0.290  -4.527  1.00 19.62 ? 79  HIS B O   1 
ATOM   1033 C  CB  . HIS B 1 45 ? -12.103 -3.072  -6.102  1.00 21.18 ? 79  HIS B CB  1 
ATOM   1034 C  CG  . HIS B 1 45 ? -13.086 -2.140  -6.739  1.00 18.29 ? 79  HIS B CG  1 
ATOM   1035 N  ND1 . HIS B 1 45 ? -12.934 -1.660  -8.022  1.00 17.88 ? 79  HIS B ND1 1 
ATOM   1036 C  CD2 . HIS B 1 45 ? -14.235 -1.599  -6.270  1.00 20.40 ? 79  HIS B CD2 1 
ATOM   1037 C  CE1 . HIS B 1 45 ? -13.946 -0.861  -8.312  1.00 16.08 ? 79  HIS B CE1 1 
ATOM   1038 N  NE2 . HIS B 1 45 ? -14.750 -0.809  -7.268  1.00 21.62 ? 79  HIS B NE2 1 
ATOM   1039 N  N   . GLN B 1 46 ? -11.943 -1.988  -3.060  1.00 22.80 ? 80  GLN B N   1 
ATOM   1040 C  CA  . GLN B 1 46 ? -12.614 -1.226  -2.009  1.00 26.04 ? 80  GLN B CA  1 
ATOM   1041 C  C   . GLN B 1 46 ? -11.646 -0.607  -1.007  1.00 27.19 ? 80  GLN B C   1 
ATOM   1042 O  O   . GLN B 1 46 ? -11.869 0.508   -0.526  1.00 25.25 ? 80  GLN B O   1 
ATOM   1043 C  CB  . GLN B 1 46 ? -13.608 -2.110  -1.264  1.00 30.31 ? 80  GLN B CB  1 
ATOM   1044 C  CG  . GLN B 1 46 ? -14.711 -2.647  -2.146  1.00 37.09 ? 80  GLN B CG  1 
ATOM   1045 C  CD  . GLN B 1 46 ? -15.844 -3.248  -1.347  1.00 47.32 ? 80  GLN B CD  1 
ATOM   1046 O  OE1 . GLN B 1 46 ? -15.625 -3.874  -0.304  1.00 50.32 ? 80  GLN B OE1 1 
ATOM   1047 N  NE2 . GLN B 1 46 ? -17.066 -3.063  -1.829  1.00 37.81 ? 80  GLN B NE2 1 
ATOM   1048 N  N   . ASN B 1 47 ? -10.578 -1.338  -0.692  1.00 23.46 ? 81  ASN B N   1 
ATOM   1049 C  CA  . ASN B 1 47 ? -9.611  -0.912  0.313   1.00 19.30 ? 81  ASN B CA  1 
ATOM   1050 C  C   . ASN B 1 47 ? -8.538  0.028   -0.232  1.00 20.01 ? 81  ASN B C   1 
ATOM   1051 O  O   . ASN B 1 47 ? -7.947  0.804   0.513   1.00 22.28 ? 81  ASN B O   1 
ATOM   1052 C  CB  . ASN B 1 47 ? -8.955  -2.133  0.954   1.00 20.72 ? 81  ASN B CB  1 
ATOM   1053 C  CG  . ASN B 1 47 ? -8.112  -1.770  2.154   1.00 22.06 ? 81  ASN B CG  1 
ATOM   1054 O  OD1 . ASN B 1 47 ? -8.451  -0.854  2.904   1.00 29.78 ? 81  ASN B OD1 1 
ATOM   1055 N  ND2 . ASN B 1 47 ? -7.006  -2.486  2.345   1.00 22.14 ? 81  ASN B ND2 1 
ATOM   1056 N  N   . GLY B 1 48 ? -8.278  -0.050  -1.532  1.00 19.42 ? 82  GLY B N   1 
ATOM   1057 C  CA  . GLY B 1 48 ? -7.285  0.806   -2.148  1.00 14.93 ? 82  GLY B CA  1 
ATOM   1058 C  C   . GLY B 1 48 ? -5.932  0.132   -2.225  1.00 20.15 ? 82  GLY B C   1 
ATOM   1059 O  O   . GLY B 1 48 ? -5.083  0.519   -3.031  1.00 21.25 ? 82  GLY B O   1 
ATOM   1060 N  N   . VAL B 1 49 ? -5.728  -0.878  -1.385  1.00 18.22 ? 83  VAL B N   1 
ATOM   1061 C  CA  . VAL B 1 49 ? -4.493  -1.660  -1.419  1.00 20.85 ? 83  VAL B CA  1 
ATOM   1062 C  C   . VAL B 1 49 ? -4.727  -3.074  -0.901  1.00 20.96 ? 83  VAL B C   1 
ATOM   1063 O  O   . VAL B 1 49 ? -5.632  -3.309  -0.103  1.00 24.34 ? 83  VAL B O   1 
ATOM   1064 C  CB  . VAL B 1 49 ? -3.375  -1.010  -0.587  1.00 27.51 ? 83  VAL B CB  1 
ATOM   1065 C  CG1 . VAL B 1 49 ? -3.674  -1.155  0.897   1.00 28.98 ? 83  VAL B CG1 1 
ATOM   1066 C  CG2 . VAL B 1 49 ? -2.021  -1.631  -0.932  1.00 20.12 ? 83  VAL B CG2 1 
ATOM   1067 N  N   . GLY B 1 50 ? -3.908  -4.015  -1.356  1.00 18.73 ? 84  GLY B N   1 
ATOM   1068 C  CA  . GLY B 1 50 ? -4.052  -5.395  -0.941  1.00 20.40 ? 84  GLY B CA  1 
ATOM   1069 C  C   . GLY B 1 50 ? -2.788  -6.204  -1.123  1.00 20.20 ? 84  GLY B C   1 
ATOM   1070 O  O   . GLY B 1 50 ? -2.023  -5.970  -2.055  1.00 23.27 ? 84  GLY B O   1 
ATOM   1071 N  N   . VAL B 1 51 ? -2.566  -7.156  -0.224  1.00 19.68 ? 85  VAL B N   1 
ATOM   1072 C  CA  . VAL B 1 51 ? -1.431  -8.062  -0.337  1.00 20.80 ? 85  VAL B CA  1 
ATOM   1073 C  C   . VAL B 1 51 ? -1.740  -9.143  -1.360  1.00 25.72 ? 85  VAL B C   1 
ATOM   1074 O  O   . VAL B 1 51 ? -2.776  -9.807  -1.281  1.00 26.36 ? 85  VAL B O   1 
ATOM   1075 C  CB  . VAL B 1 51 ? -1.088  -8.736  1.009   1.00 19.79 ? 85  VAL B CB  1 
ATOM   1076 C  CG1 . VAL B 1 51 ? -0.013  -9.789  0.815   1.00 19.15 ? 85  VAL B CG1 1 
ATOM   1077 C  CG2 . VAL B 1 51 ? -0.644  -7.702  2.036   1.00 18.47 ? 85  VAL B CG2 1 
ATOM   1078 N  N   . CYS B 1 52 ? -0.842  -9.307  -2.326  1.00 16.26 ? 86  CYS B N   1 
ATOM   1079 C  CA  . CYS B 1 52 ? -0.955  -10.382 -3.298  1.00 16.30 ? 86  CYS B CA  1 
ATOM   1080 C  C   . CYS B 1 52 ? -0.349  -11.665 -2.746  1.00 21.89 ? 86  CYS B C   1 
ATOM   1081 O  O   . CYS B 1 52 ? -0.875  -12.754 -2.973  1.00 25.31 ? 86  CYS B O   1 
ATOM   1082 C  CB  . CYS B 1 52 ? -0.233  -10.003 -4.585  1.00 19.35 ? 86  CYS B CB  1 
ATOM   1083 S  SG  . CYS B 1 52 ? -0.896  -8.559  -5.413  1.00 31.90 ? 86  CYS B SG  1 
ATOM   1084 N  N   . GLY B 1 53 ? 0.764   -11.526 -2.027  1.00 19.25 ? 87  GLY B N   1 
ATOM   1085 C  CA  . GLY B 1 53 ? 1.469   -12.657 -1.452  1.00 15.24 ? 87  GLY B CA  1 
ATOM   1086 C  C   . GLY B 1 53 ? 2.651   -12.223 -0.602  1.00 18.74 ? 87  GLY B C   1 
ATOM   1087 O  O   . GLY B 1 53 ? 3.010   -11.046 -0.584  1.00 19.76 ? 87  GLY B O   1 
ATOM   1088 N  N   . VAL B 1 54 ? 3.251   -13.171 0.113   1.00 18.21 ? 88  VAL B N   1 
ATOM   1089 C  CA  . VAL B 1 54 ? 4.416   -12.887 0.949   1.00 18.98 ? 88  VAL B CA  1 
ATOM   1090 C  C   . VAL B 1 54 ? 5.516   -13.905 0.682   1.00 16.80 ? 88  VAL B C   1 
ATOM   1091 O  O   . VAL B 1 54 ? 5.305   -15.105 0.832   1.00 12.80 ? 88  VAL B O   1 
ATOM   1092 C  CB  . VAL B 1 54 ? 4.079   -12.939 2.449   1.00 19.33 ? 88  VAL B CB  1 
ATOM   1093 C  CG1 . VAL B 1 54 ? 5.263   -12.444 3.269   1.00 16.42 ? 88  VAL B CG1 1 
ATOM   1094 C  CG2 . VAL B 1 54 ? 2.838   -12.117 2.746   1.00 17.68 ? 88  VAL B CG2 1 
ATOM   1095 N  N   . TYR B 1 55 ? 6.693   -13.414 0.308   1.00 18.80 ? 89  TYR B N   1 
ATOM   1096 C  CA  . TYR B 1 55 ? 7.799   -14.273 -0.084  1.00 16.58 ? 89  TYR B CA  1 
ATOM   1097 C  C   . TYR B 1 55 ? 9.117   -13.762 0.477   1.00 19.67 ? 89  TYR B C   1 
ATOM   1098 O  O   . TYR B 1 55 ? 9.182   -12.679 1.054   1.00 20.66 ? 89  TYR B O   1 
ATOM   1099 C  CB  . TYR B 1 55 ? 7.905   -14.327 -1.611  1.00 19.04 ? 89  TYR B CB  1 
ATOM   1100 C  CG  . TYR B 1 55 ? 6.579   -14.384 -2.324  1.00 19.08 ? 89  TYR B CG  1 
ATOM   1101 C  CD1 . TYR B 1 55 ? 6.008   -15.600 -2.668  1.00 19.52 ? 89  TYR B CD1 1 
ATOM   1102 C  CD2 . TYR B 1 55 ? 5.893   -13.219 -2.652  1.00 18.35 ? 89  TYR B CD2 1 
ATOM   1103 C  CE1 . TYR B 1 55 ? 4.791   -15.658 -3.317  1.00 18.30 ? 89  TYR B CE1 1 
ATOM   1104 C  CE2 . TYR B 1 55 ? 4.675   -13.268 -3.302  1.00 17.99 ? 89  TYR B CE2 1 
ATOM   1105 C  CZ  . TYR B 1 55 ? 4.131   -14.492 -3.632  1.00 17.73 ? 89  TYR B CZ  1 
ATOM   1106 O  OH  . TYR B 1 55 ? 2.920   -14.556 -4.277  1.00 22.62 ? 89  TYR B OH  1 
ATOM   1107 N  N   . THR B 1 56 ? 10.173  -14.545 0.293   1.00 21.52 ? 90  THR B N   1 
ATOM   1108 C  CA  . THR B 1 56 ? 11.517  -14.069 0.570   1.00 23.02 ? 90  THR B CA  1 
ATOM   1109 C  C   . THR B 1 56 ? 11.807  -12.874 -0.333  1.00 24.65 ? 90  THR B C   1 
ATOM   1110 O  O   . THR B 1 56 ? 11.163  -12.698 -1.371  1.00 24.63 ? 90  THR B O   1 
ATOM   1111 C  CB  . THR B 1 56 ? 12.565  -15.161 0.320   1.00 27.35 ? 90  THR B CB  1 
ATOM   1112 O  OG1 . THR B 1 56 ? 12.334  -15.770 -0.959  1.00 27.85 ? 90  THR B OG1 1 
ATOM   1113 C  CG2 . THR B 1 56 ? 12.481  -16.226 1.403   1.00 29.49 ? 90  THR B CG2 1 
ATOM   1114 N  N   . TYR B 1 57 ? 12.779  -12.060 0.067   1.00 24.26 ? 91  TYR B N   1 
ATOM   1115 C  CA  . TYR B 1 57 ? 13.113  -10.838 -0.657  1.00 24.99 ? 91  TYR B CA  1 
ATOM   1116 C  C   . TYR B 1 57 ? 13.108  -10.975 -2.183  1.00 28.23 ? 91  TYR B C   1 
ATOM   1117 O  O   . TYR B 1 57 ? 12.328  -10.313 -2.867  1.00 31.77 ? 91  TYR B O   1 
ATOM   1118 C  CB  . TYR B 1 57 ? 14.465  -10.285 -0.204  1.00 28.07 ? 91  TYR B CB  1 
ATOM   1119 C  CG  . TYR B 1 57 ? 14.812  -8.970  -0.867  1.00 30.95 ? 91  TYR B CG  1 
ATOM   1120 C  CD1 . TYR B 1 57 ? 13.843  -8.000  -1.059  1.00 32.25 ? 91  TYR B CD1 1 
ATOM   1121 C  CD2 . TYR B 1 57 ? 16.105  -8.696  -1.293  1.00 35.00 ? 91  TYR B CD2 1 
ATOM   1122 C  CE1 . TYR B 1 57 ? 14.141  -6.794  -1.658  1.00 37.02 ? 91  TYR B CE1 1 
ATOM   1123 C  CE2 . TYR B 1 57 ? 16.418  -7.486  -1.890  1.00 41.17 ? 91  TYR B CE2 1 
ATOM   1124 C  CZ  . TYR B 1 57 ? 15.427  -6.539  -2.071  1.00 42.90 ? 91  TYR B CZ  1 
ATOM   1125 O  OH  . TYR B 1 57 ? 15.715  -5.329  -2.659  1.00 45.73 ? 91  TYR B OH  1 
ATOM   1126 N  N   . GLU B 1 58 ? 13.984  -11.823 -2.714  1.00 25.12 ? 92  GLU B N   1 
ATOM   1127 C  CA  . GLU B 1 58 ? 14.196  -11.889 -4.155  1.00 28.25 ? 92  GLU B CA  1 
ATOM   1128 C  C   . GLU B 1 58 ? 13.036  -12.517 -4.898  1.00 23.41 ? 92  GLU B C   1 
ATOM   1129 O  O   . GLU B 1 58 ? 12.730  -12.121 -6.024  1.00 20.10 ? 92  GLU B O   1 
ATOM   1130 C  CB  . GLU B 1 58 ? 15.467  -12.662 -4.480  1.00 25.53 ? 92  GLU B CB  1 
ATOM   1131 C  CG  . GLU B 1 58 ? 15.650  -13.905 -3.652  1.00 27.63 ? 92  GLU B CG  1 
ATOM   1132 C  CD  . GLU B 1 58 ? 16.360  -13.599 -2.359  1.00 39.12 ? 92  GLU B CD  1 
ATOM   1133 O  OE1 . GLU B 1 58 ? 17.543  -13.991 -2.220  1.00 44.34 ? 92  GLU B OE1 1 
ATOM   1134 O  OE2 . GLU B 1 58 ? 15.742  -12.943 -1.488  1.00 37.02 ? 92  GLU B OE2 1 
ATOM   1135 N  N   . VAL B 1 59 ? 12.411  -13.518 -4.287  1.00 22.26 ? 93  VAL B N   1 
ATOM   1136 C  CA  . VAL B 1 59 ? 11.201  -14.076 -4.862  1.00 21.38 ? 93  VAL B CA  1 
ATOM   1137 C  C   . VAL B 1 59 ? 10.193  -12.940 -4.952  1.00 22.08 ? 93  VAL B C   1 
ATOM   1138 O  O   . VAL B 1 59 ? 9.530   -12.752 -5.975  1.00 23.55 ? 93  VAL B O   1 
ATOM   1139 C  CB  . VAL B 1 59 ? 10.621  -15.217 -4.016  1.00 18.80 ? 93  VAL B CB  1 
ATOM   1140 C  CG1 . VAL B 1 59 ? 9.228   -15.545 -4.487  1.00 21.62 ? 93  VAL B CG1 1 
ATOM   1141 C  CG2 . VAL B 1 59 ? 11.494  -16.452 -4.102  1.00 16.90 ? 93  VAL B CG2 1 
ATOM   1142 N  N   . ALA B 1 60 ? 10.111  -12.170 -3.872  1.00 19.62 ? 94  ALA B N   1 
ATOM   1143 C  CA  . ALA B 1 60 ? 9.248   -11.003 -3.811  1.00 20.66 ? 94  ALA B CA  1 
ATOM   1144 C  C   . ALA B 1 60 ? 9.636   -9.998  -4.880  1.00 19.98 ? 94  ALA B C   1 
ATOM   1145 O  O   . ALA B 1 60 ? 8.777   -9.435  -5.552  1.00 23.68 ? 94  ALA B O   1 
ATOM   1146 C  CB  . ALA B 1 60 ? 9.327   -10.360 -2.434  1.00 19.35 ? 94  ALA B CB  1 
ATOM   1147 N  N   . GLU B 1 61 ? 10.936  -9.772  -5.034  1.00 18.08 ? 95  GLU B N   1 
ATOM   1148 C  CA  . GLU B 1 61 ? 11.428  -8.819  -6.019  1.00 21.33 ? 95  GLU B CA  1 
ATOM   1149 C  C   . GLU B 1 61 ? 11.068  -9.222  -7.444  1.00 22.57 ? 95  GLU B C   1 
ATOM   1150 O  O   . GLU B 1 61 ? 10.695  -8.372  -8.255  1.00 24.15 ? 95  GLU B O   1 
ATOM   1151 C  CB  . GLU B 1 61 ? 12.941  -8.632  -5.898  1.00 23.91 ? 95  GLU B CB  1 
ATOM   1152 C  CG  . GLU B 1 61 ? 13.349  -7.341  -5.220  1.00 32.41 ? 95  GLU B CG  1 
ATOM   1153 C  CD  . GLU B 1 61 ? 14.751  -6.909  -5.609  1.00 46.19 ? 95  GLU B CD  1 
ATOM   1154 O  OE1 . GLU B 1 61 ? 15.705  -7.681  -5.363  1.00 42.97 ? 95  GLU B OE1 1 
ATOM   1155 O  OE2 . GLU B 1 61 ? 14.896  -5.795  -6.162  1.00 43.00 ? 95  GLU B OE2 1 
ATOM   1156 N  N   . THR B 1 62 ? 11.179  -10.512 -7.753  1.00 23.08 ? 96  THR B N   1 
ATOM   1157 C  CA  . THR B 1 62 ? 10.871  -10.982 -9.099  1.00 23.82 ? 96  THR B CA  1 
ATOM   1158 C  C   . THR B 1 62 ? 9.392   -10.783 -9.403  1.00 20.88 ? 96  THR B C   1 
ATOM   1159 O  O   . THR B 1 62 ? 9.010   -10.501 -10.540 1.00 21.20 ? 96  THR B O   1 
ATOM   1160 C  CB  . THR B 1 62 ? 11.225  -12.474 -9.302  1.00 24.44 ? 96  THR B CB  1 
ATOM   1161 O  OG1 . THR B 1 62 ? 12.283  -12.855 -8.420  1.00 29.01 ? 96  THR B OG1 1 
ATOM   1162 C  CG2 . THR B 1 62 ? 11.677  -12.716 -10.723 1.00 31.55 ? 96  THR B CG2 1 
ATOM   1163 N  N   . LYS B 1 63 ? 8.560   -10.925 -8.378  1.00 17.99 ? 97  LYS B N   1 
ATOM   1164 C  CA  . LYS B 1 63 ? 7.118   -10.823 -8.569  1.00 19.06 ? 97  LYS B CA  1 
ATOM   1165 C  C   . LYS B 1 63 ? 6.648   -9.384  -8.775  1.00 18.05 ? 97  LYS B C   1 
ATOM   1166 O  O   . LYS B 1 63 ? 5.692   -9.141  -9.509  1.00 14.75 ? 97  LYS B O   1 
ATOM   1167 C  CB  . LYS B 1 63 ? 6.368   -11.495 -7.419  1.00 18.44 ? 97  LYS B CB  1 
ATOM   1168 C  CG  . LYS B 1 63 ? 6.427   -13.010 -7.482  1.00 21.24 ? 97  LYS B CG  1 
ATOM   1169 C  CD  . LYS B 1 63 ? 5.392   -13.651 -6.577  1.00 27.44 ? 97  LYS B CD  1 
ATOM   1170 C  CE  . LYS B 1 63 ? 5.441   -15.172 -6.675  1.00 28.88 ? 97  LYS B CE  1 
ATOM   1171 N  NZ  . LYS B 1 63 ? 5.288   -15.654 -8.079  1.00 28.01 ? 97  LYS B NZ  1 
ATOM   1172 N  N   . VAL B 1 64 ? 7.327   -8.435  -8.138  1.00 18.41 ? 98  VAL B N   1 
ATOM   1173 C  CA  . VAL B 1 64 ? 7.026   -7.022  -8.343  1.00 21.11 ? 98  VAL B CA  1 
ATOM   1174 C  C   . VAL B 1 64 ? 7.403   -6.628  -9.764  1.00 19.81 ? 98  VAL B C   1 
ATOM   1175 O  O   . VAL B 1 64 ? 6.657   -5.916  -10.441 1.00 21.25 ? 98  VAL B O   1 
ATOM   1176 C  CB  . VAL B 1 64 ? 7.783   -6.113  -7.348  1.00 19.22 ? 98  VAL B CB  1 
ATOM   1177 C  CG1 . VAL B 1 64 ? 7.646   -4.657  -7.752  1.00 17.02 ? 98  VAL B CG1 1 
ATOM   1178 C  CG2 . VAL B 1 64 ? 7.271   -6.321  -5.945  1.00 15.64 ? 98  VAL B CG2 1 
ATOM   1179 N  N   . ALA B 1 65 ? 8.558   -7.107  -10.213 1.00 17.16 ? 99  ALA B N   1 
ATOM   1180 C  CA  . ALA B 1 65 ? 9.053   -6.796  -11.551 1.00 23.34 ? 99  ALA B CA  1 
ATOM   1181 C  C   . ALA B 1 65 ? 8.175   -7.389  -12.654 1.00 21.47 ? 99  ALA B C   1 
ATOM   1182 O  O   . ALA B 1 65 ? 7.940   -6.755  -13.685 1.00 23.12 ? 99  ALA B O   1 
ATOM   1183 C  CB  . ALA B 1 65 ? 10.500  -7.276  -11.706 1.00 26.67 ? 99  ALA B CB  1 
ATOM   1184 N  N   . GLN B 1 66 ? 7.698   -8.609  -12.436 1.00 21.30 ? 100 GLN B N   1 
ATOM   1185 C  CA  . GLN B 1 66 ? 6.840   -9.268  -13.411 1.00 21.00 ? 100 GLN B CA  1 
ATOM   1186 C  C   . GLN B 1 66 ? 5.477   -8.600  -13.516 1.00 18.52 ? 100 GLN B C   1 
ATOM   1187 O  O   . GLN B 1 66 ? 4.854   -8.625  -14.571 1.00 25.33 ? 100 GLN B O   1 
ATOM   1188 C  CB  . GLN B 1 66 ? 6.688   -10.752 -13.078 1.00 21.38 ? 100 GLN B CB  1 
ATOM   1189 C  CG  . GLN B 1 66 ? 7.912   -11.577 -13.446 1.00 26.37 ? 100 GLN B CG  1 
ATOM   1190 C  CD  . GLN B 1 66 ? 8.040   -12.847 -12.625 1.00 37.83 ? 100 GLN B CD  1 
ATOM   1191 O  OE1 . GLN B 1 66 ? 7.092   -13.279 -11.966 1.00 29.65 ? 100 GLN B OE1 1 
ATOM   1192 N  NE2 . GLN B 1 66 ? 9.222   -13.452 -12.657 1.00 42.51 ? 100 GLN B NE2 1 
ATOM   1193 N  N   . VAL B 1 67 ? 5.019   -7.992  -12.427 1.00 22.76 ? 101 VAL B N   1 
ATOM   1194 C  CA  . VAL B 1 67 ? 3.723   -7.321  -12.428 1.00 18.79 ? 101 VAL B CA  1 
ATOM   1195 C  C   . VAL B 1 67 ? 3.808   -5.973  -13.134 1.00 18.22 ? 101 VAL B C   1 
ATOM   1196 O  O   . VAL B 1 67 ? 2.895   -5.583  -13.856 1.00 17.06 ? 101 VAL B O   1 
ATOM   1197 C  CB  . VAL B 1 67 ? 3.168   -7.147  -11.005 1.00 15.55 ? 101 VAL B CB  1 
ATOM   1198 C  CG1 . VAL B 1 67 ? 1.919   -6.284  -11.019 1.00 19.80 ? 101 VAL B CG1 1 
ATOM   1199 C  CG2 . VAL B 1 67 ? 2.866   -8.495  -10.400 1.00 14.63 ? 101 VAL B CG2 1 
ATOM   1200 N  N   . ILE B 1 68 ? 4.910   -5.262  -12.929 1.00 22.89 ? 102 ILE B N   1 
ATOM   1201 C  CA  . ILE B 1 68 ? 5.131   -4.006  -13.633 1.00 26.15 ? 102 ILE B CA  1 
ATOM   1202 C  C   . ILE B 1 68 ? 5.348   -4.261  -15.125 1.00 26.63 ? 102 ILE B C   1 
ATOM   1203 O  O   . ILE B 1 68 ? 4.624   -3.731  -15.967 1.00 30.79 ? 102 ILE B O   1 
ATOM   1204 C  CB  . ILE B 1 68 ? 6.323   -3.221  -13.045 1.00 24.52 ? 102 ILE B CB  1 
ATOM   1205 C  CG1 . ILE B 1 68 ? 6.005   -2.767  -11.619 1.00 20.27 ? 102 ILE B CG1 1 
ATOM   1206 C  CG2 . ILE B 1 68 ? 6.651   -2.018  -13.910 1.00 20.80 ? 102 ILE B CG2 1 
ATOM   1207 C  CD1 . ILE B 1 68 ? 7.027   -1.827  -11.028 1.00 17.98 ? 102 ILE B CD1 1 
ATOM   1208 N  N   . ASP B 1 69 ? 6.337   -5.084  -15.446 1.00 22.76 ? 103 ASP B N   1 
ATOM   1209 C  CA  . ASP B 1 69 ? 6.607   -5.438  -16.833 1.00 29.74 ? 103 ASP B CA  1 
ATOM   1210 C  C   . ASP B 1 69 ? 5.337   -5.901  -17.562 1.00 27.71 ? 103 ASP B C   1 
ATOM   1211 O  O   . ASP B 1 69 ? 5.083   -5.513  -18.701 1.00 29.40 ? 103 ASP B O   1 
ATOM   1212 C  CB  . ASP B 1 69 ? 7.680   -6.525  -16.894 1.00 25.11 ? 103 ASP B CB  1 
ATOM   1213 C  CG  . ASP B 1 69 ? 8.078   -6.865  -18.309 1.00 37.88 ? 103 ASP B CG  1 
ATOM   1214 O  OD1 . ASP B 1 69 ? 8.013   -5.962  -19.166 1.00 46.16 ? 103 ASP B OD1 1 
ATOM   1215 O  OD2 . ASP B 1 69 ? 8.456   -8.029  -18.562 1.00 48.16 ? 103 ASP B OD2 1 
ATOM   1216 N  N   . SER B 1 70 ? 4.542   -6.728  -16.897 1.00 23.07 ? 104 SER B N   1 
ATOM   1217 C  CA  . SER B 1 70 ? 3.302   -7.224  -17.482 1.00 24.13 ? 104 SER B CA  1 
ATOM   1218 C  C   . SER B 1 70 ? 2.281   -6.107  -17.652 1.00 26.08 ? 104 SER B C   1 
ATOM   1219 O  O   . SER B 1 70 ? 1.654   -5.990  -18.703 1.00 27.35 ? 104 SER B O   1 
ATOM   1220 C  CB  . SER B 1 70 ? 2.707   -8.332  -16.611 1.00 24.10 ? 104 SER B CB  1 
ATOM   1221 O  OG  . SER B 1 70 ? 1.347   -8.572  -16.937 1.00 25.96 ? 104 SER B OG  1 
ATOM   1222 N  N   . ALA B 1 71 ? 2.117   -5.291  -16.612 1.00 22.87 ? 105 ALA B N   1 
ATOM   1223 C  CA  . ALA B 1 71 ? 1.131   -4.217  -16.621 1.00 24.40 ? 105 ALA B CA  1 
ATOM   1224 C  C   . ALA B 1 71 ? 1.394   -3.240  -17.757 1.00 22.67 ? 105 ALA B C   1 
ATOM   1225 O  O   . ALA B 1 71 ? 0.465   -2.696  -18.354 1.00 21.83 ? 105 ALA B O   1 
ATOM   1226 C  CB  . ALA B 1 71 ? 1.129   -3.487  -15.285 1.00 21.99 ? 105 ALA B CB  1 
ATOM   1227 N  N   . ARG B 1 72 ? 2.670   -3.034  -18.056 1.00 19.89 ? 106 ARG B N   1 
ATOM   1228 C  CA  . ARG B 1 72 ? 3.064   -2.070  -19.072 1.00 23.19 ? 106 ARG B CA  1 
ATOM   1229 C  C   . ARG B 1 72 ? 2.834   -2.586  -20.490 1.00 28.39 ? 106 ARG B C   1 
ATOM   1230 O  O   . ARG B 1 72 ? 2.803   -1.808  -21.444 1.00 31.81 ? 106 ARG B O   1 
ATOM   1231 C  CB  . ARG B 1 72 ? 4.527   -1.677  -18.879 1.00 24.07 ? 106 ARG B CB  1 
ATOM   1232 C  CG  . ARG B 1 72 ? 4.855   -1.282  -17.453 1.00 32.75 ? 106 ARG B CG  1 
ATOM   1233 C  CD  . ARG B 1 72 ? 3.910   -0.205  -16.932 1.00 27.32 ? 106 ARG B CD  1 
ATOM   1234 N  NE  . ARG B 1 72 ? 4.020   -0.039  -15.482 1.00 32.00 ? 106 ARG B NE  1 
ATOM   1235 C  CZ  . ARG B 1 72 ? 2.992   -0.126  -14.641 1.00 34.89 ? 106 ARG B CZ  1 
ATOM   1236 N  NH1 . ARG B 1 72 ? 1.771   -0.366  -15.108 1.00 30.15 ? 106 ARG B NH1 1 
ATOM   1237 N  NH2 . ARG B 1 72 ? 3.179   0.037   -13.334 1.00 26.38 ? 106 ARG B NH2 1 
ATOM   1238 N  N   . ARG B 1 73 ? 2.673   -3.896  -20.631 1.00 28.55 ? 107 ARG B N   1 
ATOM   1239 C  CA  . ARG B 1 73 ? 2.419   -4.483  -21.941 1.00 27.23 ? 107 ARG B CA  1 
ATOM   1240 C  C   . ARG B 1 73 ? 0.934   -4.507  -22.276 1.00 21.92 ? 107 ARG B C   1 
ATOM   1241 O  O   . ARG B 1 73 ? 0.547   -4.299  -23.420 1.00 24.49 ? 107 ARG B O   1 
ATOM   1242 C  CB  . ARG B 1 73 ? 3.047   -5.875  -22.047 1.00 32.70 ? 107 ARG B CB  1 
ATOM   1243 C  CG  . ARG B 1 73 ? 4.563   -5.820  -22.159 1.00 35.51 ? 107 ARG B CG  1 
ATOM   1244 C  CD  . ARG B 1 73 ? 5.201   -7.194  -22.267 1.00 44.10 ? 107 ARG B CD  1 
ATOM   1245 N  NE  . ARG B 1 73 ? 4.986   -8.002  -21.074 1.00 45.01 ? 107 ARG B NE  1 
ATOM   1246 C  CZ  . ARG B 1 73 ? 4.399   -9.194  -21.075 1.00 43.72 ? 107 ARG B CZ  1 
ATOM   1247 N  NH1 . ARG B 1 73 ? 3.979   -9.727  -22.215 1.00 51.13 ? 107 ARG B NH1 1 
ATOM   1248 N  NH2 . ARG B 1 73 ? 4.244   -9.861  -19.939 1.00 41.93 ? 107 ARG B NH2 1 
ATOM   1249 N  N   . HIS B 1 74 ? 0.101   -4.755  -21.274 1.00 26.18 ? 108 HIS B N   1 
ATOM   1250 C  CA  . HIS B 1 74 ? -1.339  -4.626  -21.445 1.00 24.15 ? 108 HIS B CA  1 
ATOM   1251 C  C   . HIS B 1 74 ? -1.714  -3.151  -21.466 1.00 25.14 ? 108 HIS B C   1 
ATOM   1252 O  O   . HIS B 1 74 ? -2.877  -2.796  -21.645 1.00 23.51 ? 108 HIS B O   1 
ATOM   1253 C  CB  . HIS B 1 74 ? -2.081  -5.327  -20.311 1.00 22.92 ? 108 HIS B CB  1 
ATOM   1254 C  CG  . HIS B 1 74 ? -1.829  -6.800  -20.247 1.00 25.15 ? 108 HIS B CG  1 
ATOM   1255 N  ND1 . HIS B 1 74 ? -0.627  -7.331  -19.838 1.00 28.76 ? 108 HIS B ND1 1 
ATOM   1256 C  CD2 . HIS B 1 74 ? -2.630  -7.854  -20.532 1.00 28.60 ? 108 HIS B CD2 1 
ATOM   1257 C  CE1 . HIS B 1 74 ? -0.693  -8.650  -19.880 1.00 32.20 ? 108 HIS B CE1 1 
ATOM   1258 N  NE2 . HIS B 1 74 ? -1.899  -8.993  -20.296 1.00 31.78 ? 108 HIS B NE2 1 
ATOM   1259 N  N   . GLN B 1 75 ? -0.713  -2.296  -21.275 1.00 26.91 ? 109 GLN B N   1 
ATOM   1260 C  CA  . GLN B 1 75 ? -0.923  -0.855  -21.223 1.00 25.32 ? 109 GLN B CA  1 
ATOM   1261 C  C   . GLN B 1 75 ? -1.899  -0.441  -20.120 1.00 22.74 ? 109 GLN B C   1 
ATOM   1262 O  O   . GLN B 1 75 ? -2.717  0.461   -20.310 1.00 19.84 ? 109 GLN B O   1 
ATOM   1263 C  CB  . GLN B 1 75 ? -1.401  -0.333  -22.577 1.00 24.67 ? 109 GLN B CB  1 
ATOM   1264 C  CG  . GLN B 1 75 ? -0.345  -0.394  -23.663 1.00 24.08 ? 109 GLN B CG  1 
ATOM   1265 C  CD  . GLN B 1 75 ? -0.855  0.123   -24.990 1.00 28.51 ? 109 GLN B CD  1 
ATOM   1266 O  OE1 . GLN B 1 75 ? -2.030  -0.046  -25.328 1.00 31.07 ? 109 GLN B OE1 1 
ATOM   1267 N  NE2 . GLN B 1 75 ? 0.025   0.755   -25.756 1.00 23.35 ? 109 GLN B NE2 1 
ATOM   1268 N  N   . HIS B 1 76 ? -1.814  -1.106  -18.971 1.00 23.20 ? 110 HIS B N   1 
ATOM   1269 C  CA  . HIS B 1 76 ? -2.570  -0.687  -17.793 1.00 22.03 ? 110 HIS B CA  1 
ATOM   1270 C  C   . HIS B 1 76 ? -1.606  -0.095  -16.771 1.00 20.20 ? 110 HIS B C   1 
ATOM   1271 O  O   . HIS B 1 76 ? -0.420  -0.422  -16.776 1.00 20.24 ? 110 HIS B O   1 
ATOM   1272 C  CB  . HIS B 1 76 ? -3.363  -1.857  -17.191 1.00 23.57 ? 110 HIS B CB  1 
ATOM   1273 C  CG  . HIS B 1 76 ? -4.387  -2.439  -18.122 1.00 19.00 ? 110 HIS B CG  1 
ATOM   1274 N  ND1 . HIS B 1 76 ? -5.393  -1.684  -18.687 1.00 21.41 ? 110 HIS B ND1 1 
ATOM   1275 C  CD2 . HIS B 1 76 ? -4.558  -3.699  -18.586 1.00 20.84 ? 110 HIS B CD2 1 
ATOM   1276 C  CE1 . HIS B 1 76 ? -6.133  -2.452  -19.467 1.00 20.73 ? 110 HIS B CE1 1 
ATOM   1277 N  NE2 . HIS B 1 76 ? -5.652  -3.681  -19.418 1.00 24.41 ? 110 HIS B NE2 1 
ATOM   1278 N  N   . PRO B 1 77 ? -2.105  0.799   -15.906 1.00 21.90 ? 111 PRO B N   1 
ATOM   1279 C  CA  . PRO B 1 77 ? -1.257  1.479   -14.924 1.00 18.80 ? 111 PRO B CA  1 
ATOM   1280 C  C   . PRO B 1 77 ? -1.266  0.839   -13.529 1.00 21.85 ? 111 PRO B C   1 
ATOM   1281 O  O   . PRO B 1 77 ? -1.058  1.537   -12.540 1.00 24.65 ? 111 PRO B O   1 
ATOM   1282 C  CB  . PRO B 1 77 ? -1.892  2.858   -14.870 1.00 18.84 ? 111 PRO B CB  1 
ATOM   1283 C  CG  . PRO B 1 77 ? -3.372  2.545   -14.974 1.00 20.23 ? 111 PRO B CG  1 
ATOM   1284 C  CD  . PRO B 1 77 ? -3.486  1.314   -15.866 1.00 17.49 ? 111 PRO B CD  1 
ATOM   1285 N  N   . LEU B 1 78 ? -1.489  -0.470  -13.453 1.00 20.45 ? 112 LEU B N   1 
ATOM   1286 C  CA  . LEU B 1 78 ? -1.479  -1.175  -12.172 1.00 19.81 ? 112 LEU B CA  1 
ATOM   1287 C  C   . LEU B 1 78 ? -0.167  -0.983  -11.399 1.00 30.13 ? 112 LEU B C   1 
ATOM   1288 O  O   . LEU B 1 78 ? 0.906   -1.373  -11.865 1.00 31.74 ? 112 LEU B O   1 
ATOM   1289 C  CB  . LEU B 1 78 ? -1.746  -2.668  -12.388 1.00 20.10 ? 112 LEU B CB  1 
ATOM   1290 C  CG  . LEU B 1 78 ? -1.955  -3.509  -11.122 1.00 29.55 ? 112 LEU B CG  1 
ATOM   1291 C  CD1 . LEU B 1 78 ? -3.180  -3.039  -10.336 1.00 17.06 ? 112 LEU B CD1 1 
ATOM   1292 C  CD2 . LEU B 1 78 ? -2.057  -5.000  -11.456 1.00 18.40 ? 112 LEU B CD2 1 
ATOM   1293 N  N   . GLN B 1 79 ? -0.259  -0.387  -10.215 1.00 27.85 ? 113 GLN B N   1 
ATOM   1294 C  CA  . GLN B 1 79 ? 0.920   -0.142  -9.383  1.00 28.77 ? 113 GLN B CA  1 
ATOM   1295 C  C   . GLN B 1 79 ? 1.170   -1.309  -8.418  1.00 25.95 ? 113 GLN B C   1 
ATOM   1296 O  O   . GLN B 1 79 ? 0.250   -1.793  -7.756  1.00 21.63 ? 113 GLN B O   1 
ATOM   1297 C  CB  . GLN B 1 79 ? 0.751   1.159   -8.593  1.00 35.88 ? 113 GLN B CB  1 
ATOM   1298 C  CG  . GLN B 1 79 ? 0.549   2.412   -9.451  1.00 33.35 ? 113 GLN B CG  1 
ATOM   1299 C  CD  . GLN B 1 79 ? 1.786   3.283   -9.512  1.00 42.05 ? 113 GLN B CD  1 
ATOM   1300 O  OE1 . GLN B 1 79 ? 2.328   3.683   -8.482  1.00 46.46 ? 113 GLN B OE1 1 
ATOM   1301 N  NE2 . GLN B 1 79 ? 2.234   3.591   -10.722 1.00 54.81 ? 113 GLN B NE2 1 
ATOM   1302 N  N   . CYS B 1 80 ? 2.421   -1.747  -8.333  1.00 20.37 ? 114 CYS B N   1 
ATOM   1303 C  CA  . CYS B 1 80 ? 2.775   -2.886  -7.495  1.00 20.18 ? 114 CYS B CA  1 
ATOM   1304 C  C   . CYS B 1 80 ? 4.141   -2.720  -6.829  1.00 22.29 ? 114 CYS B C   1 
ATOM   1305 O  O   . CYS B 1 80 ? 5.124   -2.373  -7.483  1.00 21.83 ? 114 CYS B O   1 
ATOM   1306 C  CB  . CYS B 1 80 ? 2.756   -4.169  -8.325  1.00 18.51 ? 114 CYS B CB  1 
ATOM   1307 S  SG  . CYS B 1 80 ? 3.318   -5.632  -7.437  1.00 18.19 ? 114 CYS B SG  1 
ATOM   1308 N  N   . THR B 1 81 ? 4.202   -2.984  -5.527  1.00 20.14 ? 115 THR B N   1 
ATOM   1309 C  CA  . THR B 1 81 ? 5.448   -2.821  -4.779  1.00 23.28 ? 115 THR B CA  1 
ATOM   1310 C  C   . THR B 1 81 ? 5.537   -3.799  -3.601  1.00 22.67 ? 115 THR B C   1 
ATOM   1311 O  O   . THR B 1 81 ? 4.636   -4.617  -3.394  1.00 18.67 ? 115 THR B O   1 
ATOM   1312 C  CB  . THR B 1 81 ? 5.609   -1.373  -4.277  1.00 22.37 ? 115 THR B CB  1 
ATOM   1313 O  OG1 . THR B 1 81 ? 6.873   -1.221  -3.622  1.00 22.82 ? 115 THR B OG1 1 
ATOM   1314 C  CG2 . THR B 1 81 ? 4.499   -1.033  -3.309  1.00 25.08 ? 115 THR B CG2 1 
ATOM   1315 N  N   . MET B 1 82 ? 6.628   -3.717  -2.839  1.00 23.74 ? 116 MET B N   1 
ATOM   1316 C  CA  . MET B 1 82 ? 6.863   -4.643  -1.733  1.00 24.04 ? 116 MET B CA  1 
ATOM   1317 C  C   . MET B 1 82 ? 7.134   -3.926  -0.412  1.00 21.05 ? 116 MET B C   1 
ATOM   1318 O  O   . MET B 1 82 ? 7.219   -2.699  -0.360  1.00 18.10 ? 116 MET B O   1 
ATOM   1319 C  CB  . MET B 1 82 ? 8.027   -5.581  -2.060  1.00 23.75 ? 116 MET B CB  1 
ATOM   1320 C  CG  . MET B 1 82 ? 9.360   -4.873  -2.200  1.00 27.10 ? 116 MET B CG  1 
ATOM   1321 S  SD  . MET B 1 82 ? 10.681  -5.961  -2.760  1.00 26.89 ? 116 MET B SD  1 
ATOM   1322 C  CE  . MET B 1 82 ? 10.641  -7.196  -1.478  1.00 31.06 ? 116 MET B CE  1 
ATOM   1323 N  N   . GLU B 1 83 ? 7.269   -4.702  0.657   1.00 21.63 ? 117 GLU B N   1 
ATOM   1324 C  CA  . GLU B 1 83 ? 7.523   -4.133  1.972   1.00 20.35 ? 117 GLU B CA  1 
ATOM   1325 C  C   . GLU B 1 83 ? 7.780   -5.211  3.014   1.00 22.18 ? 117 GLU B C   1 
ATOM   1326 O  O   . GLU B 1 83 ? 7.111   -6.241  3.019   1.00 23.56 ? 117 GLU B O   1 
ATOM   1327 C  CB  . GLU B 1 83 ? 6.342   -3.271  2.395   1.00 23.97 ? 117 GLU B CB  1 
ATOM   1328 C  CG  . GLU B 1 83 ? 6.666   -2.344  3.530   1.00 31.11 ? 117 GLU B CG  1 
ATOM   1329 C  CD  . GLU B 1 83 ? 6.044   -0.986  3.347   1.00 38.03 ? 117 GLU B CD  1 
ATOM   1330 O  OE1 . GLU B 1 83 ? 4.949   -0.909  2.745   1.00 38.92 ? 117 GLU B OE1 1 
ATOM   1331 O  OE2 . GLU B 1 83 ? 6.661   0.001   3.801   1.00 29.05 ? 117 GLU B OE2 1 
ATOM   1332 N  N   . LYS B 1 84 ? 8.748   -4.964  3.896   1.00 21.74 ? 118 LYS B N   1 
ATOM   1333 C  CA  . LYS B 1 84 ? 9.128   -5.928  4.927   1.00 24.96 ? 118 LYS B CA  1 
ATOM   1334 C  C   . LYS B 1 84 ? 7.930   -6.434  5.721   1.00 25.25 ? 118 LYS B C   1 
ATOM   1335 O  O   . LYS B 1 84 ? 7.208   -5.651  6.335   1.00 26.53 ? 118 LYS B O   1 
ATOM   1336 C  CB  . LYS B 1 84 ? 10.149  -5.316  5.887   1.00 28.60 ? 118 LYS B CB  1 
ATOM   1337 C  CG  . LYS B 1 84 ? 11.455  -4.923  5.233   1.00 29.28 ? 118 LYS B CG  1 
ATOM   1338 C  CD  . LYS B 1 84 ? 12.511  -4.574  6.271   1.00 39.97 ? 118 LYS B CD  1 
ATOM   1339 C  CE  . LYS B 1 84 ? 12.702  -5.714  7.253   1.00 37.42 ? 118 LYS B CE  1 
ATOM   1340 N  NZ  . LYS B 1 84 ? 12.901  -7.002  6.535   1.00 34.33 ? 118 LYS B NZ  1 
ATOM   1341 N  N   . ASP B 1 85 ? 7.726   -7.747  5.699   1.00 23.67 ? 119 ASP B N   1 
ATOM   1342 C  CA  . ASP B 1 85 ? 6.666   -8.372  6.477   1.00 27.55 ? 119 ASP B CA  1 
ATOM   1343 C  C   . ASP B 1 85 ? 7.084   -8.437  7.940   1.00 38.68 ? 119 ASP B C   1 
ATOM   1344 O  O   . ASP B 1 85 ? 6.419   -9.064  8.765   1.00 45.30 ? 119 ASP B O   1 
ATOM   1345 C  CB  . ASP B 1 85 ? 6.376   -9.777  5.947   1.00 30.16 ? 119 ASP B CB  1 
ATOM   1346 C  CG  . ASP B 1 85 ? 5.388   -10.541 6.813   1.00 33.46 ? 119 ASP B CG  1 
ATOM   1347 O  OD1 . ASP B 1 85 ? 4.278   -10.022 7.067   1.00 32.38 ? 119 ASP B OD1 1 
ATOM   1348 O  OD2 . ASP B 1 85 ? 5.722   -11.669 7.234   1.00 34.82 ? 119 ASP B OD2 1 
ATOM   1349 O  OXT . ASP B 1 85 ? 8.102   -7.862  8.326   1.00 37.89 ? 119 ASP B OXT 1 
ATOM   1350 N  N   . PHE C 2 1  ? 5.959   12.699  -2.852  1.00 14.02 ? 1   PHE C N   1 
ATOM   1351 C  CA  . PHE C 2 1  ? 5.738   13.976  -2.193  1.00 14.87 ? 1   PHE C CA  1 
ATOM   1352 C  C   . PHE C 2 1  ? 6.545   15.098  -2.847  1.00 22.00 ? 1   PHE C C   1 
ATOM   1353 O  O   . PHE C 2 1  ? 7.659   14.874  -3.328  1.00 27.45 ? 1   PHE C O   1 
ATOM   1354 C  CB  . PHE C 2 1  ? 6.091   13.869  -0.710  1.00 19.16 ? 1   PHE C CB  1 
ATOM   1355 C  CG  . PHE C 2 1  ? 5.481   12.683  -0.027  1.00 17.02 ? 1   PHE C CG  1 
ATOM   1356 C  CD1 . PHE C 2 1  ? 4.113   12.476  -0.061  1.00 18.35 ? 1   PHE C CD1 1 
ATOM   1357 C  CD2 . PHE C 2 1  ? 6.272   11.782  0.663   1.00 15.16 ? 1   PHE C CD2 1 
ATOM   1358 C  CE1 . PHE C 2 1  ? 3.546   11.389  0.570   1.00 17.31 ? 1   PHE C CE1 1 
ATOM   1359 C  CE2 . PHE C 2 1  ? 5.709   10.691  1.297   1.00 15.92 ? 1   PHE C CE2 1 
ATOM   1360 C  CZ  . PHE C 2 1  ? 4.344   10.495  1.249   1.00 11.97 ? 1   PHE C CZ  1 
ATOM   1361 N  N   . GLY C 2 2  ? 5.983   16.303  -2.854  1.00 20.83 ? 2   GLY C N   1 
ATOM   1362 C  CA  . GLY C 2 2  ? 6.630   17.447  -3.473  1.00 25.39 ? 2   GLY C CA  1 
ATOM   1363 C  C   . GLY C 2 2  ? 7.918   17.851  -2.780  1.00 32.29 ? 2   GLY C C   1 
ATOM   1364 O  O   . GLY C 2 2  ? 7.909   18.641  -1.833  1.00 35.74 ? 2   GLY C O   1 
ATOM   1365 N  N   . PHE D 2 1  ? -11.074 -0.074  -9.771  1.00 18.65 ? 1   PHE D N   1 
ATOM   1366 C  CA  . PHE D 2 1  ? -11.252 -0.773  -11.040 1.00 23.11 ? 1   PHE D CA  1 
ATOM   1367 C  C   . PHE D 2 1  ? -12.711 -0.657  -11.491 1.00 29.46 ? 1   PHE D C   1 
ATOM   1368 O  O   . PHE D 2 1  ? -13.574 -0.309  -10.689 1.00 30.28 ? 1   PHE D O   1 
ATOM   1369 C  CB  . PHE D 2 1  ? -10.839 -2.237  -10.882 1.00 21.20 ? 1   PHE D CB  1 
ATOM   1370 C  CG  . PHE D 2 1  ? -9.568  -2.424  -10.103 1.00 17.94 ? 1   PHE D CG  1 
ATOM   1371 C  CD1 . PHE D 2 1  ? -8.383  -1.848  -10.536 1.00 17.07 ? 1   PHE D CD1 1 
ATOM   1372 C  CD2 . PHE D 2 1  ? -9.555  -3.181  -8.941  1.00 15.73 ? 1   PHE D CD2 1 
ATOM   1373 C  CE1 . PHE D 2 1  ? -7.214  -2.013  -9.823  1.00 17.05 ? 1   PHE D CE1 1 
ATOM   1374 C  CE2 . PHE D 2 1  ? -8.386  -3.354  -8.225  1.00 20.49 ? 1   PHE D CE2 1 
ATOM   1375 C  CZ  . PHE D 2 1  ? -7.214  -2.767  -8.665  1.00 20.94 ? 1   PHE D CZ  1 
ATOM   1376 N  N   . GLY D 2 2  ? -13.000 -0.925  -12.762 1.00 27.68 ? 2   GLY D N   1 
ATOM   1377 C  CA  . GLY D 2 2  ? -12.009 -1.321  -13.743 1.00 30.23 ? 2   GLY D CA  1 
ATOM   1378 C  C   . GLY D 2 2  ? -12.635 -2.006  -14.948 1.00 36.02 ? 2   GLY D C   1 
ATOM   1379 O  O   . GLY D 2 2  ? -13.211 -3.097  -14.840 1.00 26.27 ? 2   GLY D O   1 
HETATM 1380 MG MG  . MG  E 3 .  ? 4.095   -11.766 11.503  1.00 38.35 ? 1   MG  A MG  1 
HETATM 1381 O  O   . HOH F 4 .  ? -9.217  1.223   4.429   1.00 27.41 ? 2   HOH A O   1 
HETATM 1382 O  O   . HOH F 4 .  ? 4.298   6.618   -5.955  1.00 22.59 ? 7   HOH A O   1 
HETATM 1383 O  O   . HOH F 4 .  ? -10.820 1.392   8.478   1.00 25.59 ? 10  HOH A O   1 
HETATM 1384 O  O   . HOH F 4 .  ? 5.602   9.327   -8.433  1.00 41.76 ? 11  HOH A O   1 
HETATM 1385 O  O   . HOH F 4 .  ? 6.325   13.235  -5.519  1.00 28.07 ? 13  HOH A O   1 
HETATM 1386 O  O   . HOH F 4 .  ? 9.329   1.530   9.066   1.00 45.68 ? 15  HOH A O   1 
HETATM 1387 O  O   . HOH F 4 .  ? -4.949  -8.083  2.813   1.00 39.50 ? 18  HOH A O   1 
HETATM 1388 O  O   . HOH F 4 .  ? 8.141   9.553   21.279  1.00 25.51 ? 21  HOH A O   1 
HETATM 1389 O  O   . HOH F 4 .  ? 8.962   2.604   11.623  1.00 43.47 ? 22  HOH A O   1 
HETATM 1390 O  O   . HOH F 4 .  ? -7.603  14.379  13.226  1.00 29.61 ? 23  HOH A O   1 
HETATM 1391 O  O   . HOH F 4 .  ? 10.126  3.605   14.586  1.00 30.74 ? 28  HOH A O   1 
HETATM 1392 O  O   . HOH G 4 .  ? 2.075   -11.131 -19.334 1.00 25.07 ? 1   HOH B O   1 
HETATM 1393 O  O   . HOH G 4 .  ? 9.134   -0.921  -4.831  1.00 23.33 ? 3   HOH B O   1 
HETATM 1394 O  O   . HOH G 4 .  ? 1.309   -4.143  4.020   1.00 16.28 ? 4   HOH B O   1 
HETATM 1395 O  O   . HOH G 4 .  ? -8.722  3.731   -4.406  1.00 20.39 ? 5   HOH B O   1 
HETATM 1396 O  O   . HOH G 4 .  ? -3.243  -22.120 -8.261  1.00 21.40 ? 12  HOH B O   1 
HETATM 1397 O  O   . HOH G 4 .  ? -13.451 -9.699  -12.783 1.00 23.07 ? 14  HOH B O   1 
HETATM 1398 O  O   . HOH G 4 .  ? -13.523 4.714   -7.942  1.00 25.33 ? 16  HOH B O   1 
HETATM 1399 O  O   . HOH G 4 .  ? -5.595  -20.132 -4.752  1.00 31.96 ? 17  HOH B O   1 
HETATM 1400 O  O   . HOH G 4 .  ? 14.303  -3.277  -3.424  1.00 19.49 ? 19  HOH B O   1 
HETATM 1401 O  O   . HOH G 4 .  ? 15.765  -8.366  6.756   1.00 37.16 ? 20  HOH B O   1 
HETATM 1402 O  O   . HOH G 4 .  ? -5.530  -17.329 -1.121  1.00 26.77 ? 24  HOH B O   1 
HETATM 1403 O  O   . HOH G 4 .  ? 4.932   -8.258  -24.851 1.00 27.79 ? 25  HOH B O   1 
HETATM 1404 O  O   . HOH G 4 .  ? -10.828 5.123   -6.650  1.00 36.43 ? 26  HOH B O   1 
HETATM 1405 O  O   . HOH G 4 .  ? -5.114  -18.970 1.022   1.00 30.48 ? 27  HOH B O   1 
# 
loop_
_pdbx_poly_seq_scheme.asym_id 
_pdbx_poly_seq_scheme.entity_id 
_pdbx_poly_seq_scheme.seq_id 
_pdbx_poly_seq_scheme.mon_id 
_pdbx_poly_seq_scheme.ndb_seq_num 
_pdbx_poly_seq_scheme.pdb_seq_num 
_pdbx_poly_seq_scheme.auth_seq_num 
_pdbx_poly_seq_scheme.pdb_mon_id 
_pdbx_poly_seq_scheme.auth_mon_id 
_pdbx_poly_seq_scheme.pdb_strand_id 
_pdbx_poly_seq_scheme.pdb_ins_code 
_pdbx_poly_seq_scheme.hetero 
A 1 1  THR 1  35  ?   ?   ?   A . n 
A 1 2  GLN 2  36  ?   ?   ?   A . n 
A 1 3  LYS 3  37  ?   ?   ?   A . n 
A 1 4  PRO 4  38  38  PRO PRO A . n 
A 1 5  SER 5  39  39  SER SER A . n 
A 1 6  LEU 6  40  40  LEU LEU A . n 
A 1 7  TYR 7  41  41  TYR TYR A . n 
A 1 8  ARG 8  42  42  ARG ARG A . n 
A 1 9  VAL 9  43  43  VAL VAL A . n 
A 1 10 LEU 10 44  44  LEU LEU A . n 
A 1 11 ILE 11 45  45  ILE ILE A . n 
A 1 12 LEU 12 46  46  LEU LEU A . n 
A 1 13 ASN 13 47  47  ASN ASN A . n 
A 1 14 ASP 14 48  48  ASP ASP A . n 
A 1 15 ASP 15 49  49  ASP ASP A . n 
A 1 16 TYR 16 50  50  TYR TYR A . n 
A 1 17 THR 17 51  51  THR THR A . n 
A 1 18 PRO 18 52  52  PRO PRO A . n 
A 1 19 MET 19 53  53  MET MET A . n 
A 1 20 GLU 20 54  54  GLU GLU A . n 
A 1 21 PHE 21 55  55  PHE PHE A . n 
A 1 22 VAL 22 56  56  VAL VAL A . n 
A 1 23 VAL 23 57  57  VAL VAL A . n 
A 1 24 TYR 24 58  58  TYR TYR A . n 
A 1 25 VAL 25 59  59  VAL VAL A . n 
A 1 26 LEU 26 60  60  LEU LEU A . n 
A 1 27 GLU 27 61  61  GLU GLU A . n 
A 1 28 ARG 28 62  62  ARG ARG A . n 
A 1 29 PHE 29 63  63  PHE PHE A . n 
A 1 30 PHE 30 64  64  PHE PHE A . n 
A 1 31 ASN 31 65  65  ASN ASN A . n 
A 1 32 LYS 32 66  66  LYS LYS A . n 
A 1 33 SER 33 67  67  SER SER A . n 
A 1 34 ARG 34 68  68  ARG ARG A . n 
A 1 35 GLU 35 69  69  GLU GLU A . n 
A 1 36 ASP 36 70  70  ASP ASP A . n 
A 1 37 ALA 37 71  71  ALA ALA A . n 
A 1 38 THR 38 72  72  THR THR A . n 
A 1 39 ARG 39 73  73  ARG ARG A . n 
A 1 40 ILE 40 74  74  ILE ILE A . n 
A 1 41 MET 41 75  75  MET MET A . n 
A 1 42 LEU 42 76  76  LEU LEU A . n 
A 1 43 HIS 43 77  77  HIS HIS A . n 
A 1 44 VAL 44 78  78  VAL VAL A . n 
A 1 45 HIS 45 79  79  HIS HIS A . n 
A 1 46 GLN 46 80  80  GLN GLN A . n 
A 1 47 ASN 47 81  81  ASN ASN A . n 
A 1 48 GLY 48 82  82  GLY GLY A . n 
A 1 49 VAL 49 83  83  VAL VAL A . n 
A 1 50 GLY 50 84  84  GLY GLY A . n 
A 1 51 VAL 51 85  85  VAL VAL A . n 
A 1 52 CYS 52 86  86  CYS CYS A . n 
A 1 53 GLY 53 87  87  GLY GLY A . n 
A 1 54 VAL 54 88  88  VAL VAL A . n 
A 1 55 TYR 55 89  89  TYR TYR A . n 
A 1 56 THR 56 90  90  THR THR A . n 
A 1 57 TYR 57 91  91  TYR TYR A . n 
A 1 58 GLU 58 92  92  GLU GLU A . n 
A 1 59 VAL 59 93  93  VAL VAL A . n 
A 1 60 ALA 60 94  94  ALA ALA A . n 
A 1 61 GLU 61 95  95  GLU GLU A . n 
A 1 62 THR 62 96  96  THR THR A . n 
A 1 63 LYS 63 97  97  LYS LYS A . n 
A 1 64 VAL 64 98  98  VAL VAL A . n 
A 1 65 ALA 65 99  99  ALA ALA A . n 
A 1 66 GLN 66 100 100 GLN GLN A . n 
A 1 67 VAL 67 101 101 VAL VAL A . n 
A 1 68 ILE 68 102 102 ILE ILE A . n 
A 1 69 ASP 69 103 103 ASP ASP A . n 
A 1 70 SER 70 104 104 SER SER A . n 
A 1 71 ALA 71 105 105 ALA ALA A . n 
A 1 72 ARG 72 106 106 ARG ARG A . n 
A 1 73 ARG 73 107 107 ARG ARG A . n 
A 1 74 HIS 74 108 108 HIS HIS A . n 
A 1 75 GLN 75 109 109 GLN GLN A . n 
A 1 76 HIS 76 110 110 HIS HIS A . n 
A 1 77 PRO 77 111 111 PRO PRO A . n 
A 1 78 LEU 78 112 112 LEU LEU A . n 
A 1 79 GLN 79 113 113 GLN GLN A . n 
A 1 80 CYS 80 114 114 CYS CYS A . n 
A 1 81 THR 81 115 115 THR THR A . n 
A 1 82 MET 82 116 116 MET MET A . n 
A 1 83 GLU 83 117 117 GLU GLU A . n 
A 1 84 LYS 84 118 118 LYS LYS A . n 
A 1 85 ASP 85 119 119 ASP ASP A . n 
B 1 1  THR 1  35  ?   ?   ?   B . n 
B 1 2  GLN 2  36  ?   ?   ?   B . n 
B 1 3  LYS 3  37  ?   ?   ?   B . n 
B 1 4  PRO 4  38  38  PRO PRO B . n 
B 1 5  SER 5  39  39  SER SER B . n 
B 1 6  LEU 6  40  40  LEU LEU B . n 
B 1 7  TYR 7  41  41  TYR TYR B . n 
B 1 8  ARG 8  42  42  ARG ARG B . n 
B 1 9  VAL 9  43  43  VAL VAL B . n 
B 1 10 LEU 10 44  44  LEU LEU B . n 
B 1 11 ILE 11 45  45  ILE ILE B . n 
B 1 12 LEU 12 46  46  LEU LEU B . n 
B 1 13 ASN 13 47  47  ASN ASN B . n 
B 1 14 ASP 14 48  48  ASP ASP B . n 
B 1 15 ASP 15 49  49  ASP ASP B . n 
B 1 16 TYR 16 50  50  TYR TYR B . n 
B 1 17 THR 17 51  51  THR THR B . n 
B 1 18 PRO 18 52  52  PRO PRO B . n 
B 1 19 MET 19 53  53  MET MET B . n 
B 1 20 GLU 20 54  54  GLU GLU B . n 
B 1 21 PHE 21 55  55  PHE PHE B . n 
B 1 22 VAL 22 56  56  VAL VAL B . n 
B 1 23 VAL 23 57  57  VAL VAL B . n 
B 1 24 TYR 24 58  58  TYR TYR B . n 
B 1 25 VAL 25 59  59  VAL VAL B . n 
B 1 26 LEU 26 60  60  LEU LEU B . n 
B 1 27 GLU 27 61  61  GLU GLU B . n 
B 1 28 ARG 28 62  62  ARG ARG B . n 
B 1 29 PHE 29 63  63  PHE PHE B . n 
B 1 30 PHE 30 64  64  PHE PHE B . n 
B 1 31 ASN 31 65  65  ASN ASN B . n 
B 1 32 LYS 32 66  66  LYS LYS B . n 
B 1 33 SER 33 67  67  SER SER B . n 
B 1 34 ARG 34 68  68  ARG ARG B . n 
B 1 35 GLU 35 69  69  GLU GLU B . n 
B 1 36 ASP 36 70  70  ASP ASP B . n 
B 1 37 ALA 37 71  71  ALA ALA B . n 
B 1 38 THR 38 72  72  THR THR B . n 
B 1 39 ARG 39 73  73  ARG ARG B . n 
B 1 40 ILE 40 74  74  ILE ILE B . n 
B 1 41 MET 41 75  75  MET MET B . n 
B 1 42 LEU 42 76  76  LEU LEU B . n 
B 1 43 HIS 43 77  77  HIS HIS B . n 
B 1 44 VAL 44 78  78  VAL VAL B . n 
B 1 45 HIS 45 79  79  HIS HIS B . n 
B 1 46 GLN 46 80  80  GLN GLN B . n 
B 1 47 ASN 47 81  81  ASN ASN B . n 
B 1 48 GLY 48 82  82  GLY GLY B . n 
B 1 49 VAL 49 83  83  VAL VAL B . n 
B 1 50 GLY 50 84  84  GLY GLY B . n 
B 1 51 VAL 51 85  85  VAL VAL B . n 
B 1 52 CYS 52 86  86  CYS CYS B . n 
B 1 53 GLY 53 87  87  GLY GLY B . n 
B 1 54 VAL 54 88  88  VAL VAL B . n 
B 1 55 TYR 55 89  89  TYR TYR B . n 
B 1 56 THR 56 90  90  THR THR B . n 
B 1 57 TYR 57 91  91  TYR TYR B . n 
B 1 58 GLU 58 92  92  GLU GLU B . n 
B 1 59 VAL 59 93  93  VAL VAL B . n 
B 1 60 ALA 60 94  94  ALA ALA B . n 
B 1 61 GLU 61 95  95  GLU GLU B . n 
B 1 62 THR 62 96  96  THR THR B . n 
B 1 63 LYS 63 97  97  LYS LYS B . n 
B 1 64 VAL 64 98  98  VAL VAL B . n 
B 1 65 ALA 65 99  99  ALA ALA B . n 
B 1 66 GLN 66 100 100 GLN GLN B . n 
B 1 67 VAL 67 101 101 VAL VAL B . n 
B 1 68 ILE 68 102 102 ILE ILE B . n 
B 1 69 ASP 69 103 103 ASP ASP B . n 
B 1 70 SER 70 104 104 SER SER B . n 
B 1 71 ALA 71 105 105 ALA ALA B . n 
B 1 72 ARG 72 106 106 ARG ARG B . n 
B 1 73 ARG 73 107 107 ARG ARG B . n 
B 1 74 HIS 74 108 108 HIS HIS B . n 
B 1 75 GLN 75 109 109 GLN GLN B . n 
B 1 76 HIS 76 110 110 HIS HIS B . n 
B 1 77 PRO 77 111 111 PRO PRO B . n 
B 1 78 LEU 78 112 112 LEU LEU B . n 
B 1 79 GLN 79 113 113 GLN GLN B . n 
B 1 80 CYS 80 114 114 CYS CYS B . n 
B 1 81 THR 81 115 115 THR THR B . n 
B 1 82 MET 82 116 116 MET MET B . n 
B 1 83 GLU 83 117 117 GLU GLU B . n 
B 1 84 LYS 84 118 118 LYS LYS B . n 
B 1 85 ASP 85 119 119 ASP ASP B . n 
C 2 1  PHE 1  1   1   PHE PHE C . n 
C 2 2  GLY 2  2   2   GLY GLY C . n 
C 2 3  GLY 3  3   ?   ?   ?   C . n 
D 2 1  PHE 1  1   1   PHE PHE D . n 
D 2 2  GLY 2  2   2   GLY GLY D . n 
D 2 3  GLY 3  3   ?   ?   ?   D . n 
# 
loop_
_pdbx_nonpoly_scheme.asym_id 
_pdbx_nonpoly_scheme.entity_id 
_pdbx_nonpoly_scheme.mon_id 
_pdbx_nonpoly_scheme.ndb_seq_num 
_pdbx_nonpoly_scheme.pdb_seq_num 
_pdbx_nonpoly_scheme.auth_seq_num 
_pdbx_nonpoly_scheme.pdb_mon_id 
_pdbx_nonpoly_scheme.auth_mon_id 
_pdbx_nonpoly_scheme.pdb_strand_id 
_pdbx_nonpoly_scheme.pdb_ins_code 
E 3 MG  1  1  1  MG  MG  A . 
F 4 HOH 1  2  2  HOH HOH A . 
F 4 HOH 2  7  7  HOH HOH A . 
F 4 HOH 3  10 10 HOH HOH A . 
F 4 HOH 4  11 11 HOH HOH A . 
F 4 HOH 5  13 13 HOH HOH A . 
F 4 HOH 6  15 15 HOH HOH A . 
F 4 HOH 7  18 18 HOH HOH A . 
F 4 HOH 8  21 21 HOH HOH A . 
F 4 HOH 9  22 22 HOH HOH A . 
F 4 HOH 10 23 23 HOH HOH A . 
F 4 HOH 11 28 28 HOH HOH A . 
G 4 HOH 1  1  1  HOH HOH B . 
G 4 HOH 2  3  3  HOH HOH B . 
G 4 HOH 3  4  4  HOH HOH B . 
G 4 HOH 4  5  5  HOH HOH B . 
G 4 HOH 5  12 12 HOH HOH B . 
G 4 HOH 6  14 14 HOH HOH B . 
G 4 HOH 7  16 16 HOH HOH B . 
G 4 HOH 8  17 17 HOH HOH B . 
G 4 HOH 9  19 19 HOH HOH B . 
G 4 HOH 10 20 20 HOH HOH B . 
G 4 HOH 11 24 24 HOH HOH B . 
G 4 HOH 12 25 25 HOH HOH B . 
G 4 HOH 13 26 26 HOH HOH B . 
G 4 HOH 14 27 27 HOH HOH B . 
# 
loop_
_pdbx_struct_assembly.id 
_pdbx_struct_assembly.details 
_pdbx_struct_assembly.method_details 
_pdbx_struct_assembly.oligomeric_details 
_pdbx_struct_assembly.oligomeric_count 
1 author_and_software_defined_assembly PISA dimeric 2 
2 author_and_software_defined_assembly PISA dimeric 2 
# 
loop_
_pdbx_struct_assembly_gen.assembly_id 
_pdbx_struct_assembly_gen.oper_expression 
_pdbx_struct_assembly_gen.asym_id_list 
1 1 A,C,E,F 
2 1 B,D,G   
# 
loop_
_pdbx_struct_assembly_prop.biol_id 
_pdbx_struct_assembly_prop.type 
_pdbx_struct_assembly_prop.value 
_pdbx_struct_assembly_prop.details 
1 'ABSA (A^2)' 480  ? 
1 MORE         -4   ? 
1 'SSA (A^2)'  5040 ? 
2 'ABSA (A^2)' 480  ? 
2 MORE         -4   ? 
2 'SSA (A^2)'  5040 ? 
# 
_pdbx_struct_oper_list.id                   1 
_pdbx_struct_oper_list.type                 'identity operation' 
_pdbx_struct_oper_list.name                 1_555 
_pdbx_struct_oper_list.symmetry_operation   x,y,z 
_pdbx_struct_oper_list.matrix[1][1]         1.0000000000 
_pdbx_struct_oper_list.matrix[1][2]         0.0000000000 
_pdbx_struct_oper_list.matrix[1][3]         0.0000000000 
_pdbx_struct_oper_list.vector[1]            0.0000000000 
_pdbx_struct_oper_list.matrix[2][1]         0.0000000000 
_pdbx_struct_oper_list.matrix[2][2]         1.0000000000 
_pdbx_struct_oper_list.matrix[2][3]         0.0000000000 
_pdbx_struct_oper_list.vector[2]            0.0000000000 
_pdbx_struct_oper_list.matrix[3][1]         0.0000000000 
_pdbx_struct_oper_list.matrix[3][2]         0.0000000000 
_pdbx_struct_oper_list.matrix[3][3]         1.0000000000 
_pdbx_struct_oper_list.vector[3]            0.0000000000 
# 
loop_
_pdbx_audit_revision_history.ordinal 
_pdbx_audit_revision_history.data_content_type 
_pdbx_audit_revision_history.major_revision 
_pdbx_audit_revision_history.minor_revision 
_pdbx_audit_revision_history.revision_date 
1 'Structure model' 1 0 2009-05-05 
2 'Structure model' 1 1 2011-07-13 
3 'Structure model' 1 2 2017-11-01 
4 'Structure model' 1 3 2023-09-06 
# 
_pdbx_audit_revision_details.ordinal             1 
_pdbx_audit_revision_details.revision_ordinal    1 
_pdbx_audit_revision_details.data_content_type   'Structure model' 
_pdbx_audit_revision_details.provider            repository 
_pdbx_audit_revision_details.type                'Initial release' 
_pdbx_audit_revision_details.description         ? 
_pdbx_audit_revision_details.details             ? 
# 
loop_
_pdbx_audit_revision_group.ordinal 
_pdbx_audit_revision_group.revision_ordinal 
_pdbx_audit_revision_group.data_content_type 
_pdbx_audit_revision_group.group 
1 2 'Structure model' 'Version format compliance' 
2 3 'Structure model' 'Refinement description'    
3 4 'Structure model' 'Data collection'           
4 4 'Structure model' 'Database references'       
5 4 'Structure model' 'Refinement description'    
6 4 'Structure model' 'Source and taxonomy'       
7 4 'Structure model' 'Structure summary'         
# 
loop_
_pdbx_audit_revision_category.ordinal 
_pdbx_audit_revision_category.revision_ordinal 
_pdbx_audit_revision_category.data_content_type 
_pdbx_audit_revision_category.category 
1  3 'Structure model' software                      
2  4 'Structure model' chem_comp_atom                
3  4 'Structure model' chem_comp_bond                
4  4 'Structure model' database_2                    
5  4 'Structure model' entity                        
6  4 'Structure model' entity_src_gen                
7  4 'Structure model' pdbx_entity_src_syn           
8  4 'Structure model' pdbx_initial_refinement_model 
9  4 'Structure model' struct_ref                    
10 4 'Structure model' struct_ref_seq                
# 
loop_
_pdbx_audit_revision_item.ordinal 
_pdbx_audit_revision_item.revision_ordinal 
_pdbx_audit_revision_item.data_content_type 
_pdbx_audit_revision_item.item 
1 4 'Structure model' '_database_2.pdbx_DOI'                 
2 4 'Structure model' '_database_2.pdbx_database_accession'  
3 4 'Structure model' '_entity.pdbx_description'             
4 4 'Structure model' '_entity_src_gen.gene_src_common_name' 
5 4 'Structure model' '_entity_src_gen.pdbx_beg_seq_num'     
6 4 'Structure model' '_entity_src_gen.pdbx_end_seq_num'     
7 4 'Structure model' '_entity_src_gen.pdbx_gene_src_gene'   
8 4 'Structure model' '_entity_src_gen.pdbx_seq_type'        
# 
loop_
_software.name 
_software.version 
_software.date 
_software.type 
_software.contact_author 
_software.contact_author_email 
_software.classification 
_software.location 
_software.language 
_software.citation_id 
_software.pdbx_ordinal 
DENZO       .     ?               package 'Zbyszek Otwinowski' hkl@hkl-xray.com      'data reduction'  http://www.hkl-xray.com/ ? 
? 1 
SCALEPACK   .     ?               package 'Zbyszek Otwinowski' hkl@hkl-xray.com      'data scaling'    http://www.hkl-xray.com/ ? 
? 2 
PHENIX      .     ?               package 'Paul D. Adams'      PDAdams@lbl.gov       refinement        
http://www.phenix-online.org/             C++ ? 3 
PDB_EXTRACT 3.006 'June 11, 2008' package PDB                  help@deposit.rcsb.org 'data extraction' 
http://sw-tools.pdb.org/apps/PDB_EXTRACT/ C++ ? 4 
HKL-2000    .     ?               ?       ?                    ?                     'data collection' ? ?   ? 5 
# 
loop_
_pdbx_validate_torsion.id 
_pdbx_validate_torsion.PDB_model_num 
_pdbx_validate_torsion.auth_comp_id 
_pdbx_validate_torsion.auth_asym_id 
_pdbx_validate_torsion.auth_seq_id 
_pdbx_validate_torsion.PDB_ins_code 
_pdbx_validate_torsion.label_alt_id 
_pdbx_validate_torsion.phi 
_pdbx_validate_torsion.psi 
1 1 GLU A 117 ? ? -175.78 138.56 
2 1 GLU B 117 ? ? -174.25 139.47 
# 
loop_
_pdbx_unobs_or_zero_occ_residues.id 
_pdbx_unobs_or_zero_occ_residues.PDB_model_num 
_pdbx_unobs_or_zero_occ_residues.polymer_flag 
_pdbx_unobs_or_zero_occ_residues.occupancy_flag 
_pdbx_unobs_or_zero_occ_residues.auth_asym_id 
_pdbx_unobs_or_zero_occ_residues.auth_comp_id 
_pdbx_unobs_or_zero_occ_residues.auth_seq_id 
_pdbx_unobs_or_zero_occ_residues.PDB_ins_code 
_pdbx_unobs_or_zero_occ_residues.label_asym_id 
_pdbx_unobs_or_zero_occ_residues.label_comp_id 
_pdbx_unobs_or_zero_occ_residues.label_seq_id 
1 1 Y 1 A THR 35 ? A THR 1 
2 1 Y 1 A GLN 36 ? A GLN 2 
3 1 Y 1 A LYS 37 ? A LYS 3 
4 1 Y 1 B THR 35 ? B THR 1 
5 1 Y 1 B GLN 36 ? B GLN 2 
6 1 Y 1 B LYS 37 ? B LYS 3 
7 1 Y 1 C GLY 3  ? C GLY 3 
8 1 Y 1 D GLY 3  ? D GLY 3 
# 
loop_
_chem_comp_atom.comp_id 
_chem_comp_atom.atom_id 
_chem_comp_atom.type_symbol 
_chem_comp_atom.pdbx_aromatic_flag 
_chem_comp_atom.pdbx_stereo_config 
_chem_comp_atom.pdbx_ordinal 
ALA N    N  N N 1   
ALA CA   C  N S 2   
ALA C    C  N N 3   
ALA O    O  N N 4   
ALA CB   C  N N 5   
ALA OXT  O  N N 6   
ALA H    H  N N 7   
ALA H2   H  N N 8   
ALA HA   H  N N 9   
ALA HB1  H  N N 10  
ALA HB2  H  N N 11  
ALA HB3  H  N N 12  
ALA HXT  H  N N 13  
ARG N    N  N N 14  
ARG CA   C  N S 15  
ARG C    C  N N 16  
ARG O    O  N N 17  
ARG CB   C  N N 18  
ARG CG   C  N N 19  
ARG CD   C  N N 20  
ARG NE   N  N N 21  
ARG CZ   C  N N 22  
ARG NH1  N  N N 23  
ARG NH2  N  N N 24  
ARG OXT  O  N N 25  
ARG H    H  N N 26  
ARG H2   H  N N 27  
ARG HA   H  N N 28  
ARG HB2  H  N N 29  
ARG HB3  H  N N 30  
ARG HG2  H  N N 31  
ARG HG3  H  N N 32  
ARG HD2  H  N N 33  
ARG HD3  H  N N 34  
ARG HE   H  N N 35  
ARG HH11 H  N N 36  
ARG HH12 H  N N 37  
ARG HH21 H  N N 38  
ARG HH22 H  N N 39  
ARG HXT  H  N N 40  
ASN N    N  N N 41  
ASN CA   C  N S 42  
ASN C    C  N N 43  
ASN O    O  N N 44  
ASN CB   C  N N 45  
ASN CG   C  N N 46  
ASN OD1  O  N N 47  
ASN ND2  N  N N 48  
ASN OXT  O  N N 49  
ASN H    H  N N 50  
ASN H2   H  N N 51  
ASN HA   H  N N 52  
ASN HB2  H  N N 53  
ASN HB3  H  N N 54  
ASN HD21 H  N N 55  
ASN HD22 H  N N 56  
ASN HXT  H  N N 57  
ASP N    N  N N 58  
ASP CA   C  N S 59  
ASP C    C  N N 60  
ASP O    O  N N 61  
ASP CB   C  N N 62  
ASP CG   C  N N 63  
ASP OD1  O  N N 64  
ASP OD2  O  N N 65  
ASP OXT  O  N N 66  
ASP H    H  N N 67  
ASP H2   H  N N 68  
ASP HA   H  N N 69  
ASP HB2  H  N N 70  
ASP HB3  H  N N 71  
ASP HD2  H  N N 72  
ASP HXT  H  N N 73  
CYS N    N  N N 74  
CYS CA   C  N R 75  
CYS C    C  N N 76  
CYS O    O  N N 77  
CYS CB   C  N N 78  
CYS SG   S  N N 79  
CYS OXT  O  N N 80  
CYS H    H  N N 81  
CYS H2   H  N N 82  
CYS HA   H  N N 83  
CYS HB2  H  N N 84  
CYS HB3  H  N N 85  
CYS HG   H  N N 86  
CYS HXT  H  N N 87  
GLN N    N  N N 88  
GLN CA   C  N S 89  
GLN C    C  N N 90  
GLN O    O  N N 91  
GLN CB   C  N N 92  
GLN CG   C  N N 93  
GLN CD   C  N N 94  
GLN OE1  O  N N 95  
GLN NE2  N  N N 96  
GLN OXT  O  N N 97  
GLN H    H  N N 98  
GLN H2   H  N N 99  
GLN HA   H  N N 100 
GLN HB2  H  N N 101 
GLN HB3  H  N N 102 
GLN HG2  H  N N 103 
GLN HG3  H  N N 104 
GLN HE21 H  N N 105 
GLN HE22 H  N N 106 
GLN HXT  H  N N 107 
GLU N    N  N N 108 
GLU CA   C  N S 109 
GLU C    C  N N 110 
GLU O    O  N N 111 
GLU CB   C  N N 112 
GLU CG   C  N N 113 
GLU CD   C  N N 114 
GLU OE1  O  N N 115 
GLU OE2  O  N N 116 
GLU OXT  O  N N 117 
GLU H    H  N N 118 
GLU H2   H  N N 119 
GLU HA   H  N N 120 
GLU HB2  H  N N 121 
GLU HB3  H  N N 122 
GLU HG2  H  N N 123 
GLU HG3  H  N N 124 
GLU HE2  H  N N 125 
GLU HXT  H  N N 126 
GLY N    N  N N 127 
GLY CA   C  N N 128 
GLY C    C  N N 129 
GLY O    O  N N 130 
GLY OXT  O  N N 131 
GLY H    H  N N 132 
GLY H2   H  N N 133 
GLY HA2  H  N N 134 
GLY HA3  H  N N 135 
GLY HXT  H  N N 136 
HIS N    N  N N 137 
HIS CA   C  N S 138 
HIS C    C  N N 139 
HIS O    O  N N 140 
HIS CB   C  N N 141 
HIS CG   C  Y N 142 
HIS ND1  N  Y N 143 
HIS CD2  C  Y N 144 
HIS CE1  C  Y N 145 
HIS NE2  N  Y N 146 
HIS OXT  O  N N 147 
HIS H    H  N N 148 
HIS H2   H  N N 149 
HIS HA   H  N N 150 
HIS HB2  H  N N 151 
HIS HB3  H  N N 152 
HIS HD1  H  N N 153 
HIS HD2  H  N N 154 
HIS HE1  H  N N 155 
HIS HE2  H  N N 156 
HIS HXT  H  N N 157 
HOH O    O  N N 158 
HOH H1   H  N N 159 
HOH H2   H  N N 160 
ILE N    N  N N 161 
ILE CA   C  N S 162 
ILE C    C  N N 163 
ILE O    O  N N 164 
ILE CB   C  N S 165 
ILE CG1  C  N N 166 
ILE CG2  C  N N 167 
ILE CD1  C  N N 168 
ILE OXT  O  N N 169 
ILE H    H  N N 170 
ILE H2   H  N N 171 
ILE HA   H  N N 172 
ILE HB   H  N N 173 
ILE HG12 H  N N 174 
ILE HG13 H  N N 175 
ILE HG21 H  N N 176 
ILE HG22 H  N N 177 
ILE HG23 H  N N 178 
ILE HD11 H  N N 179 
ILE HD12 H  N N 180 
ILE HD13 H  N N 181 
ILE HXT  H  N N 182 
LEU N    N  N N 183 
LEU CA   C  N S 184 
LEU C    C  N N 185 
LEU O    O  N N 186 
LEU CB   C  N N 187 
LEU CG   C  N N 188 
LEU CD1  C  N N 189 
LEU CD2  C  N N 190 
LEU OXT  O  N N 191 
LEU H    H  N N 192 
LEU H2   H  N N 193 
LEU HA   H  N N 194 
LEU HB2  H  N N 195 
LEU HB3  H  N N 196 
LEU HG   H  N N 197 
LEU HD11 H  N N 198 
LEU HD12 H  N N 199 
LEU HD13 H  N N 200 
LEU HD21 H  N N 201 
LEU HD22 H  N N 202 
LEU HD23 H  N N 203 
LEU HXT  H  N N 204 
LYS N    N  N N 205 
LYS CA   C  N S 206 
LYS C    C  N N 207 
LYS O    O  N N 208 
LYS CB   C  N N 209 
LYS CG   C  N N 210 
LYS CD   C  N N 211 
LYS CE   C  N N 212 
LYS NZ   N  N N 213 
LYS OXT  O  N N 214 
LYS H    H  N N 215 
LYS H2   H  N N 216 
LYS HA   H  N N 217 
LYS HB2  H  N N 218 
LYS HB3  H  N N 219 
LYS HG2  H  N N 220 
LYS HG3  H  N N 221 
LYS HD2  H  N N 222 
LYS HD3  H  N N 223 
LYS HE2  H  N N 224 
LYS HE3  H  N N 225 
LYS HZ1  H  N N 226 
LYS HZ2  H  N N 227 
LYS HZ3  H  N N 228 
LYS HXT  H  N N 229 
MET N    N  N N 230 
MET CA   C  N S 231 
MET C    C  N N 232 
MET O    O  N N 233 
MET CB   C  N N 234 
MET CG   C  N N 235 
MET SD   S  N N 236 
MET CE   C  N N 237 
MET OXT  O  N N 238 
MET H    H  N N 239 
MET H2   H  N N 240 
MET HA   H  N N 241 
MET HB2  H  N N 242 
MET HB3  H  N N 243 
MET HG2  H  N N 244 
MET HG3  H  N N 245 
MET HE1  H  N N 246 
MET HE2  H  N N 247 
MET HE3  H  N N 248 
MET HXT  H  N N 249 
MG  MG   MG N N 250 
PHE N    N  N N 251 
PHE CA   C  N S 252 
PHE C    C  N N 253 
PHE O    O  N N 254 
PHE CB   C  N N 255 
PHE CG   C  Y N 256 
PHE CD1  C  Y N 257 
PHE CD2  C  Y N 258 
PHE CE1  C  Y N 259 
PHE CE2  C  Y N 260 
PHE CZ   C  Y N 261 
PHE OXT  O  N N 262 
PHE H    H  N N 263 
PHE H2   H  N N 264 
PHE HA   H  N N 265 
PHE HB2  H  N N 266 
PHE HB3  H  N N 267 
PHE HD1  H  N N 268 
PHE HD2  H  N N 269 
PHE HE1  H  N N 270 
PHE HE2  H  N N 271 
PHE HZ   H  N N 272 
PHE HXT  H  N N 273 
PRO N    N  N N 274 
PRO CA   C  N S 275 
PRO C    C  N N 276 
PRO O    O  N N 277 
PRO CB   C  N N 278 
PRO CG   C  N N 279 
PRO CD   C  N N 280 
PRO OXT  O  N N 281 
PRO H    H  N N 282 
PRO HA   H  N N 283 
PRO HB2  H  N N 284 
PRO HB3  H  N N 285 
PRO HG2  H  N N 286 
PRO HG3  H  N N 287 
PRO HD2  H  N N 288 
PRO HD3  H  N N 289 
PRO HXT  H  N N 290 
SER N    N  N N 291 
SER CA   C  N S 292 
SER C    C  N N 293 
SER O    O  N N 294 
SER CB   C  N N 295 
SER OG   O  N N 296 
SER OXT  O  N N 297 
SER H    H  N N 298 
SER H2   H  N N 299 
SER HA   H  N N 300 
SER HB2  H  N N 301 
SER HB3  H  N N 302 
SER HG   H  N N 303 
SER HXT  H  N N 304 
THR N    N  N N 305 
THR CA   C  N S 306 
THR C    C  N N 307 
THR O    O  N N 308 
THR CB   C  N R 309 
THR OG1  O  N N 310 
THR CG2  C  N N 311 
THR OXT  O  N N 312 
THR H    H  N N 313 
THR H2   H  N N 314 
THR HA   H  N N 315 
THR HB   H  N N 316 
THR HG1  H  N N 317 
THR HG21 H  N N 318 
THR HG22 H  N N 319 
THR HG23 H  N N 320 
THR HXT  H  N N 321 
TYR N    N  N N 322 
TYR CA   C  N S 323 
TYR C    C  N N 324 
TYR O    O  N N 325 
TYR CB   C  N N 326 
TYR CG   C  Y N 327 
TYR CD1  C  Y N 328 
TYR CD2  C  Y N 329 
TYR CE1  C  Y N 330 
TYR CE2  C  Y N 331 
TYR CZ   C  Y N 332 
TYR OH   O  N N 333 
TYR OXT  O  N N 334 
TYR H    H  N N 335 
TYR H2   H  N N 336 
TYR HA   H  N N 337 
TYR HB2  H  N N 338 
TYR HB3  H  N N 339 
TYR HD1  H  N N 340 
TYR HD2  H  N N 341 
TYR HE1  H  N N 342 
TYR HE2  H  N N 343 
TYR HH   H  N N 344 
TYR HXT  H  N N 345 
VAL N    N  N N 346 
VAL CA   C  N S 347 
VAL C    C  N N 348 
VAL O    O  N N 349 
VAL CB   C  N N 350 
VAL CG1  C  N N 351 
VAL CG2  C  N N 352 
VAL OXT  O  N N 353 
VAL H    H  N N 354 
VAL H2   H  N N 355 
VAL HA   H  N N 356 
VAL HB   H  N N 357 
VAL HG11 H  N N 358 
VAL HG12 H  N N 359 
VAL HG13 H  N N 360 
VAL HG21 H  N N 361 
VAL HG22 H  N N 362 
VAL HG23 H  N N 363 
VAL HXT  H  N N 364 
# 
loop_
_chem_comp_bond.comp_id 
_chem_comp_bond.atom_id_1 
_chem_comp_bond.atom_id_2 
_chem_comp_bond.value_order 
_chem_comp_bond.pdbx_aromatic_flag 
_chem_comp_bond.pdbx_stereo_config 
_chem_comp_bond.pdbx_ordinal 
ALA N   CA   sing N N 1   
ALA N   H    sing N N 2   
ALA N   H2   sing N N 3   
ALA CA  C    sing N N 4   
ALA CA  CB   sing N N 5   
ALA CA  HA   sing N N 6   
ALA C   O    doub N N 7   
ALA C   OXT  sing N N 8   
ALA CB  HB1  sing N N 9   
ALA CB  HB2  sing N N 10  
ALA CB  HB3  sing N N 11  
ALA OXT HXT  sing N N 12  
ARG N   CA   sing N N 13  
ARG N   H    sing N N 14  
ARG N   H2   sing N N 15  
ARG CA  C    sing N N 16  
ARG CA  CB   sing N N 17  
ARG CA  HA   sing N N 18  
ARG C   O    doub N N 19  
ARG C   OXT  sing N N 20  
ARG CB  CG   sing N N 21  
ARG CB  HB2  sing N N 22  
ARG CB  HB3  sing N N 23  
ARG CG  CD   sing N N 24  
ARG CG  HG2  sing N N 25  
ARG CG  HG3  sing N N 26  
ARG CD  NE   sing N N 27  
ARG CD  HD2  sing N N 28  
ARG CD  HD3  sing N N 29  
ARG NE  CZ   sing N N 30  
ARG NE  HE   sing N N 31  
ARG CZ  NH1  sing N N 32  
ARG CZ  NH2  doub N N 33  
ARG NH1 HH11 sing N N 34  
ARG NH1 HH12 sing N N 35  
ARG NH2 HH21 sing N N 36  
ARG NH2 HH22 sing N N 37  
ARG OXT HXT  sing N N 38  
ASN N   CA   sing N N 39  
ASN N   H    sing N N 40  
ASN N   H2   sing N N 41  
ASN CA  C    sing N N 42  
ASN CA  CB   sing N N 43  
ASN CA  HA   sing N N 44  
ASN C   O    doub N N 45  
ASN C   OXT  sing N N 46  
ASN CB  CG   sing N N 47  
ASN CB  HB2  sing N N 48  
ASN CB  HB3  sing N N 49  
ASN CG  OD1  doub N N 50  
ASN CG  ND2  sing N N 51  
ASN ND2 HD21 sing N N 52  
ASN ND2 HD22 sing N N 53  
ASN OXT HXT  sing N N 54  
ASP N   CA   sing N N 55  
ASP N   H    sing N N 56  
ASP N   H2   sing N N 57  
ASP CA  C    sing N N 58  
ASP CA  CB   sing N N 59  
ASP CA  HA   sing N N 60  
ASP C   O    doub N N 61  
ASP C   OXT  sing N N 62  
ASP CB  CG   sing N N 63  
ASP CB  HB2  sing N N 64  
ASP CB  HB3  sing N N 65  
ASP CG  OD1  doub N N 66  
ASP CG  OD2  sing N N 67  
ASP OD2 HD2  sing N N 68  
ASP OXT HXT  sing N N 69  
CYS N   CA   sing N N 70  
CYS N   H    sing N N 71  
CYS N   H2   sing N N 72  
CYS CA  C    sing N N 73  
CYS CA  CB   sing N N 74  
CYS CA  HA   sing N N 75  
CYS C   O    doub N N 76  
CYS C   OXT  sing N N 77  
CYS CB  SG   sing N N 78  
CYS CB  HB2  sing N N 79  
CYS CB  HB3  sing N N 80  
CYS SG  HG   sing N N 81  
CYS OXT HXT  sing N N 82  
GLN N   CA   sing N N 83  
GLN N   H    sing N N 84  
GLN N   H2   sing N N 85  
GLN CA  C    sing N N 86  
GLN CA  CB   sing N N 87  
GLN CA  HA   sing N N 88  
GLN C   O    doub N N 89  
GLN C   OXT  sing N N 90  
GLN CB  CG   sing N N 91  
GLN CB  HB2  sing N N 92  
GLN CB  HB3  sing N N 93  
GLN CG  CD   sing N N 94  
GLN CG  HG2  sing N N 95  
GLN CG  HG3  sing N N 96  
GLN CD  OE1  doub N N 97  
GLN CD  NE2  sing N N 98  
GLN NE2 HE21 sing N N 99  
GLN NE2 HE22 sing N N 100 
GLN OXT HXT  sing N N 101 
GLU N   CA   sing N N 102 
GLU N   H    sing N N 103 
GLU N   H2   sing N N 104 
GLU CA  C    sing N N 105 
GLU CA  CB   sing N N 106 
GLU CA  HA   sing N N 107 
GLU C   O    doub N N 108 
GLU C   OXT  sing N N 109 
GLU CB  CG   sing N N 110 
GLU CB  HB2  sing N N 111 
GLU CB  HB3  sing N N 112 
GLU CG  CD   sing N N 113 
GLU CG  HG2  sing N N 114 
GLU CG  HG3  sing N N 115 
GLU CD  OE1  doub N N 116 
GLU CD  OE2  sing N N 117 
GLU OE2 HE2  sing N N 118 
GLU OXT HXT  sing N N 119 
GLY N   CA   sing N N 120 
GLY N   H    sing N N 121 
GLY N   H2   sing N N 122 
GLY CA  C    sing N N 123 
GLY CA  HA2  sing N N 124 
GLY CA  HA3  sing N N 125 
GLY C   O    doub N N 126 
GLY C   OXT  sing N N 127 
GLY OXT HXT  sing N N 128 
HIS N   CA   sing N N 129 
HIS N   H    sing N N 130 
HIS N   H2   sing N N 131 
HIS CA  C    sing N N 132 
HIS CA  CB   sing N N 133 
HIS CA  HA   sing N N 134 
HIS C   O    doub N N 135 
HIS C   OXT  sing N N 136 
HIS CB  CG   sing N N 137 
HIS CB  HB2  sing N N 138 
HIS CB  HB3  sing N N 139 
HIS CG  ND1  sing Y N 140 
HIS CG  CD2  doub Y N 141 
HIS ND1 CE1  doub Y N 142 
HIS ND1 HD1  sing N N 143 
HIS CD2 NE2  sing Y N 144 
HIS CD2 HD2  sing N N 145 
HIS CE1 NE2  sing Y N 146 
HIS CE1 HE1  sing N N 147 
HIS NE2 HE2  sing N N 148 
HIS OXT HXT  sing N N 149 
HOH O   H1   sing N N 150 
HOH O   H2   sing N N 151 
ILE N   CA   sing N N 152 
ILE N   H    sing N N 153 
ILE N   H2   sing N N 154 
ILE CA  C    sing N N 155 
ILE CA  CB   sing N N 156 
ILE CA  HA   sing N N 157 
ILE C   O    doub N N 158 
ILE C   OXT  sing N N 159 
ILE CB  CG1  sing N N 160 
ILE CB  CG2  sing N N 161 
ILE CB  HB   sing N N 162 
ILE CG1 CD1  sing N N 163 
ILE CG1 HG12 sing N N 164 
ILE CG1 HG13 sing N N 165 
ILE CG2 HG21 sing N N 166 
ILE CG2 HG22 sing N N 167 
ILE CG2 HG23 sing N N 168 
ILE CD1 HD11 sing N N 169 
ILE CD1 HD12 sing N N 170 
ILE CD1 HD13 sing N N 171 
ILE OXT HXT  sing N N 172 
LEU N   CA   sing N N 173 
LEU N   H    sing N N 174 
LEU N   H2   sing N N 175 
LEU CA  C    sing N N 176 
LEU CA  CB   sing N N 177 
LEU CA  HA   sing N N 178 
LEU C   O    doub N N 179 
LEU C   OXT  sing N N 180 
LEU CB  CG   sing N N 181 
LEU CB  HB2  sing N N 182 
LEU CB  HB3  sing N N 183 
LEU CG  CD1  sing N N 184 
LEU CG  CD2  sing N N 185 
LEU CG  HG   sing N N 186 
LEU CD1 HD11 sing N N 187 
LEU CD1 HD12 sing N N 188 
LEU CD1 HD13 sing N N 189 
LEU CD2 HD21 sing N N 190 
LEU CD2 HD22 sing N N 191 
LEU CD2 HD23 sing N N 192 
LEU OXT HXT  sing N N 193 
LYS N   CA   sing N N 194 
LYS N   H    sing N N 195 
LYS N   H2   sing N N 196 
LYS CA  C    sing N N 197 
LYS CA  CB   sing N N 198 
LYS CA  HA   sing N N 199 
LYS C   O    doub N N 200 
LYS C   OXT  sing N N 201 
LYS CB  CG   sing N N 202 
LYS CB  HB2  sing N N 203 
LYS CB  HB3  sing N N 204 
LYS CG  CD   sing N N 205 
LYS CG  HG2  sing N N 206 
LYS CG  HG3  sing N N 207 
LYS CD  CE   sing N N 208 
LYS CD  HD2  sing N N 209 
LYS CD  HD3  sing N N 210 
LYS CE  NZ   sing N N 211 
LYS CE  HE2  sing N N 212 
LYS CE  HE3  sing N N 213 
LYS NZ  HZ1  sing N N 214 
LYS NZ  HZ2  sing N N 215 
LYS NZ  HZ3  sing N N 216 
LYS OXT HXT  sing N N 217 
MET N   CA   sing N N 218 
MET N   H    sing N N 219 
MET N   H2   sing N N 220 
MET CA  C    sing N N 221 
MET CA  CB   sing N N 222 
MET CA  HA   sing N N 223 
MET C   O    doub N N 224 
MET C   OXT  sing N N 225 
MET CB  CG   sing N N 226 
MET CB  HB2  sing N N 227 
MET CB  HB3  sing N N 228 
MET CG  SD   sing N N 229 
MET CG  HG2  sing N N 230 
MET CG  HG3  sing N N 231 
MET SD  CE   sing N N 232 
MET CE  HE1  sing N N 233 
MET CE  HE2  sing N N 234 
MET CE  HE3  sing N N 235 
MET OXT HXT  sing N N 236 
PHE N   CA   sing N N 237 
PHE N   H    sing N N 238 
PHE N   H2   sing N N 239 
PHE CA  C    sing N N 240 
PHE CA  CB   sing N N 241 
PHE CA  HA   sing N N 242 
PHE C   O    doub N N 243 
PHE C   OXT  sing N N 244 
PHE CB  CG   sing N N 245 
PHE CB  HB2  sing N N 246 
PHE CB  HB3  sing N N 247 
PHE CG  CD1  doub Y N 248 
PHE CG  CD2  sing Y N 249 
PHE CD1 CE1  sing Y N 250 
PHE CD1 HD1  sing N N 251 
PHE CD2 CE2  doub Y N 252 
PHE CD2 HD2  sing N N 253 
PHE CE1 CZ   doub Y N 254 
PHE CE1 HE1  sing N N 255 
PHE CE2 CZ   sing Y N 256 
PHE CE2 HE2  sing N N 257 
PHE CZ  HZ   sing N N 258 
PHE OXT HXT  sing N N 259 
PRO N   CA   sing N N 260 
PRO N   CD   sing N N 261 
PRO N   H    sing N N 262 
PRO CA  C    sing N N 263 
PRO CA  CB   sing N N 264 
PRO CA  HA   sing N N 265 
PRO C   O    doub N N 266 
PRO C   OXT  sing N N 267 
PRO CB  CG   sing N N 268 
PRO CB  HB2  sing N N 269 
PRO CB  HB3  sing N N 270 
PRO CG  CD   sing N N 271 
PRO CG  HG2  sing N N 272 
PRO CG  HG3  sing N N 273 
PRO CD  HD2  sing N N 274 
PRO CD  HD3  sing N N 275 
PRO OXT HXT  sing N N 276 
SER N   CA   sing N N 277 
SER N   H    sing N N 278 
SER N   H2   sing N N 279 
SER CA  C    sing N N 280 
SER CA  CB   sing N N 281 
SER CA  HA   sing N N 282 
SER C   O    doub N N 283 
SER C   OXT  sing N N 284 
SER CB  OG   sing N N 285 
SER CB  HB2  sing N N 286 
SER CB  HB3  sing N N 287 
SER OG  HG   sing N N 288 
SER OXT HXT  sing N N 289 
THR N   CA   sing N N 290 
THR N   H    sing N N 291 
THR N   H2   sing N N 292 
THR CA  C    sing N N 293 
THR CA  CB   sing N N 294 
THR CA  HA   sing N N 295 
THR C   O    doub N N 296 
THR C   OXT  sing N N 297 
THR CB  OG1  sing N N 298 
THR CB  CG2  sing N N 299 
THR CB  HB   sing N N 300 
THR OG1 HG1  sing N N 301 
THR CG2 HG21 sing N N 302 
THR CG2 HG22 sing N N 303 
THR CG2 HG23 sing N N 304 
THR OXT HXT  sing N N 305 
TYR N   CA   sing N N 306 
TYR N   H    sing N N 307 
TYR N   H2   sing N N 308 
TYR CA  C    sing N N 309 
TYR CA  CB   sing N N 310 
TYR CA  HA   sing N N 311 
TYR C   O    doub N N 312 
TYR C   OXT  sing N N 313 
TYR CB  CG   sing N N 314 
TYR CB  HB2  sing N N 315 
TYR CB  HB3  sing N N 316 
TYR CG  CD1  doub Y N 317 
TYR CG  CD2  sing Y N 318 
TYR CD1 CE1  sing Y N 319 
TYR CD1 HD1  sing N N 320 
TYR CD2 CE2  doub Y N 321 
TYR CD2 HD2  sing N N 322 
TYR CE1 CZ   doub Y N 323 
TYR CE1 HE1  sing N N 324 
TYR CE2 CZ   sing Y N 325 
TYR CE2 HE2  sing N N 326 
TYR CZ  OH   sing N N 327 
TYR OH  HH   sing N N 328 
TYR OXT HXT  sing N N 329 
VAL N   CA   sing N N 330 
VAL N   H    sing N N 331 
VAL N   H2   sing N N 332 
VAL CA  C    sing N N 333 
VAL CA  CB   sing N N 334 
VAL CA  HA   sing N N 335 
VAL C   O    doub N N 336 
VAL C   OXT  sing N N 337 
VAL CB  CG1  sing N N 338 
VAL CB  CG2  sing N N 339 
VAL CB  HB   sing N N 340 
VAL CG1 HG11 sing N N 341 
VAL CG1 HG12 sing N N 342 
VAL CG1 HG13 sing N N 343 
VAL CG2 HG21 sing N N 344 
VAL CG2 HG22 sing N N 345 
VAL CG2 HG23 sing N N 346 
VAL OXT HXT  sing N N 347 
# 
loop_
_pdbx_entity_nonpoly.entity_id 
_pdbx_entity_nonpoly.name 
_pdbx_entity_nonpoly.comp_id 
3 'MAGNESIUM ION' MG  
4 water           HOH 
# 
_pdbx_initial_refinement_model.id               1 
_pdbx_initial_refinement_model.entity_id_list   ? 
_pdbx_initial_refinement_model.type             'experimental model' 
_pdbx_initial_refinement_model.source_name      PDB 
_pdbx_initial_refinement_model.accession_code   3DNJ 
_pdbx_initial_refinement_model.details          ? 
# 
